data_6US4
# 
_entry.id   6US4 
# 
_audit_conform.dict_name       mmcif_pdbx.dic 
_audit_conform.dict_version    5.380 
_audit_conform.dict_location   http://mmcif.pdb.org/dictionaries/ascii/mmcif_pdbx.dic 
# 
loop_
_database_2.database_id 
_database_2.database_code 
_database_2.pdbx_database_accession 
_database_2.pdbx_DOI 
PDB   6US4         pdb_00006us4 10.2210/pdb6us4/pdb 
WWPDB D_1000245106 ?            ?                   
# 
_pdbx_database_status.status_code                     REL 
_pdbx_database_status.status_code_sf                  REL 
_pdbx_database_status.status_code_mr                  ? 
_pdbx_database_status.entry_id                        6US4 
_pdbx_database_status.recvd_initial_deposition_date   2019-10-24 
_pdbx_database_status.SG_entry                        N 
_pdbx_database_status.deposit_site                    RCSB 
_pdbx_database_status.process_site                    RCSB 
_pdbx_database_status.status_code_cs                  ? 
_pdbx_database_status.methods_development_category    ? 
_pdbx_database_status.pdb_format_compatible           Y 
_pdbx_database_status.status_code_nmr_data            ? 
# 
loop_
_audit_author.name 
_audit_author.pdbx_ordinal 
_audit_author.identifier_ORCID 
'Newby, Z.E.R.' 1 ? 
'Lansdon, E.B.' 2 ? 
# 
_citation.abstract                  ? 
_citation.abstract_id_CAS           ? 
_citation.book_id_ISBN              ? 
_citation.book_publisher            ? 
_citation.book_publisher_city       ? 
_citation.book_title                ? 
_citation.coordinate_linkage        ? 
_citation.country                   US 
_citation.database_id_Medline       ? 
_citation.details                   ? 
_citation.id                        primary 
_citation.journal_abbrev            'Acs Med.Chem.Lett.' 
_citation.journal_id_ASTM           ? 
_citation.journal_id_CSD            ? 
_citation.journal_id_ISSN           1948-5875 
_citation.journal_full              ? 
_citation.journal_issue             ? 
_citation.journal_volume            11 
_citation.language                  ? 
_citation.page_first                358 
_citation.page_last                 364 
_citation.title                     
'Discovery of Potent and Selective MTH1 Inhibitors for Oncology: Enabling Rapid Target (In)Validation.' 
_citation.year                      2020 
_citation.database_id_CSD           ? 
_citation.pdbx_database_id_DOI      10.1021/acsmedchemlett.9b00420 
_citation.pdbx_database_id_PubMed   32184970 
_citation.unpublished_flag          ? 
# 
loop_
_citation_author.citation_id 
_citation_author.name 
_citation_author.ordinal 
_citation_author.identifier_ORCID 
primary 'Farand, J.'               1  ? 
primary 'Kropf, J.E.'              2  ? 
primary 'Blomgren, P.'             3  ? 
primary 'Xu, J.'                   4  ? 
primary 'Schmitt, A.C.'            5  ? 
primary 'Newby, Z.E.'              6  ? 
primary 'Wang, T.'                 7  ? 
primary 'Murakami, E.'             8  ? 
primary 'Barauskas, O.'            9  ? 
primary 'Sudhamsu, J.'             10 ? 
primary 'Feng, J.Y.'               11 ? 
primary 'Niedziela-Majka, A.'      12 ? 
primary 'Schultz, B.E.'            13 ? 
primary 'Schwartz, K.'             14 ? 
primary 'Viatchenko-Karpinski, S.' 15 ? 
primary 'Kornyeyev, D.'            16 ? 
primary 'Kashishian, A.'           17 ? 
primary 'Fan, P.'                  18 ? 
primary 'Chen, X.'                 19 ? 
primary 'Lansdon, E.B.'            20 ? 
primary 'Ports, M.O.'              21 ? 
primary 'Currie, K.S.'             22 ? 
primary 'Watkins, W.J.'            23 ? 
primary 'Notte, G.T.'              24 ? 
# 
_cell.angle_alpha                  90.0 
_cell.angle_alpha_esd              ? 
_cell.angle_beta                   90.0 
_cell.angle_beta_esd               ? 
_cell.angle_gamma                  90.0 
_cell.angle_gamma_esd              ? 
_cell.entry_id                     6US4 
_cell.details                      ? 
_cell.formula_units_Z              ? 
_cell.length_a                     36.235 
_cell.length_a_esd                 ? 
_cell.length_b                     60.365 
_cell.length_b_esd                 ? 
_cell.length_c                     66.286 
_cell.length_c_esd                 ? 
_cell.volume                       144989.076322 
_cell.volume_esd                   ? 
_cell.Z_PDB                        4 
_cell.reciprocal_angle_alpha       ? 
_cell.reciprocal_angle_beta        ? 
_cell.reciprocal_angle_gamma       ? 
_cell.reciprocal_angle_alpha_esd   ? 
_cell.reciprocal_angle_beta_esd    ? 
_cell.reciprocal_angle_gamma_esd   ? 
_cell.reciprocal_length_a          ? 
_cell.reciprocal_length_b          ? 
_cell.reciprocal_length_c          ? 
_cell.reciprocal_length_a_esd      ? 
_cell.reciprocal_length_b_esd      ? 
_cell.reciprocal_length_c_esd      ? 
_cell.pdbx_unique_axis             ? 
# 
_symmetry.entry_id                         6US4 
_symmetry.cell_setting                     ? 
_symmetry.Int_Tables_number                18 
_symmetry.space_group_name_Hall            'P 2 2ab (z,x,y)' 
_symmetry.space_group_name_H-M             'P 2 21 21' 
_symmetry.pdbx_full_space_group_name_H-M   ? 
# 
loop_
_entity.id 
_entity.type 
_entity.src_method 
_entity.pdbx_description 
_entity.formula_weight 
_entity.pdbx_number_of_molecules 
_entity.pdbx_ec 
_entity.pdbx_mutation 
_entity.pdbx_fragment 
_entity.details 
1 polymer     man '7,8-dihydro-8-oxoguanine triphosphatase'                     18253.736 1  3.6.1.55,3.6.1.56 ? ? ? 
2 non-polymer syn '5-(2,3-dichlorophenyl)[1,2,4]triazolo[1,5-a]pyridin-2-amine' 279.125   1  ?                 ? ? ? 
3 water       nat water                                                         18.015    76 ?                 ? ? ? 
# 
_entity_name_com.entity_id   1 
_entity_name_com.name        
'2-hydroxy-dATP diphosphatase,8-oxo-dGTPase,Nucleoside diphosphate-linked moiety X motif 1,Nudix motif 1' 
# 
_entity_poly.entity_id                      1 
_entity_poly.type                           'polypeptide(L)' 
_entity_poly.nstd_linkage                   no 
_entity_poly.nstd_monomer                   no 
_entity_poly.pdbx_seq_one_letter_code       
;GSHMGASRLYTLVLVLQPQRVLLGMKKRGFGAGRWNGFGGKVQEGETIEDGARRELQEESGLTVDALHKVGQIVFEFVGE
PELMDVHVFCTDSIQGTPVESDEMRPCWFQLDQIPFKDMWPDDSYWFPLLLQKKKFHGYFKFQGQDTILDYTLREVDTV
;
_entity_poly.pdbx_seq_one_letter_code_can   
;GSHMGASRLYTLVLVLQPQRVLLGMKKRGFGAGRWNGFGGKVQEGETIEDGARRELQEESGLTVDALHKVGQIVFEFVGE
PELMDVHVFCTDSIQGTPVESDEMRPCWFQLDQIPFKDMWPDDSYWFPLLLQKKKFHGYFKFQGQDTILDYTLREVDTV
;
_entity_poly.pdbx_strand_id                 A 
_entity_poly.pdbx_target_identifier         ? 
# 
loop_
_entity_poly_seq.entity_id 
_entity_poly_seq.num 
_entity_poly_seq.mon_id 
_entity_poly_seq.hetero 
1 1   GLY n 
1 2   SER n 
1 3   HIS n 
1 4   MET n 
1 5   GLY n 
1 6   ALA n 
1 7   SER n 
1 8   ARG n 
1 9   LEU n 
1 10  TYR n 
1 11  THR n 
1 12  LEU n 
1 13  VAL n 
1 14  LEU n 
1 15  VAL n 
1 16  LEU n 
1 17  GLN n 
1 18  PRO n 
1 19  GLN n 
1 20  ARG n 
1 21  VAL n 
1 22  LEU n 
1 23  LEU n 
1 24  GLY n 
1 25  MET n 
1 26  LYS n 
1 27  LYS n 
1 28  ARG n 
1 29  GLY n 
1 30  PHE n 
1 31  GLY n 
1 32  ALA n 
1 33  GLY n 
1 34  ARG n 
1 35  TRP n 
1 36  ASN n 
1 37  GLY n 
1 38  PHE n 
1 39  GLY n 
1 40  GLY n 
1 41  LYS n 
1 42  VAL n 
1 43  GLN n 
1 44  GLU n 
1 45  GLY n 
1 46  GLU n 
1 47  THR n 
1 48  ILE n 
1 49  GLU n 
1 50  ASP n 
1 51  GLY n 
1 52  ALA n 
1 53  ARG n 
1 54  ARG n 
1 55  GLU n 
1 56  LEU n 
1 57  GLN n 
1 58  GLU n 
1 59  GLU n 
1 60  SER n 
1 61  GLY n 
1 62  LEU n 
1 63  THR n 
1 64  VAL n 
1 65  ASP n 
1 66  ALA n 
1 67  LEU n 
1 68  HIS n 
1 69  LYS n 
1 70  VAL n 
1 71  GLY n 
1 72  GLN n 
1 73  ILE n 
1 74  VAL n 
1 75  PHE n 
1 76  GLU n 
1 77  PHE n 
1 78  VAL n 
1 79  GLY n 
1 80  GLU n 
1 81  PRO n 
1 82  GLU n 
1 83  LEU n 
1 84  MET n 
1 85  ASP n 
1 86  VAL n 
1 87  HIS n 
1 88  VAL n 
1 89  PHE n 
1 90  CYS n 
1 91  THR n 
1 92  ASP n 
1 93  SER n 
1 94  ILE n 
1 95  GLN n 
1 96  GLY n 
1 97  THR n 
1 98  PRO n 
1 99  VAL n 
1 100 GLU n 
1 101 SER n 
1 102 ASP n 
1 103 GLU n 
1 104 MET n 
1 105 ARG n 
1 106 PRO n 
1 107 CYS n 
1 108 TRP n 
1 109 PHE n 
1 110 GLN n 
1 111 LEU n 
1 112 ASP n 
1 113 GLN n 
1 114 ILE n 
1 115 PRO n 
1 116 PHE n 
1 117 LYS n 
1 118 ASP n 
1 119 MET n 
1 120 TRP n 
1 121 PRO n 
1 122 ASP n 
1 123 ASP n 
1 124 SER n 
1 125 TYR n 
1 126 TRP n 
1 127 PHE n 
1 128 PRO n 
1 129 LEU n 
1 130 LEU n 
1 131 LEU n 
1 132 GLN n 
1 133 LYS n 
1 134 LYS n 
1 135 LYS n 
1 136 PHE n 
1 137 HIS n 
1 138 GLY n 
1 139 TYR n 
1 140 PHE n 
1 141 LYS n 
1 142 PHE n 
1 143 GLN n 
1 144 GLY n 
1 145 GLN n 
1 146 ASP n 
1 147 THR n 
1 148 ILE n 
1 149 LEU n 
1 150 ASP n 
1 151 TYR n 
1 152 THR n 
1 153 LEU n 
1 154 ARG n 
1 155 GLU n 
1 156 VAL n 
1 157 ASP n 
1 158 THR n 
1 159 VAL n 
# 
_entity_src_gen.entity_id                          1 
_entity_src_gen.pdbx_src_id                        1 
_entity_src_gen.pdbx_alt_source_flag               sample 
_entity_src_gen.pdbx_seq_type                      'Biological sequence' 
_entity_src_gen.pdbx_beg_seq_num                   1 
_entity_src_gen.pdbx_end_seq_num                   159 
_entity_src_gen.gene_src_common_name               Human 
_entity_src_gen.gene_src_genus                     ? 
_entity_src_gen.pdbx_gene_src_gene                 'NUDT1, MTH1' 
_entity_src_gen.gene_src_species                   ? 
_entity_src_gen.gene_src_strain                    ? 
_entity_src_gen.gene_src_tissue                    ? 
_entity_src_gen.gene_src_tissue_fraction           ? 
_entity_src_gen.gene_src_details                   ? 
_entity_src_gen.pdbx_gene_src_fragment             ? 
_entity_src_gen.pdbx_gene_src_scientific_name      'Homo sapiens' 
_entity_src_gen.pdbx_gene_src_ncbi_taxonomy_id     9606 
_entity_src_gen.pdbx_gene_src_variant              ? 
_entity_src_gen.pdbx_gene_src_cell_line            ? 
_entity_src_gen.pdbx_gene_src_atcc                 ? 
_entity_src_gen.pdbx_gene_src_organ                ? 
_entity_src_gen.pdbx_gene_src_organelle            ? 
_entity_src_gen.pdbx_gene_src_cell                 ? 
_entity_src_gen.pdbx_gene_src_cellular_location    ? 
_entity_src_gen.host_org_common_name               ? 
_entity_src_gen.pdbx_host_org_scientific_name      'Escherichia coli' 
_entity_src_gen.pdbx_host_org_ncbi_taxonomy_id     562 
_entity_src_gen.host_org_genus                     ? 
_entity_src_gen.pdbx_host_org_gene                 ? 
_entity_src_gen.pdbx_host_org_organ                ? 
_entity_src_gen.host_org_species                   ? 
_entity_src_gen.pdbx_host_org_tissue               ? 
_entity_src_gen.pdbx_host_org_tissue_fraction      ? 
_entity_src_gen.pdbx_host_org_strain               ? 
_entity_src_gen.pdbx_host_org_variant              ? 
_entity_src_gen.pdbx_host_org_cell_line            ? 
_entity_src_gen.pdbx_host_org_atcc                 ? 
_entity_src_gen.pdbx_host_org_culture_collection   ? 
_entity_src_gen.pdbx_host_org_cell                 ? 
_entity_src_gen.pdbx_host_org_organelle            ? 
_entity_src_gen.pdbx_host_org_cellular_location    ? 
_entity_src_gen.pdbx_host_org_vector_type          ? 
_entity_src_gen.pdbx_host_org_vector               ? 
_entity_src_gen.host_org_details                   ? 
_entity_src_gen.expression_system_id               ? 
_entity_src_gen.plasmid_name                       ? 
_entity_src_gen.plasmid_details                    ? 
_entity_src_gen.pdbx_description                   ? 
# 
_struct_ref.id                         1 
_struct_ref.db_name                    UNP 
_struct_ref.db_code                    8ODP_HUMAN 
_struct_ref.pdbx_db_accession          P36639 
_struct_ref.pdbx_db_isoform            ? 
_struct_ref.entity_id                  1 
_struct_ref.pdbx_seq_one_letter_code   
;MGASRLYTLVLVLQPQRVLLGMKKRGFGAGRWNGFGGKVQEGETIEDGARRELQEESGLTVDALHKVGQIVFEFVGEPEL
MDVHVFCTDSIQGTPVESDEMRPCWFQLDQIPFKDMWPDDSYWFPLLLQKKKFHGYFKFQGQDTILDYTLREVDTV
;
_struct_ref.pdbx_align_begin           42 
# 
_struct_ref_seq.align_id                      1 
_struct_ref_seq.ref_id                        1 
_struct_ref_seq.pdbx_PDB_id_code              6US4 
_struct_ref_seq.pdbx_strand_id                A 
_struct_ref_seq.seq_align_beg                 4 
_struct_ref_seq.pdbx_seq_align_beg_ins_code   ? 
_struct_ref_seq.seq_align_end                 159 
_struct_ref_seq.pdbx_seq_align_end_ins_code   ? 
_struct_ref_seq.pdbx_db_accession             P36639 
_struct_ref_seq.db_align_beg                  42 
_struct_ref_seq.pdbx_db_align_beg_ins_code    ? 
_struct_ref_seq.db_align_end                  197 
_struct_ref_seq.pdbx_db_align_end_ins_code    ? 
_struct_ref_seq.pdbx_auth_seq_align_beg       1 
_struct_ref_seq.pdbx_auth_seq_align_end       156 
# 
loop_
_struct_ref_seq_dif.align_id 
_struct_ref_seq_dif.pdbx_pdb_id_code 
_struct_ref_seq_dif.mon_id 
_struct_ref_seq_dif.pdbx_pdb_strand_id 
_struct_ref_seq_dif.seq_num 
_struct_ref_seq_dif.pdbx_pdb_ins_code 
_struct_ref_seq_dif.pdbx_seq_db_name 
_struct_ref_seq_dif.pdbx_seq_db_accession_code 
_struct_ref_seq_dif.db_mon_id 
_struct_ref_seq_dif.pdbx_seq_db_seq_num 
_struct_ref_seq_dif.details 
_struct_ref_seq_dif.pdbx_auth_seq_num 
_struct_ref_seq_dif.pdbx_ordinal 
1 6US4 GLY A 1 ? UNP P36639 ? ? 'expression tag' -2 1 
1 6US4 SER A 2 ? UNP P36639 ? ? 'expression tag' -1 2 
1 6US4 HIS A 3 ? UNP P36639 ? ? 'expression tag' 0  3 
# 
loop_
_chem_comp.id 
_chem_comp.type 
_chem_comp.mon_nstd_flag 
_chem_comp.name 
_chem_comp.pdbx_synonyms 
_chem_comp.formula 
_chem_comp.formula_weight 
ALA 'L-peptide linking' y ALANINE                                                       ? 'C3 H7 N O2'     89.093  
ARG 'L-peptide linking' y ARGININE                                                      ? 'C6 H15 N4 O2 1' 175.209 
ASN 'L-peptide linking' y ASPARAGINE                                                    ? 'C4 H8 N2 O3'    132.118 
ASP 'L-peptide linking' y 'ASPARTIC ACID'                                               ? 'C4 H7 N O4'     133.103 
CYS 'L-peptide linking' y CYSTEINE                                                      ? 'C3 H7 N O2 S'   121.158 
GLN 'L-peptide linking' y GLUTAMINE                                                     ? 'C5 H10 N2 O3'   146.144 
GLU 'L-peptide linking' y 'GLUTAMIC ACID'                                               ? 'C5 H9 N O4'     147.129 
GLY 'peptide linking'   y GLYCINE                                                       ? 'C2 H5 N O2'     75.067  
GN6 non-polymer         . '5-(2,3-dichlorophenyl)[1,2,4]triazolo[1,5-a]pyridin-2-amine' ? 'C12 H8 Cl2 N4'  279.125 
HIS 'L-peptide linking' y HISTIDINE                                                     ? 'C6 H10 N3 O2 1' 156.162 
HOH non-polymer         . WATER                                                         ? 'H2 O'           18.015  
ILE 'L-peptide linking' y ISOLEUCINE                                                    ? 'C6 H13 N O2'    131.173 
LEU 'L-peptide linking' y LEUCINE                                                       ? 'C6 H13 N O2'    131.173 
LYS 'L-peptide linking' y LYSINE                                                        ? 'C6 H15 N2 O2 1' 147.195 
MET 'L-peptide linking' y METHIONINE                                                    ? 'C5 H11 N O2 S'  149.211 
PHE 'L-peptide linking' y PHENYLALANINE                                                 ? 'C9 H11 N O2'    165.189 
PRO 'L-peptide linking' y PROLINE                                                       ? 'C5 H9 N O2'     115.130 
SER 'L-peptide linking' y SERINE                                                        ? 'C3 H7 N O3'     105.093 
THR 'L-peptide linking' y THREONINE                                                     ? 'C4 H9 N O3'     119.119 
TRP 'L-peptide linking' y TRYPTOPHAN                                                    ? 'C11 H12 N2 O2'  204.225 
TYR 'L-peptide linking' y TYROSINE                                                      ? 'C9 H11 N O3'    181.189 
VAL 'L-peptide linking' y VALINE                                                        ? 'C5 H11 N O2'    117.146 
# 
_exptl.absorpt_coefficient_mu     ? 
_exptl.absorpt_correction_T_max   ? 
_exptl.absorpt_correction_T_min   ? 
_exptl.absorpt_correction_type    ? 
_exptl.absorpt_process_details    ? 
_exptl.entry_id                   6US4 
_exptl.crystals_number            1 
_exptl.details                    ? 
_exptl.method                     'X-RAY DIFFRACTION' 
_exptl.method_details             ? 
# 
_exptl_crystal.colour                      ? 
_exptl_crystal.density_diffrn              ? 
_exptl_crystal.density_Matthews            1.99 
_exptl_crystal.density_method              ? 
_exptl_crystal.density_percent_sol         38.06 
_exptl_crystal.description                 ? 
_exptl_crystal.F_000                       ? 
_exptl_crystal.id                          1 
_exptl_crystal.preparation                 ? 
_exptl_crystal.size_max                    ? 
_exptl_crystal.size_mid                    ? 
_exptl_crystal.size_min                    ? 
_exptl_crystal.size_rad                    ? 
_exptl_crystal.colour_lustre               ? 
_exptl_crystal.colour_modifier             ? 
_exptl_crystal.colour_primary              ? 
_exptl_crystal.density_meas                ? 
_exptl_crystal.density_meas_esd            ? 
_exptl_crystal.density_meas_gt             ? 
_exptl_crystal.density_meas_lt             ? 
_exptl_crystal.density_meas_temp           ? 
_exptl_crystal.density_meas_temp_esd       ? 
_exptl_crystal.density_meas_temp_gt        ? 
_exptl_crystal.density_meas_temp_lt        ? 
_exptl_crystal.pdbx_crystal_image_url      ? 
_exptl_crystal.pdbx_crystal_image_format   ? 
_exptl_crystal.pdbx_mosaicity              ? 
_exptl_crystal.pdbx_mosaicity_esd          ? 
# 
_exptl_crystal_grow.apparatus       ? 
_exptl_crystal_grow.atmosphere      ? 
_exptl_crystal_grow.crystal_id      1 
_exptl_crystal_grow.details         ? 
_exptl_crystal_grow.method          'VAPOR DIFFUSION, HANGING DROP' 
_exptl_crystal_grow.method_ref      ? 
_exptl_crystal_grow.pH              ? 
_exptl_crystal_grow.pressure        ? 
_exptl_crystal_grow.pressure_esd    ? 
_exptl_crystal_grow.seeding         ? 
_exptl_crystal_grow.seeding_ref     ? 
_exptl_crystal_grow.temp            293 
_exptl_crystal_grow.temp_details    ? 
_exptl_crystal_grow.temp_esd        ? 
_exptl_crystal_grow.time            ? 
_exptl_crystal_grow.pdbx_details    '30% PEG 6000, 0.1M sodium acetate pH 4.0, 0.2M lithium sulfate' 
_exptl_crystal_grow.pdbx_pH_range   ? 
# 
_diffrn.ambient_environment              ? 
_diffrn.ambient_temp                     100 
_diffrn.ambient_temp_details             ? 
_diffrn.ambient_temp_esd                 ? 
_diffrn.crystal_id                       1 
_diffrn.crystal_support                  ? 
_diffrn.crystal_treatment                ? 
_diffrn.details                          ? 
_diffrn.id                               1 
_diffrn.ambient_pressure                 ? 
_diffrn.ambient_pressure_esd             ? 
_diffrn.ambient_pressure_gt              ? 
_diffrn.ambient_pressure_lt              ? 
_diffrn.ambient_temp_gt                  ? 
_diffrn.ambient_temp_lt                  ? 
_diffrn.pdbx_serial_crystal_experiment   N 
# 
_diffrn_detector.details                      ? 
_diffrn_detector.detector                     'IMAGE PLATE' 
_diffrn_detector.diffrn_id                    1 
_diffrn_detector.type                         'RIGAKU RAXIS IV++' 
_diffrn_detector.area_resol_mean              ? 
_diffrn_detector.dtime                        ? 
_diffrn_detector.pdbx_frames_total            ? 
_diffrn_detector.pdbx_collection_time_total   ? 
_diffrn_detector.pdbx_collection_date         2014-08-25 
_diffrn_detector.pdbx_frequency               ? 
# 
_diffrn_radiation.collimation                      ? 
_diffrn_radiation.diffrn_id                        1 
_diffrn_radiation.filter_edge                      ? 
_diffrn_radiation.inhomogeneity                    ? 
_diffrn_radiation.monochromator                    ? 
_diffrn_radiation.polarisn_norm                    ? 
_diffrn_radiation.polarisn_ratio                   ? 
_diffrn_radiation.probe                            ? 
_diffrn_radiation.type                             ? 
_diffrn_radiation.xray_symbol                      ? 
_diffrn_radiation.wavelength_id                    1 
_diffrn_radiation.pdbx_monochromatic_or_laue_m_l   M 
_diffrn_radiation.pdbx_wavelength_list             ? 
_diffrn_radiation.pdbx_wavelength                  ? 
_diffrn_radiation.pdbx_diffrn_protocol             'SINGLE WAVELENGTH' 
_diffrn_radiation.pdbx_analyzer                    ? 
_diffrn_radiation.pdbx_scattering_type             x-ray 
# 
_diffrn_radiation_wavelength.id           1 
_diffrn_radiation_wavelength.wavelength   1.54178 
_diffrn_radiation_wavelength.wt           1.0 
# 
_diffrn_source.current                     ? 
_diffrn_source.details                     ? 
_diffrn_source.diffrn_id                   1 
_diffrn_source.power                       ? 
_diffrn_source.size                        ? 
_diffrn_source.source                      'ROTATING ANODE' 
_diffrn_source.target                      ? 
_diffrn_source.type                        'RIGAKU MICROMAX-007' 
_diffrn_source.voltage                     ? 
_diffrn_source.take-off_angle              ? 
_diffrn_source.pdbx_wavelength_list        1.54178 
_diffrn_source.pdbx_wavelength             ? 
_diffrn_source.pdbx_synchrotron_beamline   ? 
_diffrn_source.pdbx_synchrotron_site       ? 
# 
_reflns.B_iso_Wilson_estimate            18.8172733101 
_reflns.entry_id                         6US4 
_reflns.data_reduction_details           ? 
_reflns.data_reduction_method            ? 
_reflns.d_resolution_high                1.95 
_reflns.d_resolution_low                 50 
_reflns.details                          ? 
_reflns.limit_h_max                      ? 
_reflns.limit_h_min                      ? 
_reflns.limit_k_max                      ? 
_reflns.limit_k_min                      ? 
_reflns.limit_l_max                      ? 
_reflns.limit_l_min                      ? 
_reflns.number_all                       ? 
_reflns.number_obs                       11103 
_reflns.observed_criterion               ? 
_reflns.observed_criterion_F_max         ? 
_reflns.observed_criterion_F_min         ? 
_reflns.observed_criterion_I_max         ? 
_reflns.observed_criterion_I_min         ? 
_reflns.observed_criterion_sigma_F       ? 
_reflns.observed_criterion_sigma_I       ? 
_reflns.percent_possible_obs             99.7 
_reflns.R_free_details                   ? 
_reflns.Rmerge_F_all                     ? 
_reflns.Rmerge_F_obs                     ? 
_reflns.Friedel_coverage                 ? 
_reflns.number_gt                        ? 
_reflns.threshold_expression             ? 
_reflns.pdbx_redundancy                  3.3 
_reflns.pdbx_Rmerge_I_obs                0.08 
_reflns.pdbx_Rmerge_I_all                ? 
_reflns.pdbx_Rsym_value                  ? 
_reflns.pdbx_netI_over_av_sigmaI         ? 
_reflns.pdbx_netI_over_sigmaI            13.0 
_reflns.pdbx_res_netI_over_av_sigmaI_2   ? 
_reflns.pdbx_res_netI_over_sigmaI_2      ? 
_reflns.pdbx_chi_squared                 ? 
_reflns.pdbx_scaling_rejects             ? 
_reflns.pdbx_d_res_high_opt              ? 
_reflns.pdbx_d_res_low_opt               ? 
_reflns.pdbx_d_res_opt_method            ? 
_reflns.phase_calculation_details        ? 
_reflns.pdbx_Rrim_I_all                  ? 
_reflns.pdbx_Rpim_I_all                  ? 
_reflns.pdbx_d_opt                       ? 
_reflns.pdbx_number_measured_all         ? 
_reflns.pdbx_diffrn_id                   1 
_reflns.pdbx_ordinal                     1 
_reflns.pdbx_CC_half                     ? 
_reflns.pdbx_CC_star                     ? 
_reflns.pdbx_R_split                     ? 
# 
_reflns_shell.d_res_high                  1.95 
_reflns_shell.d_res_low                   1.98 
_reflns_shell.meanI_over_sigI_all         ? 
_reflns_shell.meanI_over_sigI_obs         ? 
_reflns_shell.number_measured_all         ? 
_reflns_shell.number_measured_obs         ? 
_reflns_shell.number_possible             ? 
_reflns_shell.number_unique_all           ? 
_reflns_shell.number_unique_obs           531 
_reflns_shell.percent_possible_all        ? 
_reflns_shell.percent_possible_obs        ? 
_reflns_shell.Rmerge_F_all                ? 
_reflns_shell.Rmerge_F_obs                ? 
_reflns_shell.Rmerge_I_all                ? 
_reflns_shell.Rmerge_I_obs                0.526 
_reflns_shell.meanI_over_sigI_gt          ? 
_reflns_shell.meanI_over_uI_all           ? 
_reflns_shell.meanI_over_uI_gt            ? 
_reflns_shell.number_measured_gt          ? 
_reflns_shell.number_unique_gt            ? 
_reflns_shell.percent_possible_gt         ? 
_reflns_shell.Rmerge_F_gt                 ? 
_reflns_shell.Rmerge_I_gt                 ? 
_reflns_shell.pdbx_redundancy             ? 
_reflns_shell.pdbx_Rsym_value             ? 
_reflns_shell.pdbx_chi_squared            ? 
_reflns_shell.pdbx_netI_over_sigmaI_all   ? 
_reflns_shell.pdbx_netI_over_sigmaI_obs   ? 
_reflns_shell.pdbx_Rrim_I_all             ? 
_reflns_shell.pdbx_Rpim_I_all             ? 
_reflns_shell.pdbx_rejects                ? 
_reflns_shell.pdbx_ordinal                1 
_reflns_shell.pdbx_diffrn_id              1 
_reflns_shell.pdbx_CC_half                ? 
_reflns_shell.pdbx_CC_star                ? 
_reflns_shell.pdbx_R_split                ? 
# 
_refine.aniso_B[1][1]                            ? 
_refine.aniso_B[1][2]                            ? 
_refine.aniso_B[1][3]                            ? 
_refine.aniso_B[2][2]                            ? 
_refine.aniso_B[2][3]                            ? 
_refine.aniso_B[3][3]                            ? 
_refine.B_iso_max                                ? 
_refine.B_iso_mean                               21.2333500652 
_refine.B_iso_min                                ? 
_refine.correlation_coeff_Fo_to_Fc               ? 
_refine.correlation_coeff_Fo_to_Fc_free          ? 
_refine.details                                  ? 
_refine.diff_density_max                         ? 
_refine.diff_density_max_esd                     ? 
_refine.diff_density_min                         ? 
_refine.diff_density_min_esd                     ? 
_refine.diff_density_rms                         ? 
_refine.diff_density_rms_esd                     ? 
_refine.entry_id                                 6US4 
_refine.pdbx_refine_id                           'X-RAY DIFFRACTION' 
_refine.ls_abs_structure_details                 ? 
_refine.ls_abs_structure_Flack                   ? 
_refine.ls_abs_structure_Flack_esd               ? 
_refine.ls_abs_structure_Rogers                  ? 
_refine.ls_abs_structure_Rogers_esd              ? 
_refine.ls_d_res_high                            1.95032907402 
_refine.ls_d_res_low                             31.7946031486 
_refine.ls_extinction_coef                       ? 
_refine.ls_extinction_coef_esd                   ? 
_refine.ls_extinction_expression                 ? 
_refine.ls_extinction_method                     ? 
_refine.ls_goodness_of_fit_all                   ? 
_refine.ls_goodness_of_fit_all_esd               ? 
_refine.ls_goodness_of_fit_obs                   ? 
_refine.ls_goodness_of_fit_obs_esd               ? 
_refine.ls_hydrogen_treatment                    ? 
_refine.ls_matrix_type                           ? 
_refine.ls_number_constraints                    ? 
_refine.ls_number_parameters                     ? 
_refine.ls_number_reflns_all                     ? 
_refine.ls_number_reflns_obs                     10486 
_refine.ls_number_reflns_R_free                  1049 
_refine.ls_number_reflns_R_work                  ? 
_refine.ls_number_restraints                     ? 
_refine.ls_percent_reflns_obs                    94.4174320187 
_refine.ls_percent_reflns_R_free                 10.00381461 
_refine.ls_R_factor_all                          ? 
_refine.ls_R_factor_obs                          0.1819376565 
_refine.ls_R_factor_R_free                       0.244401912066 
_refine.ls_R_factor_R_free_error                 ? 
_refine.ls_R_factor_R_free_error_details         ? 
_refine.ls_R_factor_R_work                       0.175057190813 
_refine.ls_R_Fsqd_factor_obs                     ? 
_refine.ls_R_I_factor_obs                        ? 
_refine.ls_redundancy_reflns_all                 ? 
_refine.ls_redundancy_reflns_obs                 ? 
_refine.ls_restrained_S_all                      ? 
_refine.ls_restrained_S_obs                      ? 
_refine.ls_shift_over_esd_max                    ? 
_refine.ls_shift_over_esd_mean                   ? 
_refine.ls_structure_factor_coef                 ? 
_refine.ls_weighting_details                     ? 
_refine.ls_weighting_scheme                      ? 
_refine.ls_wR_factor_all                         ? 
_refine.ls_wR_factor_obs                         ? 
_refine.ls_wR_factor_R_free                      ? 
_refine.ls_wR_factor_R_work                      ? 
_refine.occupancy_max                            ? 
_refine.occupancy_min                            ? 
_refine.solvent_model_details                    ? 
_refine.solvent_model_param_bsol                 ? 
_refine.solvent_model_param_ksol                 ? 
_refine.pdbx_R_complete                          ? 
_refine.ls_R_factor_gt                           ? 
_refine.ls_goodness_of_fit_gt                    ? 
_refine.ls_goodness_of_fit_ref                   ? 
_refine.ls_shift_over_su_max                     ? 
_refine.ls_shift_over_su_max_lt                  ? 
_refine.ls_shift_over_su_mean                    ? 
_refine.ls_shift_over_su_mean_lt                 ? 
_refine.pdbx_ls_sigma_I                          ? 
_refine.pdbx_ls_sigma_F                          0.177178828439 
_refine.pdbx_ls_sigma_Fsqd                       ? 
_refine.pdbx_data_cutoff_high_absF               ? 
_refine.pdbx_data_cutoff_high_rms_absF           ? 
_refine.pdbx_data_cutoff_low_absF                ? 
_refine.pdbx_isotropic_thermal_model             ? 
_refine.pdbx_ls_cross_valid_method               THROUGHOUT 
_refine.pdbx_method_to_determine_struct          'MOLECULAR REPLACEMENT' 
_refine.pdbx_starting_model                      3ZR0 
_refine.pdbx_stereochemistry_target_values       ? 
_refine.pdbx_R_Free_selection_details            ? 
_refine.pdbx_stereochem_target_val_spec_case     ? 
_refine.pdbx_overall_ESU_R                       ? 
_refine.pdbx_overall_ESU_R_Free                  ? 
_refine.pdbx_solvent_vdw_probe_radii             1.11 
_refine.pdbx_solvent_ion_probe_radii             ? 
_refine.pdbx_solvent_shrinkage_radii             0.9 
_refine.pdbx_real_space_R                        ? 
_refine.pdbx_density_correlation                 ? 
_refine.pdbx_pd_number_of_powder_patterns        ? 
_refine.pdbx_pd_number_of_points                 ? 
_refine.pdbx_pd_meas_number_of_points            ? 
_refine.pdbx_pd_proc_ls_prof_R_factor            ? 
_refine.pdbx_pd_proc_ls_prof_wR_factor           ? 
_refine.pdbx_pd_Marquardt_correlation_coeff      ? 
_refine.pdbx_pd_Fsqrd_R_factor                   ? 
_refine.pdbx_pd_ls_matrix_band_width             ? 
_refine.pdbx_overall_phase_error                 21.2264873085 
_refine.pdbx_overall_SU_R_free_Cruickshank_DPI   ? 
_refine.pdbx_overall_SU_R_free_Blow_DPI          ? 
_refine.pdbx_overall_SU_R_Blow_DPI               ? 
_refine.pdbx_TLS_residual_ADP_flag               ? 
_refine.pdbx_diffrn_id                           1 
_refine.overall_SU_B                             ? 
_refine.overall_SU_ML                            0.218717161044 
_refine.overall_SU_R_Cruickshank_DPI             ? 
_refine.overall_SU_R_free                        ? 
_refine.overall_FOM_free_R_set                   ? 
_refine.overall_FOM_work_R_set                   ? 
_refine.pdbx_average_fsc_overall                 ? 
_refine.pdbx_average_fsc_work                    ? 
_refine.pdbx_average_fsc_free                    ? 
# 
_refine_hist.pdbx_refine_id                   'X-RAY DIFFRACTION' 
_refine_hist.cycle_id                         LAST 
_refine_hist.details                          ? 
_refine_hist.d_res_high                       1.95032907402 
_refine_hist.d_res_low                        31.7946031486 
_refine_hist.number_atoms_solvent             76 
_refine_hist.number_atoms_total               1348 
_refine_hist.number_reflns_all                ? 
_refine_hist.number_reflns_obs                ? 
_refine_hist.number_reflns_R_free             ? 
_refine_hist.number_reflns_R_work             ? 
_refine_hist.R_factor_all                     ? 
_refine_hist.R_factor_obs                     ? 
_refine_hist.R_factor_R_free                  ? 
_refine_hist.R_factor_R_work                  ? 
_refine_hist.pdbx_number_residues_total       ? 
_refine_hist.pdbx_B_iso_mean_ligand           ? 
_refine_hist.pdbx_B_iso_mean_solvent          ? 
_refine_hist.pdbx_number_atoms_protein        1254 
_refine_hist.pdbx_number_atoms_nucleic_acid   0 
_refine_hist.pdbx_number_atoms_ligand         18 
_refine_hist.pdbx_number_atoms_lipid          ? 
_refine_hist.pdbx_number_atoms_carb           ? 
_refine_hist.pdbx_pseudo_atom_details         ? 
# 
loop_
_refine_ls_restr.pdbx_refine_id 
_refine_ls_restr.criterion 
_refine_ls_restr.dev_ideal 
_refine_ls_restr.dev_ideal_target 
_refine_ls_restr.number 
_refine_ls_restr.rejects 
_refine_ls_restr.type 
_refine_ls_restr.weight 
_refine_ls_restr.pdbx_restraint_function 
'X-RAY DIFFRACTION' ? 0.0070383194796  ? 1336 ? f_bond_d           ? ? 
'X-RAY DIFFRACTION' ? 1.08211015747    ? 1815 ? f_angle_d          ? ? 
'X-RAY DIFFRACTION' ? 0.0474962078264  ? 187  ? f_chiral_restr     ? ? 
'X-RAY DIFFRACTION' ? 0.00628636616768 ? 235  ? f_plane_restr      ? ? 
'X-RAY DIFFRACTION' ? 13.8919834603    ? 496  ? f_dihedral_angle_d ? ? 
# 
loop_
_refine_ls_shell.pdbx_refine_id 
_refine_ls_shell.d_res_high 
_refine_ls_shell.d_res_low 
_refine_ls_shell.number_reflns_all 
_refine_ls_shell.number_reflns_obs 
_refine_ls_shell.number_reflns_R_free 
_refine_ls_shell.number_reflns_R_work 
_refine_ls_shell.percent_reflns_obs 
_refine_ls_shell.percent_reflns_R_free 
_refine_ls_shell.R_factor_all 
_refine_ls_shell.R_factor_obs 
_refine_ls_shell.R_factor_R_free 
_refine_ls_shell.R_factor_R_free_error 
_refine_ls_shell.R_factor_R_work 
_refine_ls_shell.redundancy_reflns_all 
_refine_ls_shell.redundancy_reflns_obs 
_refine_ls_shell.wR_factor_all 
_refine_ls_shell.wR_factor_obs 
_refine_ls_shell.wR_factor_R_free 
_refine_ls_shell.wR_factor_R_work 
_refine_ls_shell.pdbx_R_complete 
_refine_ls_shell.pdbx_total_number_of_bins_used 
_refine_ls_shell.pdbx_phase_error 
_refine_ls_shell.pdbx_fsc_work 
_refine_ls_shell.pdbx_fsc_free 
'X-RAY DIFFRACTION' 1.95032907402 2.0531        . . 134 1204 86.3225806452 . . . 0.263763214732 . 0.181733161897 . . . . . . . . . 
. . 
'X-RAY DIFFRACTION' 2.0531        2.1817        . . 145 1302 93.8391699092 . . . 0.294330242194 . 0.179174164931 . . . . . . . . . 
. . 
'X-RAY DIFFRACTION' 2.1817        2.3501        . . 148 1329 93.8970120788 . . . 0.257851302374 . 0.175742208754 . . . . . . . . . 
. . 
'X-RAY DIFFRACTION' 2.3501        2.5866        . . 150 1350 95.6022944551 . . . 0.271975379736 . 0.187075725255 . . . . . . . . . 
. . 
'X-RAY DIFFRACTION' 2.5866        2.9606        . . 150 1356 96.2915601023 . . . 0.259443780551 . 0.195392804273 . . . . . . . . . 
. . 
'X-RAY DIFFRACTION' 2.9606        3.7291        . . 157 1421 97.7695167286 . . . 0.226574518505 . 0.165242724886 . . . . . . . . . 
. . 
'X-RAY DIFFRACTION' 3.7291        31.7946031486 . . 165 1475 96.8122786305 . . . 0.217215491089 . 0.165621077312 . . . . . . . . . 
. . 
# 
_struct.entry_id                     6US4 
_struct.title                        'MTH1 in complex with compound 32' 
_struct.pdbx_model_details           ? 
_struct.pdbx_formula_weight          ? 
_struct.pdbx_formula_weight_method   ? 
_struct.pdbx_model_type_details      ? 
_struct.pdbx_CASP_flag               N 
# 
_struct_keywords.entry_id        6US4 
_struct_keywords.text            'Hydrolase, NUDT1, Nudix hydrolase, inhibitor, HYDROLASE-HYDROLASE INHIBITOR complex' 
_struct_keywords.pdbx_keywords   'HYDROLASE/HYDROLASE INHIBITOR' 
# 
loop_
_struct_asym.id 
_struct_asym.pdbx_blank_PDB_chainid_flag 
_struct_asym.pdbx_modified 
_struct_asym.entity_id 
_struct_asym.details 
A N N 1 ? 
B N N 2 ? 
C N N 3 ? 
# 
loop_
_struct_conf.conf_type_id 
_struct_conf.id 
_struct_conf.pdbx_PDB_helix_id 
_struct_conf.beg_label_comp_id 
_struct_conf.beg_label_asym_id 
_struct_conf.beg_label_seq_id 
_struct_conf.pdbx_beg_PDB_ins_code 
_struct_conf.end_label_comp_id 
_struct_conf.end_label_asym_id 
_struct_conf.end_label_seq_id 
_struct_conf.pdbx_end_PDB_ins_code 
_struct_conf.beg_auth_comp_id 
_struct_conf.beg_auth_asym_id 
_struct_conf.beg_auth_seq_id 
_struct_conf.end_auth_comp_id 
_struct_conf.end_auth_asym_id 
_struct_conf.end_auth_seq_id 
_struct_conf.pdbx_PDB_helix_class 
_struct_conf.details 
_struct_conf.pdbx_PDB_helix_length 
HELX_P HELX_P1 AA1 THR A 47  ? GLY A 61  ? THR A 44  GLY A 58  1 ? 15 
HELX_P HELX_P2 AA2 PRO A 115 ? MET A 119 ? PRO A 112 MET A 116 5 ? 5  
HELX_P HELX_P3 AA3 TRP A 120 ? PRO A 121 ? TRP A 117 PRO A 118 5 ? 2  
HELX_P HELX_P4 AA4 ASP A 122 ? GLN A 132 ? ASP A 119 GLN A 129 1 ? 11 
# 
_struct_conf_type.id          HELX_P 
_struct_conf_type.criteria    ? 
_struct_conf_type.reference   ? 
# 
loop_
_struct_sheet.id 
_struct_sheet.type 
_struct_sheet.number_strands 
_struct_sheet.details 
AA1 ? 4 ? 
AA2 ? 7 ? 
AA3 ? 2 ? 
# 
loop_
_struct_sheet_order.sheet_id 
_struct_sheet_order.range_id_1 
_struct_sheet_order.range_id_2 
_struct_sheet_order.offset 
_struct_sheet_order.sense 
AA1 1 2 ? anti-parallel 
AA1 2 3 ? anti-parallel 
AA2 1 2 ? anti-parallel 
AA2 2 3 ? anti-parallel 
AA2 4 5 ? anti-parallel 
AA2 5 6 ? parallel      
AA2 6 7 ? anti-parallel 
AA3 1 2 ? anti-parallel 
# 
loop_
_struct_sheet_range.sheet_id 
_struct_sheet_range.id 
_struct_sheet_range.beg_label_comp_id 
_struct_sheet_range.beg_label_asym_id 
_struct_sheet_range.beg_label_seq_id 
_struct_sheet_range.pdbx_beg_PDB_ins_code 
_struct_sheet_range.end_label_comp_id 
_struct_sheet_range.end_label_asym_id 
_struct_sheet_range.end_label_seq_id 
_struct_sheet_range.pdbx_end_PDB_ins_code 
_struct_sheet_range.beg_auth_comp_id 
_struct_sheet_range.beg_auth_asym_id 
_struct_sheet_range.beg_auth_seq_id 
_struct_sheet_range.end_auth_comp_id 
_struct_sheet_range.end_auth_asym_id 
_struct_sheet_range.end_auth_seq_id 
AA1 1 TRP A 35  ? ASN A 36  ? TRP A 32  ASN A 33  
AA1 2 ARG A 20  ? LYS A 26  ? ARG A 17  LYS A 23  
AA1 3 SER A 7   ? LEU A 16  ? SER A 4   LEU A 13  
AA1 4 MET A 104 ? GLN A 110 ? MET A 101 GLN A 107 
AA2 1 PHE A 38  ? LYS A 41  ? PHE A 35  LYS A 38  
AA2 2 SER A 7   ? LEU A 16  ? SER A 4   LEU A 13  
AA2 3 ARG A 20  ? LYS A 26  ? ARG A 17  LYS A 23  
AA2 4 LEU A 83  ? THR A 91  ? LEU A 80  THR A 88  
AA2 5 HIS A 68  ? PHE A 77  ? HIS A 65  PHE A 74  
AA2 6 LYS A 135 ? GLN A 143 ? LYS A 132 GLN A 140 
AA2 7 THR A 147 ? VAL A 156 ? THR A 144 VAL A 153 
AA3 1 THR A 63  ? VAL A 64  ? THR A 60  VAL A 61  
AA3 2 ILE A 94  ? GLN A 95  ? ILE A 91  GLN A 92  
# 
loop_
_pdbx_struct_sheet_hbond.sheet_id 
_pdbx_struct_sheet_hbond.range_id_1 
_pdbx_struct_sheet_hbond.range_id_2 
_pdbx_struct_sheet_hbond.range_1_label_atom_id 
_pdbx_struct_sheet_hbond.range_1_label_comp_id 
_pdbx_struct_sheet_hbond.range_1_label_asym_id 
_pdbx_struct_sheet_hbond.range_1_label_seq_id 
_pdbx_struct_sheet_hbond.range_1_PDB_ins_code 
_pdbx_struct_sheet_hbond.range_1_auth_atom_id 
_pdbx_struct_sheet_hbond.range_1_auth_comp_id 
_pdbx_struct_sheet_hbond.range_1_auth_asym_id 
_pdbx_struct_sheet_hbond.range_1_auth_seq_id 
_pdbx_struct_sheet_hbond.range_2_label_atom_id 
_pdbx_struct_sheet_hbond.range_2_label_comp_id 
_pdbx_struct_sheet_hbond.range_2_label_asym_id 
_pdbx_struct_sheet_hbond.range_2_label_seq_id 
_pdbx_struct_sheet_hbond.range_2_PDB_ins_code 
_pdbx_struct_sheet_hbond.range_2_auth_atom_id 
_pdbx_struct_sheet_hbond.range_2_auth_comp_id 
_pdbx_struct_sheet_hbond.range_2_auth_asym_id 
_pdbx_struct_sheet_hbond.range_2_auth_seq_id 
AA1 1 2 O ASN A 36  ? O ASN A 33  N GLY A 24  ? N GLY A 21  
AA1 2 3 O LEU A 22  ? O LEU A 19  N VAL A 15  ? N VAL A 12  
AA2 1 2 O PHE A 38  ? O PHE A 35  N VAL A 13  ? N VAL A 10  
AA2 2 3 N VAL A 15  ? N VAL A 12  O LEU A 22  ? O LEU A 19  
AA2 4 5 O CYS A 90  ? O CYS A 87  N HIS A 68  ? N HIS A 65  
AA2 5 6 N GLU A 76  ? N GLU A 73  O PHE A 142 ? O PHE A 139 
AA2 6 7 N LYS A 141 ? N LYS A 138 O ASP A 150 ? O ASP A 147 
AA3 1 2 N THR A 63  ? N THR A 60  O GLN A 95  ? O GLN A 92  
# 
_struct_site.id                   AC1 
_struct_site.pdbx_evidence_code   Software 
_struct_site.pdbx_auth_asym_id    A 
_struct_site.pdbx_auth_comp_id    GN6 
_struct_site.pdbx_auth_seq_id     201 
_struct_site.pdbx_auth_ins_code   ? 
_struct_site.pdbx_num_residues    11 
_struct_site.details              'binding site for residue GN6 A 201' 
# 
loop_
_struct_site_gen.id 
_struct_site_gen.site_id 
_struct_site_gen.pdbx_num_res 
_struct_site_gen.label_comp_id 
_struct_site_gen.label_asym_id 
_struct_site_gen.label_seq_id 
_struct_site_gen.pdbx_auth_ins_code 
_struct_site_gen.auth_comp_id 
_struct_site_gen.auth_asym_id 
_struct_site_gen.auth_seq_id 
_struct_site_gen.label_atom_id 
_struct_site_gen.label_alt_id 
_struct_site_gen.symmetry 
_struct_site_gen.details 
1  AC1 11 THR A 11  ? THR A 8   . ? 1_555 ? 
2  AC1 11 PHE A 30  ? PHE A 27  . ? 1_555 ? 
3  AC1 11 ASN A 36  ? ASN A 33  . ? 1_555 ? 
4  AC1 11 GLY A 40  ? GLY A 37  . ? 1_555 ? 
5  AC1 11 PHE A 75  ? PHE A 72  . ? 1_555 ? 
6  AC1 11 MET A 84  ? MET A 81  . ? 1_555 ? 
7  AC1 11 VAL A 86  ? VAL A 83  . ? 1_555 ? 
8  AC1 11 TRP A 120 ? TRP A 117 . ? 1_555 ? 
9  AC1 11 ASP A 122 ? ASP A 119 . ? 1_555 ? 
10 AC1 11 ASP A 123 ? ASP A 120 . ? 1_555 ? 
11 AC1 11 TRP A 126 ? TRP A 123 . ? 1_555 ? 
# 
_atom_sites.entry_id                    6US4 
_atom_sites.Cartn_transf_matrix[1][1]   ? 
_atom_sites.Cartn_transf_matrix[1][2]   ? 
_atom_sites.Cartn_transf_matrix[1][3]   ? 
_atom_sites.Cartn_transf_matrix[2][1]   ? 
_atom_sites.Cartn_transf_matrix[2][2]   ? 
_atom_sites.Cartn_transf_matrix[2][3]   ? 
_atom_sites.Cartn_transf_matrix[3][1]   ? 
_atom_sites.Cartn_transf_matrix[3][2]   ? 
_atom_sites.Cartn_transf_matrix[3][3]   ? 
_atom_sites.Cartn_transf_vector[1]      ? 
_atom_sites.Cartn_transf_vector[2]      ? 
_atom_sites.Cartn_transf_vector[3]      ? 
_atom_sites.fract_transf_matrix[1][1]   0.02622013 
_atom_sites.fract_transf_matrix[1][2]   0.00135632 
_atom_sites.fract_transf_matrix[1][3]   0.00850380 
_atom_sites.fract_transf_matrix[2][1]   0.00363128 
_atom_sites.fract_transf_matrix[2][2]   -0.01338395 
_atom_sites.fract_transf_matrix[2][3]   -0.00906180 
_atom_sites.fract_transf_matrix[3][1]   0.00335001 
_atom_sites.fract_transf_matrix[3][2]   0.00885916 
_atom_sites.fract_transf_matrix[3][3]   -0.01174223 
_atom_sites.fract_transf_vector[1]      0.243314 
_atom_sites.fract_transf_vector[2]      1.230248 
_atom_sites.fract_transf_vector[3]      3.201611 
_atom_sites.solution_primary            ? 
_atom_sites.solution_secondary          ? 
_atom_sites.solution_hydrogens          ? 
_atom_sites.special_details             ? 
# 
loop_
_atom_type.symbol 
_atom_type.scat_dispersion_real 
_atom_type.scat_dispersion_imag 
_atom_type.scat_Cromer_Mann_a1 
_atom_type.scat_Cromer_Mann_a2 
_atom_type.scat_Cromer_Mann_b1 
_atom_type.scat_Cromer_Mann_b2 
_atom_type.scat_Cromer_Mann_c 
_atom_type.scat_source 
_atom_type.scat_dispersion_source 
C  ? ? 3.54356 2.42580 25.62398 1.50364  0.0 
;2-Gaussian fit: Grosse-Kunstleve RW, Sauter NK, Adams PD: Newsletter of the IUCr Commission on Crystallographic Computing 2004, 3, 22-31.
;
? 
CL ? ? 9.50761 7.44341 1.04373  23.83732 0.0 
;2-Gaussian fit: Grosse-Kunstleve RW, Sauter NK, Adams PD: Newsletter of the IUCr Commission on Crystallographic Computing 2004, 3, 22-31.
;
? 
N  ? ? 4.01032 2.96436 19.97189 1.75589  0.0 
;2-Gaussian fit: Grosse-Kunstleve RW, Sauter NK, Adams PD: Newsletter of the IUCr Commission on Crystallographic Computing 2004, 3, 22-31.
;
? 
O  ? ? 4.49882 3.47563 15.80542 1.70748  0.0 
;2-Gaussian fit: Grosse-Kunstleve RW, Sauter NK, Adams PD: Newsletter of the IUCr Commission on Crystallographic Computing 2004, 3, 22-31.
;
? 
S  ? ? 9.55732 6.39887 1.23737  29.19336 0.0 
;2-Gaussian fit: Grosse-Kunstleve RW, Sauter NK, Adams PD: Newsletter of the IUCr Commission on Crystallographic Computing 2004, 3, 22-31.
;
? 
# 
loop_
_atom_site.group_PDB 
_atom_site.id 
_atom_site.type_symbol 
_atom_site.label_atom_id 
_atom_site.label_alt_id 
_atom_site.label_comp_id 
_atom_site.label_asym_id 
_atom_site.label_entity_id 
_atom_site.label_seq_id 
_atom_site.pdbx_PDB_ins_code 
_atom_site.Cartn_x 
_atom_site.Cartn_y 
_atom_site.Cartn_z 
_atom_site.occupancy 
_atom_site.B_iso_or_equiv 
_atom_site.pdbx_formal_charge 
_atom_site.auth_seq_id 
_atom_site.auth_comp_id 
_atom_site.auth_asym_id 
_atom_site.auth_atom_id 
_atom_site.pdbx_PDB_model_num 
ATOM   1    N  N    . ALA A 1 6   ? 2.66416   -9.64967  18.83442  1.000 25.90146 ? 3   ALA A N    1 
ATOM   2    C  CA   . ALA A 1 6   ? 3.82566   -8.96618  18.27525  1.000 34.84564 ? 3   ALA A CA   1 
ATOM   3    C  C    . ALA A 1 6   ? 3.58039   -8.43898  16.85449  1.000 35.11453 ? 3   ALA A C    1 
ATOM   4    O  O    . ALA A 1 6   ? 4.43795   -8.57809  15.98542  1.000 23.61834 ? 3   ALA A O    1 
ATOM   5    C  CB   . ALA A 1 6   ? 5.03359   -9.90277  18.28273  1.000 32.52335 ? 3   ALA A CB   1 
ATOM   6    N  N    . SER A 1 7   ? 2.41681   -7.84113  16.61263  1.000 25.59762 ? 4   SER A N    1 
ATOM   7    C  CA   . SER A 1 7   ? 2.14408   -7.26508  15.30098  1.000 17.93198 ? 4   SER A CA   1 
ATOM   8    C  C    . SER A 1 7   ? 1.69137   -5.80958  15.44135  1.000 31.30381 ? 4   SER A C    1 
ATOM   9    O  O    . SER A 1 7   ? 0.98564   -5.46007  16.38249  1.000 28.66135 ? 4   SER A O    1 
ATOM   10   C  CB   . SER A 1 7   ? 1.09696   -8.09315  14.55090  1.000 22.37669 ? 4   SER A CB   1 
ATOM   11   O  OG   . SER A 1 7   ? -0.21121  -7.75930  14.96926  1.000 37.04645 ? 4   SER A OG   1 
ATOM   12   N  N    . ARG A 1 8   ? 2.12839   -4.95571  14.52236  1.000 21.16091 ? 5   ARG A N    1 
ATOM   13   C  CA   . ARG A 1 8   ? 1.77219   -3.54894  14.57700  1.000 21.52625 ? 5   ARG A CA   1 
ATOM   14   C  C    . ARG A 1 8   ? 0.90787   -3.20417  13.36934  1.000 23.20348 ? 5   ARG A C    1 
ATOM   15   O  O    . ARG A 1 8   ? 1.19575   -3.62657  12.24909  1.000 14.73696 ? 5   ARG A O    1 
ATOM   16   C  CB   . ARG A 1 8   ? 3.01805   -2.66203  14.61554  1.000 28.68469 ? 5   ARG A CB   1 
ATOM   17   C  CG   . ARG A 1 8   ? 2.69997   -1.18690  14.77138  1.000 24.89345 ? 5   ARG A CG   1 
ATOM   18   C  CD   . ARG A 1 8   ? 3.76788   -0.44685  15.54696  1.000 44.36307 ? 5   ARG A CD   1 
ATOM   19   N  NE   . ARG A 1 8   ? 3.42807   0.96226   15.74180  1.000 53.49093 ? 5   ARG A NE   1 
ATOM   20   C  CZ   . ARG A 1 8   ? 4.21407   1.84388   16.35883  1.000 60.38596 ? 5   ARG A CZ   1 
ATOM   21   N  NH1  . ARG A 1 8   ? 5.39372   1.46867   16.84240  1.000 43.71095 ? 5   ARG A NH1  1 
ATOM   22   N  NH2  . ARG A 1 8   ? 3.82250   3.10477   16.48799  1.000 59.21480 ? 5   ARG A NH2  1 
ATOM   23   N  N    . LEU A 1 9   ? -0.15587  -2.44865  13.60913  1.000 17.82993 ? 6   LEU A N    1 
ATOM   24   C  CA   . LEU A 1 9   ? -1.12006  -2.11745  12.55708  1.000 15.02046 ? 6   LEU A CA   1 
ATOM   25   C  C    . LEU A 1 9   ? -0.60169  -1.05464  11.60772  1.000 16.47826 ? 6   LEU A C    1 
ATOM   26   O  O    . LEU A 1 9   ? -0.13205  0.01212   12.05196  1.000 11.24053 ? 6   LEU A O    1 
ATOM   27   C  CB   . LEU A 1 9   ? -2.41992  -1.63125  13.17003  1.000 13.50279 ? 6   LEU A CB   1 
ATOM   28   C  CG   . LEU A 1 9   ? -3.33707  -2.67815  13.78707  1.000 26.05207 ? 6   LEU A CG   1 
ATOM   29   C  CD1  . LEU A 1 9   ? -4.45193  -1.96536  14.52628  1.000 14.43068 ? 6   LEU A CD1  1 
ATOM   30   C  CD2  . LEU A 1 9   ? -3.88902  -3.55342  12.69541  1.000 16.41337 ? 6   LEU A CD2  1 
ATOM   31   N  N    . TYR A 1 10  ? -0.69017  -1.36352  10.31152  1.000 16.88676 ? 7   TYR A N    1 
ATOM   32   C  CA   . TYR A 1 10  ? -0.41215  -0.42677  9.23199   1.000 9.30267  ? 7   TYR A CA   1 
ATOM   33   C  C    . TYR A 1 10  ? -1.57989  -0.36597  8.26104   1.000 10.24147 ? 7   TYR A C    1 
ATOM   34   O  O    . TYR A 1 10  ? -2.36504  -1.31589  8.14471   1.000 13.80799 ? 7   TYR A O    1 
ATOM   35   C  CB   . TYR A 1 10  ? 0.83704   -0.82707  8.43512   1.000 14.13875 ? 7   TYR A CB   1 
ATOM   36   C  CG   . TYR A 1 10  ? 2.14673   -0.65318  9.16104   1.000 14.75331 ? 7   TYR A CG   1 
ATOM   37   C  CD1  . TYR A 1 10  ? 2.55645   -1.58125  10.10057  1.000 13.60660 ? 7   TYR A CD1  1 
ATOM   38   C  CD2  . TYR A 1 10  ? 2.98119   0.42483   8.89040   1.000 14.55909 ? 7   TYR A CD2  1 
ATOM   39   C  CE1  . TYR A 1 10  ? 3.74602   -1.44231  10.77089  1.000 15.68535 ? 7   TYR A CE1  1 
ATOM   40   C  CE2  . TYR A 1 10  ? 4.18775   0.57351   9.55692   1.000 15.12495 ? 7   TYR A CE2  1 
ATOM   41   C  CZ   . TYR A 1 10  ? 4.55878   -0.37446  10.49875  1.000 22.60136 ? 7   TYR A CZ   1 
ATOM   42   O  OH   . TYR A 1 10  ? 5.74597   -0.26509  11.17672  1.000 25.37583 ? 7   TYR A OH   1 
ATOM   43   N  N    . THR A 1 11  ? -1.66764  0.73458   7.52472   1.000 11.40062 ? 8   THR A N    1 
ATOM   44   C  CA   . THR A 1 11  ? -2.56831  0.79534   6.37945   1.000 13.52558 ? 8   THR A CA   1 
ATOM   45   C  C    . THR A 1 11  ? -1.75906  1.05296   5.10505   1.000 12.42606 ? 8   THR A C    1 
ATOM   46   O  O    . THR A 1 11  ? -0.62331  1.52093   5.15681   1.000 12.17941 ? 8   THR A O    1 
ATOM   47   C  CB   . THR A 1 11  ? -3.63807  1.88871   6.52712   1.000 18.22701 ? 8   THR A CB   1 
ATOM   48   O  OG1  . THR A 1 11  ? -3.00740  3.17211   6.56120   1.000 14.13458 ? 8   THR A OG1  1 
ATOM   49   C  CG2  . THR A 1 11  ? -4.46157  1.68827   7.78717   1.000 17.90596 ? 8   THR A CG2  1 
ATOM   50   N  N    . LEU A 1 12  ? -2.35652  0.73844   3.96321   1.000 11.07976 ? 9   LEU A N    1 
ATOM   51   C  CA   . LEU A 1 12  ? -1.75282  1.02638   2.67588   1.000 9.83937  ? 9   LEU A CA   1 
ATOM   52   C  C    . LEU A 1 12  ? -2.90067  1.25527   1.71563   1.000 11.09686 ? 9   LEU A C    1 
ATOM   53   O  O    . LEU A 1 12  ? -3.79455  0.42316   1.63644   1.000 13.13035 ? 9   LEU A O    1 
ATOM   54   C  CB   . LEU A 1 12  ? -0.85514  -0.12918  2.21017   1.000 10.49585 ? 9   LEU A CB   1 
ATOM   55   C  CG   . LEU A 1 12  ? -0.09818  0.01709   0.87533   1.000 11.91476 ? 9   LEU A CG   1 
ATOM   56   C  CD1  . LEU A 1 12  ? 0.96216   1.10069   0.95166   1.000 15.96830 ? 9   LEU A CD1  1 
ATOM   57   C  CD2  . LEU A 1 12  ? 0.54074   -1.29501  0.45815   1.000 11.00520 ? 9   LEU A CD2  1 
ATOM   58   N  N    . VAL A 1 13  ? -2.87755  2.37547   0.99871   1.000 13.36099 ? 10  VAL A N    1 
ATOM   59   C  CA   . VAL A 1 13  ? -4.00390  2.78348   0.15323   1.000 15.25130 ? 10  VAL A CA   1 
ATOM   60   C  C    . VAL A 1 13  ? -3.60543  2.96112   -1.30469  1.000 12.68810 ? 10  VAL A C    1 
ATOM   61   O  O    . VAL A 1 13  ? -2.65294  3.68382   -1.61260  1.000 9.84392  ? 10  VAL A O    1 
ATOM   62   C  CB   . VAL A 1 13  ? -4.62635  4.11307   0.62408   1.000 14.87220 ? 10  VAL A CB   1 
ATOM   63   C  CG1  . VAL A 1 13  ? -5.64469  4.60450   -0.37424  1.000 10.48916 ? 10  VAL A CG1  1 
ATOM   64   C  CG2  . VAL A 1 13  ? -5.24820  3.96507   1.99713   1.000 11.68124 ? 10  VAL A CG2  1 
ATOM   65   N  N    . LEU A 1 14  ? -4.35119  2.31154   -2.19648  1.000 13.61743 ? 11  LEU A N    1 
ATOM   66   C  CA   . LEU A 1 14  ? -4.09390  2.42117   -3.62075  1.000 13.92968 ? 11  LEU A CA   1 
ATOM   67   C  C    . LEU A 1 14  ? -5.23064  3.15493   -4.29858  1.000 20.76566 ? 11  LEU A C    1 
ATOM   68   O  O    . LEU A 1 14  ? -6.38082  2.71798   -4.24771  1.000 15.49406 ? 11  LEU A O    1 
ATOM   69   C  CB   . LEU A 1 14  ? -3.91202  1.03308   -4.25491  1.000 18.28680 ? 11  LEU A CB   1 
ATOM   70   C  CG   . LEU A 1 14  ? -2.60221  0.29159   -3.95743  1.000 12.41270 ? 11  LEU A CG   1 
ATOM   71   C  CD1  . LEU A 1 14  ? -1.40880  1.17298   -4.22284  1.000 17.85781 ? 11  LEU A CD1  1 
ATOM   72   C  CD2  . LEU A 1 14  ? -2.55023  -0.22482  -2.52948  1.000 16.39096 ? 11  LEU A CD2  1 
ATOM   73   N  N    . VAL A 1 15  ? -4.89635  4.26916   -4.93529  1.000 15.01584 ? 12  VAL A N    1 
ATOM   74   C  CA   . VAL A 1 15  ? -5.86213  5.03988   -5.68276  1.000 11.44906 ? 12  VAL A CA   1 
ATOM   75   C  C    . VAL A 1 15  ? -5.87380  4.46643   -7.08474  1.000 21.14032 ? 12  VAL A C    1 
ATOM   76   O  O    . VAL A 1 15  ? -4.97568  4.73777   -7.89223  1.000 12.33891 ? 12  VAL A O    1 
ATOM   77   C  CB   . VAL A 1 15  ? -5.51888  6.54025   -5.69325  1.000 16.10191 ? 12  VAL A CB   1 
ATOM   78   C  CG1  . VAL A 1 15  ? -6.54795  7.31733   -6.48429  1.000 19.49796 ? 12  VAL A CG1  1 
ATOM   79   C  CG2  . VAL A 1 15  ? -5.44189  7.06066   -4.25898  1.000 15.82876 ? 12  VAL A CG2  1 
ATOM   80   N  N    . LEU A 1 16  ? -6.89039  3.65561   -7.35841  1.000 15.88542 ? 13  LEU A N    1 
ATOM   81   C  CA   . LEU A 1 16  ? -6.93811  2.87322   -8.58810  1.000 19.69904 ? 13  LEU A CA   1 
ATOM   82   C  C    . LEU A 1 16  ? -8.12353  3.27140   -9.45561  1.000 17.53221 ? 13  LEU A C    1 
ATOM   83   O  O    . LEU A 1 16  ? -9.27539  3.09243   -9.07529  1.000 23.33321 ? 13  LEU A O    1 
ATOM   84   C  CB   . LEU A 1 16  ? -6.99035  1.37925   -8.25545  1.000 19.19051 ? 13  LEU A CB   1 
ATOM   85   C  CG   . LEU A 1 16  ? -7.21467  0.34997   -9.36252  1.000 19.06432 ? 13  LEU A CG   1 
ATOM   86   C  CD1  . LEU A 1 16  ? -6.12367  0.45007   -10.40883 1.000 19.47984 ? 13  LEU A CD1  1 
ATOM   87   C  CD2  . LEU A 1 16  ? -7.24619  -1.04511  -8.75704  1.000 28.93973 ? 13  LEU A CD2  1 
ATOM   88   N  N    . GLN A 1 17  ? -7.82027  3.81924   -10.62565 1.000 14.25553 ? 14  GLN A N    1 
ATOM   89   C  CA   . GLN A 1 17  ? -8.84105  4.26416   -11.56471 1.000 13.16697 ? 14  GLN A CA   1 
ATOM   90   C  C    . GLN A 1 17  ? -8.95031  3.27161   -12.73370 1.000 29.03628 ? 14  GLN A C    1 
ATOM   91   O  O    . GLN A 1 17  ? -8.14896  2.34042   -12.81678 1.000 25.64703 ? 14  GLN A O    1 
ATOM   92   C  CB   . GLN A 1 17  ? -8.50706  5.68148   -12.03014 1.000 18.79719 ? 14  GLN A CB   1 
ATOM   93   C  CG   . GLN A 1 17  ? -8.53799  6.67741   -10.89806 1.000 24.51420 ? 14  GLN A CG   1 
ATOM   94   C  CD   . GLN A 1 17  ? -8.31967  8.09288   -11.37421 1.000 25.20986 ? 14  GLN A CD   1 
ATOM   95   O  OE1  . GLN A 1 17  ? -7.60346  8.33366   -12.34180 1.000 27.75593 ? 14  GLN A OE1  1 
ATOM   96   N  NE2  . GLN A 1 17  ? -8.95539  9.03265   -10.71032 1.000 26.13605 ? 14  GLN A NE2  1 
ATOM   97   N  N    . PRO A 1 18  ? -9.95853  3.43159   -13.61547 1.000 24.48319 ? 15  PRO A N    1 
ATOM   98   C  CA   . PRO A 1 18  ? -10.10389 2.43695   -14.68821 1.000 23.94505 ? 15  PRO A CA   1 
ATOM   99   C  C    . PRO A 1 18  ? -8.83838  2.18150   -15.50953 1.000 31.12688 ? 15  PRO A C    1 
ATOM   100  O  O    . PRO A 1 18  ? -8.56374  1.02205   -15.82406 1.000 24.56108 ? 15  PRO A O    1 
ATOM   101  C  CB   . PRO A 1 18  ? -11.19909 3.04421   -15.56460 1.000 27.42857 ? 15  PRO A CB   1 
ATOM   102  C  CG   . PRO A 1 18  ? -12.06635 3.75525   -14.59074 1.000 25.67952 ? 15  PRO A CG   1 
ATOM   103  C  CD   . PRO A 1 18  ? -11.12547 4.33381   -13.55863 1.000 29.54255 ? 15  PRO A CD   1 
ATOM   104  N  N    . GLN A 1 19  ? -8.07126  3.22070   -15.83193 1.000 27.47473 ? 16  GLN A N    1 
ATOM   105  C  CA   . GLN A 1 19  ? -6.90994  3.02401   -16.69970 1.000 30.17320 ? 16  GLN A CA   1 
ATOM   106  C  C    . GLN A 1 19  ? -5.56572  3.43095   -16.10059 1.000 28.78453 ? 16  GLN A C    1 
ATOM   107  O  O    . GLN A 1 19  ? -4.56824  3.48845   -16.82225 1.000 25.71703 ? 16  GLN A O    1 
ATOM   108  C  CB   . GLN A 1 19  ? -7.11411  3.78129   -18.01818 1.000 35.92159 ? 16  GLN A CB   1 
ATOM   109  C  CG   . GLN A 1 19  ? -8.22808  3.22637   -18.90225 1.000 37.58206 ? 16  GLN A CG   1 
ATOM   110  C  CD   . GLN A 1 19  ? -7.83514  1.93329   -19.60366 1.000 35.35766 ? 16  GLN A CD   1 
ATOM   111  O  OE1  . GLN A 1 19  ? -6.80520  1.33113   -19.29602 1.000 53.07950 ? 16  GLN A OE1  1 
ATOM   112  N  NE2  . GLN A 1 19  ? -8.65394  1.50701   -20.56205 1.000 54.31233 ? 16  GLN A NE2  1 
ATOM   113  N  N    . ARG A 1 20  ? -5.53170  3.70915   -14.79849 1.000 18.01290 ? 17  ARG A N    1 
ATOM   114  C  CA   . ARG A 1 20  ? -4.29244  4.12895   -14.15091 1.000 22.55467 ? 17  ARG A CA   1 
ATOM   115  C  C    . ARG A 1 20  ? -4.34581  4.00199   -12.62753 1.000 15.01488 ? 17  ARG A C    1 
ATOM   116  O  O    . ARG A 1 20  ? -5.41742  3.89710   -12.02385 1.000 21.81092 ? 17  ARG A O    1 
ATOM   117  C  CB   . ARG A 1 20  ? -3.94304  5.57771   -14.52851 1.000 27.28551 ? 17  ARG A CB   1 
ATOM   118  C  CG   . ARG A 1 20  ? -4.94418  6.59408   -14.03529 1.000 20.73624 ? 17  ARG A CG   1 
ATOM   119  C  CD   . ARG A 1 20  ? -4.59948  8.03803   -14.40594 1.000 19.03332 ? 17  ARG A CD   1 
ATOM   120  N  NE   . ARG A 1 20  ? -5.52611  8.94407   -13.72712 1.000 24.14886 ? 17  ARG A NE   1 
ATOM   121  C  CZ   . ARG A 1 20  ? -5.45520  10.27426  -13.73100 1.000 29.68144 ? 17  ARG A CZ   1 
ATOM   122  N  NH1  . ARG A 1 20  ? -4.48306  10.89806  -14.38000 1.000 20.24858 ? 17  ARG A NH1  1 
ATOM   123  N  NH2  . ARG A 1 20  ? -6.37331  10.98190  -13.07885 1.000 27.28630 ? 17  ARG A NH2  1 
ATOM   124  N  N    . VAL A 1 21  ? -3.16699  4.01214   -12.02080 1.000 12.89411 ? 18  VAL A N    1 
ATOM   125  C  CA   . VAL A 1 21  ? -3.03693  3.88171   -10.57471 1.000 11.79953 ? 18  VAL A CA   1 
ATOM   126  C  C    . VAL A 1 21  ? -2.03893  4.92314   -10.08913 1.000 14.79778 ? 18  VAL A C    1 
ATOM   127  O  O    . VAL A 1 21  ? -1.05328  5.24206   -10.77605 1.000 9.95647  ? 18  VAL A O    1 
ATOM   128  C  CB   . VAL A 1 21  ? -2.60498  2.42052   -10.17467 1.000 8.64265  ? 18  VAL A CB   1 
ATOM   129  C  CG1  . VAL A 1 21  ? -1.23605  2.06904   -10.74522 1.000 10.61843 ? 18  VAL A CG1  1 
ATOM   130  C  CG2  . VAL A 1 21  ? -2.63406  2.22060   -8.66027  1.000 10.49252 ? 18  VAL A CG2  1 
ATOM   131  N  N    . LEU A 1 22  ? -2.32005  5.50172   -8.93377  1.000 13.52623 ? 19  LEU A N    1 
ATOM   132  C  CA   . LEU A 1 22  ? -1.41888  6.49791   -8.36154  1.000 12.58749 ? 19  LEU A CA   1 
ATOM   133  C  C    . LEU A 1 22  ? -0.47459  5.81786   -7.38602  1.000 8.87446  ? 19  LEU A C    1 
ATOM   134  O  O    . LEU A 1 22  ? -0.91344  5.12274   -6.48374  1.000 16.19073 ? 19  LEU A O    1 
ATOM   135  C  CB   . LEU A 1 22  ? -2.19300  7.59499   -7.64849  1.000 11.83993 ? 19  LEU A CB   1 
ATOM   136  C  CG   . LEU A 1 22  ? -1.37303  8.75823   -7.08006  1.000 10.88134 ? 19  LEU A CG   1 
ATOM   137  C  CD1  . LEU A 1 22  ? -0.89164  9.69068   -8.19189  1.000 10.93676 ? 19  LEU A CD1  1 
ATOM   138  C  CD2  . LEU A 1 22  ? -2.19771  9.52873   -6.04032  1.000 6.43216  ? 19  LEU A CD2  1 
ATOM   139  N  N    . LEU A 1 23  ? 0.82314   6.00729   -7.58435  1.000 12.80153 ? 20  LEU A N    1 
ATOM   140  C  CA   . LEU A 1 23  ? 1.82755   5.49628   -6.66417  1.000 10.09094 ? 20  LEU A CA   1 
ATOM   141  C  C    . LEU A 1 23  ? 2.67232   6.67160   -6.18779  1.000 17.19148 ? 20  LEU A C    1 
ATOM   142  O  O    . LEU A 1 23  ? 2.75188   7.70367   -6.86497  1.000 14.97268 ? 20  LEU A O    1 
ATOM   143  C  CB   . LEU A 1 23  ? 2.70453   4.42396   -7.34209  1.000 10.74813 ? 20  LEU A CB   1 
ATOM   144  C  CG   . LEU A 1 23  ? 1.94119   3.20657   -7.88067  1.000 9.84224  ? 20  LEU A CG   1 
ATOM   145  C  CD1  . LEU A 1 23  ? 2.84086   2.40158   -8.80862  1.000 17.79127 ? 20  LEU A CD1  1 
ATOM   146  C  CD2  . LEU A 1 23  ? 1.47704   2.32706   -6.71869  1.000 11.54859 ? 20  LEU A CD2  1 
ATOM   147  N  N    . GLY A 1 24  ? 3.29433   6.51410   -5.02276  1.000 10.35797 ? 21  GLY A N    1 
ATOM   148  C  CA   . GLY A 1 24  ? 4.13733   7.55257   -4.46095  1.000 11.95088 ? 21  GLY A CA   1 
ATOM   149  C  C    . GLY A 1 24  ? 5.55719   7.07378   -4.25500  1.000 16.39684 ? 21  GLY A C    1 
ATOM   150  O  O    . GLY A 1 24  ? 5.79536   5.96250   -3.77410  1.000 12.20003 ? 21  GLY A O    1 
ATOM   151  N  N    . MET A 1 25  ? 6.51066   7.91385   -4.64287  1.000 15.74246 ? 22  MET A N    1 
ATOM   152  C  CA   A MET A 1 25  ? 7.92103   7.60442   -4.48336  0.413 15.97271 ? 22  MET A CA   1 
ATOM   153  C  CA   B MET A 1 25  ? 7.92143   7.58493   -4.47300  0.587 15.93974 ? 22  MET A CA   1 
ATOM   154  C  C    . MET A 1 25  ? 8.42067   8.21247   -3.17475  1.000 20.73021 ? 22  MET A C    1 
ATOM   155  O  O    . MET A 1 25  ? 8.52231   9.42718   -3.04993  1.000 16.47922 ? 22  MET A O    1 
ATOM   156  C  CB   A MET A 1 25  ? 8.70736   8.12571   -5.69010  0.413 15.94888 ? 22  MET A CB   1 
ATOM   157  C  CB   B MET A 1 25  ? 8.73568   8.04974   -5.69085  0.587 15.87382 ? 22  MET A CB   1 
ATOM   158  C  CG   A MET A 1 25  ? 10.20015  8.28749   -5.48453  0.413 23.79351 ? 22  MET A CG   1 
ATOM   159  C  CG   B MET A 1 25  ? 10.23615  8.27081   -5.46622  0.587 23.89764 ? 22  MET A CG   1 
ATOM   160  S  SD   A MET A 1 25  ? 11.11828  6.74444   -5.37477  0.413 25.20424 ? 22  MET A SD   1 
ATOM   161  S  SD   B MET A 1 25  ? 11.23658  6.79756   -5.14827  0.587 24.01330 ? 22  MET A SD   1 
ATOM   162  C  CE   A MET A 1 25  ? 12.77526  7.39694   -5.26606  0.413 7.01842  ? 22  MET A CE   1 
ATOM   163  C  CE   B MET A 1 25  ? 10.93998  5.84013   -6.63602  0.587 11.35376 ? 22  MET A CE   1 
ATOM   164  N  N    . LYS A 1 26  ? 8.69522   7.35875   -2.19323  1.000 24.60871 ? 23  LYS A N    1 
ATOM   165  C  CA   . LYS A 1 26  ? 9.15661   7.78905   -0.87847  1.000 18.74003 ? 23  LYS A CA   1 
ATOM   166  C  C    . LYS A 1 26  ? 10.59110  8.28004   -0.97513  1.000 18.72194 ? 23  LYS A C    1 
ATOM   167  O  O    . LYS A 1 26  ? 11.45692  7.57377   -1.48748  1.000 20.82642 ? 23  LYS A O    1 
ATOM   168  C  CB   . LYS A 1 26  ? 9.04782   6.63124   0.11368   1.000 25.85415 ? 23  LYS A CB   1 
ATOM   169  C  CG   . LYS A 1 26  ? 9.32039   7.00074   1.55432   1.000 30.67131 ? 23  LYS A CG   1 
ATOM   170  C  CD   . LYS A 1 26  ? 8.21682   7.85374   2.13286   1.000 31.16148 ? 23  LYS A CD   1 
ATOM   171  C  CE   . LYS A 1 26  ? 8.19801   7.72142   3.64834   1.000 46.09286 ? 23  LYS A CE   1 
ATOM   172  N  NZ   . LYS A 1 26  ? 8.02714   6.29397   4.07305   1.000 42.78843 ? 23  LYS A NZ   1 
ATOM   173  N  N    . LYS A 1 27  ? 10.85241  9.49167   -0.50228  1.000 22.96210 ? 24  LYS A N    1 
ATOM   174  C  CA   . LYS A 1 27  ? 12.18469  10.06258  -0.67289  1.000 19.70326 ? 24  LYS A CA   1 
ATOM   175  C  C    . LYS A 1 27  ? 13.11394  9.72350   0.49278   1.000 18.36382 ? 24  LYS A C    1 
ATOM   176  O  O    . LYS A 1 27  ? 14.33161  9.74753   0.35034   1.000 31.56135 ? 24  LYS A O    1 
ATOM   177  C  CB   . LYS A 1 27  ? 12.08602  11.57735  -0.86186  1.000 24.18228 ? 24  LYS A CB   1 
ATOM   178  C  CG   . LYS A 1 27  ? 11.23049  11.99554  -2.05535  1.000 33.86958 ? 24  LYS A CG   1 
ATOM   179  C  CD   . LYS A 1 27  ? 11.31417  13.49846  -2.23985  1.000 37.68682 ? 24  LYS A CD   1 
ATOM   180  C  CE   . LYS A 1 27  ? 10.29962  14.00853  -3.22517  1.000 23.48103 ? 24  LYS A CE   1 
ATOM   181  N  NZ   . LYS A 1 27  ? 10.55335  15.45251  -3.50477  1.000 27.44614 ? 24  LYS A NZ   1 
ATOM   182  N  N    . ARG A 1 28  ? 12.54046  9.37502   1.63238   1.000 22.05851 ? 25  ARG A N    1 
ATOM   183  C  CA   . ARG A 1 28  ? 13.35699  9.15358   2.80952   1.000 30.81571 ? 25  ARG A CA   1 
ATOM   184  C  C    . ARG A 1 28  ? 12.72288  8.17282   3.79410   1.000 29.67978 ? 25  ARG A C    1 
ATOM   185  O  O    . ARG A 1 28  ? 11.49571  8.01906   3.83916   1.000 35.07074 ? 25  ARG A O    1 
ATOM   186  C  CB   . ARG A 1 28  ? 13.61311  10.49035  3.49098   1.000 43.80452 ? 25  ARG A CB   1 
ATOM   187  C  CG   . ARG A 1 28  ? 12.46130  10.92589  4.35075   1.000 40.84021 ? 25  ARG A CG   1 
ATOM   188  C  CD   . ARG A 1 28  ? 12.87455  11.93135  5.39858   1.000 67.05522 ? 25  ARG A CD   1 
ATOM   189  N  NE   . ARG A 1 28  ? 13.84384  12.86986  4.85018   1.000 80.52681 ? 25  ARG A NE   1 
ATOM   190  C  CZ   . ARG A 1 28  ? 13.51110  13.90127  4.08016   1.000 84.16688 ? 25  ARG A CZ   1 
ATOM   191  N  NH1  . ARG A 1 28  ? 12.24026  14.10998  3.76300   1.000 81.22688 ? 25  ARG A NH1  1 
ATOM   192  N  NH2  . ARG A 1 28  ? 14.44540  14.71454  3.61216   1.000 76.76688 ? 25  ARG A NH2  1 
ATOM   193  N  N    . GLY A 1 29  ? 13.55667  7.49242   4.57908   1.000 25.21365 ? 26  GLY A N    1 
ATOM   194  C  CA   . GLY A 1 29  ? 13.04840  6.61023   5.61785   1.000 23.79852 ? 26  GLY A CA   1 
ATOM   195  C  C    . GLY A 1 29  ? 12.69044  5.23941   5.08682   1.000 28.07975 ? 26  GLY A C    1 
ATOM   196  O  O    . GLY A 1 29  ? 13.15576  4.84699   4.02260   1.000 25.40568 ? 26  GLY A O    1 
ATOM   197  N  N    . PHE A 1 30  ? 11.86510  4.51057   5.83063   1.000 25.14072 ? 27  PHE A N    1 
ATOM   198  C  CA   . PHE A 1 30  ? 11.51341  3.13304   5.48631   1.000 19.07926 ? 27  PHE A CA   1 
ATOM   199  C  C    . PHE A 1 30  ? 10.77733  3.06085   4.14262   1.000 18.89628 ? 27  PHE A C    1 
ATOM   200  O  O    . PHE A 1 30  ? 9.72348   3.66536   3.96262   1.000 32.81588 ? 27  PHE A O    1 
ATOM   201  C  CB   . PHE A 1 30  ? 10.66642  2.51863   6.60805   1.000 23.55197 ? 27  PHE A CB   1 
ATOM   202  C  CG   . PHE A 1 30  ? 10.45626  1.04400   6.47797   1.000 31.52508 ? 27  PHE A CG   1 
ATOM   203  C  CD1  . PHE A 1 30  ? 11.51261  0.20522   6.17836   1.000 31.11695 ? 27  PHE A CD1  1 
ATOM   204  C  CD2  . PHE A 1 30  ? 9.20061   0.49224   6.68191   1.000 34.36040 ? 27  PHE A CD2  1 
ATOM   205  C  CE1  . PHE A 1 30  ? 11.32289  -1.15748  6.06730   1.000 34.39306 ? 27  PHE A CE1  1 
ATOM   206  C  CE2  . PHE A 1 30  ? 9.00425   -0.87423  6.57124   1.000 30.17750 ? 27  PHE A CE2  1 
ATOM   207  C  CZ   . PHE A 1 30  ? 10.06590  -1.70090  6.26262   1.000 24.14284 ? 27  PHE A CZ   1 
ATOM   208  N  N    . GLY A 1 31  ? 11.35538  2.32821   3.20048   1.000 20.48786 ? 28  GLY A N    1 
ATOM   209  C  CA   . GLY A 1 31  ? 10.76471  2.18708   1.88525   1.000 19.76779 ? 28  GLY A CA   1 
ATOM   210  C  C    . GLY A 1 31  ? 11.24711  3.24573   0.90555   1.000 27.01366 ? 28  GLY A C    1 
ATOM   211  O  O    . GLY A 1 31  ? 10.75528  3.31733   -0.21762  1.000 22.49917 ? 28  GLY A O    1 
ATOM   212  N  N    . ALA A 1 32  ? 12.20393  4.07221   1.32272   1.000 24.99740 ? 29  ALA A N    1 
ATOM   213  C  CA   . ALA A 1 32  ? 12.72711  5.11982   0.44177   1.000 29.53000 ? 29  ALA A CA   1 
ATOM   214  C  C    . ALA A 1 32  ? 13.30616  4.52073   -0.83990  1.000 26.15406 ? 29  ALA A C    1 
ATOM   215  O  O    . ALA A 1 32  ? 13.91449  3.44785   -0.82254  1.000 22.78943 ? 29  ALA A O    1 
ATOM   216  C  CB   . ALA A 1 32  ? 13.78838  5.95249   1.16450   1.000 27.32507 ? 29  ALA A CB   1 
ATOM   217  N  N    . GLY A 1 33  ? 13.10724  5.21279   -1.95250  1.000 19.07521 ? 30  GLY A N    1 
ATOM   218  C  CA   . GLY A 1 33  ? 13.62657  4.75663   -3.22743  1.000 23.93859 ? 30  GLY A CA   1 
ATOM   219  C  C    . GLY A 1 33  ? 12.63924  3.91305   -4.01472  1.000 19.90726 ? 30  GLY A C    1 
ATOM   220  O  O    . GLY A 1 33  ? 12.87176  3.59033   -5.18502  1.000 23.12774 ? 30  GLY A O    1 
ATOM   221  N  N    . ARG A 1 34  ? 11.52559  3.56504   -3.37994  1.000 15.45153 ? 31  ARG A N    1 
ATOM   222  C  CA   . ARG A 1 34  ? 10.53867  2.70071   -4.00458  1.000 18.22337 ? 31  ARG A CA   1 
ATOM   223  C  C    . ARG A 1 34  ? 9.21123   3.40378   -4.24185  1.000 16.49699 ? 31  ARG A C    1 
ATOM   224  O  O    . ARG A 1 34  ? 8.84622   4.31127   -3.49013  1.000 16.97358 ? 31  ARG A O    1 
ATOM   225  C  CB   . ARG A 1 34  ? 10.31940  1.45461   -3.14117  1.000 14.87122 ? 31  ARG A CB   1 
ATOM   226  C  CG   . ARG A 1 34  ? 11.45030  0.46096   -3.28662  1.000 18.36059 ? 31  ARG A CG   1 
ATOM   227  C  CD   . ARG A 1 34  ? 11.30946  -0.74780  -2.37549  1.000 14.00230 ? 31  ARG A CD   1 
ATOM   228  N  NE   . ARG A 1 34  ? 12.13021  -1.85030  -2.87308  1.000 17.71836 ? 31  ARG A NE   1 
ATOM   229  C  CZ   . ARG A 1 34  ? 12.51501  -2.88922  -2.13979  1.000 16.06793 ? 31  ARG A CZ   1 
ATOM   230  N  NH1  . ARG A 1 34  ? 12.17910  -2.96969  -0.85954  1.000 16.28381 ? 31  ARG A NH1  1 
ATOM   231  N  NH2  . ARG A 1 34  ? 13.24884  -3.83786  -2.68882  1.000 16.57509 ? 31  ARG A NH2  1 
ATOM   232  N  N    . TRP A 1 35  ? 8.51119   2.98981   -5.29931  1.000 18.18541 ? 32  TRP A N    1 
ATOM   233  C  CA   . TRP A 1 35  ? 7.12533   3.39608   -5.54603  1.000 12.94676 ? 32  TRP A CA   1 
ATOM   234  C  C    . TRP A 1 35  ? 6.24183   2.50290   -4.69354  1.000 12.78490 ? 32  TRP A C    1 
ATOM   235  O  O    . TRP A 1 35  ? 6.53106   1.30374   -4.57115  1.000 12.15461 ? 32  TRP A O    1 
ATOM   236  C  CB   . TRP A 1 35  ? 6.73370   3.25080   -7.02211  1.000 6.38143  ? 32  TRP A CB   1 
ATOM   237  C  CG   . TRP A 1 35  ? 7.53056   4.11609   -7.97110  1.000 15.85158 ? 32  TRP A CG   1 
ATOM   238  C  CD1  . TRP A 1 35  ? 8.60988   3.74205   -8.72711  1.000 14.89692 ? 32  TRP A CD1  1 
ATOM   239  C  CD2  . TRP A 1 35  ? 7.29260   5.49562   -8.26849  1.000 17.23887 ? 32  TRP A CD2  1 
ATOM   240  N  NE1  . TRP A 1 35  ? 9.05567   4.80966   -9.47916  1.000 14.79949 ? 32  TRP A NE1  1 
ATOM   241  C  CE2  . TRP A 1 35  ? 8.25785   5.89616   -9.22411  1.000 13.16295 ? 32  TRP A CE2  1 
ATOM   242  C  CE3  . TRP A 1 35  ? 6.34211   6.42640   -7.83971  1.000 12.30956 ? 32  TRP A CE3  1 
ATOM   243  C  CZ2  . TRP A 1 35  ? 8.30281   7.17813   -9.74574  1.000 15.42612 ? 32  TRP A CZ2  1 
ATOM   244  C  CZ3  . TRP A 1 35  ? 6.39414   7.71478   -8.35921  1.000 17.52345 ? 32  TRP A CZ3  1 
ATOM   245  C  CH2  . TRP A 1 35  ? 7.37569   8.07756   -9.29389  1.000 19.07863 ? 32  TRP A CH2  1 
ATOM   246  N  N    . ASN A 1 36  ? 5.17725   3.06804   -4.11899  1.000 10.76551 ? 33  ASN A N    1 
ATOM   247  C  CA   . ASN A 1 36  ? 4.30921   2.33026   -3.20702  1.000 10.16983 ? 33  ASN A CA   1 
ATOM   248  C  C    . ASN A 1 36  ? 2.97532   3.05258   -3.09354  1.000 13.31874 ? 33  ASN A C    1 
ATOM   249  O  O    . ASN A 1 36  ? 2.82938   4.17971   -3.56935  1.000 13.76017 ? 33  ASN A O    1 
ATOM   250  C  CB   . ASN A 1 36  ? 4.98197   2.18673   -1.83231  1.000 13.79769 ? 33  ASN A CB   1 
ATOM   251  C  CG   . ASN A 1 36  ? 4.43455   1.03016   -1.00690  1.000 17.91239 ? 33  ASN A CG   1 
ATOM   252  O  OD1  . ASN A 1 36  ? 3.49955   0.33253   -1.40872  1.000 15.95190 ? 33  ASN A OD1  1 
ATOM   253  N  ND2  . ASN A 1 36  ? 5.03785   0.81175   0.16178   1.000 13.87404 ? 33  ASN A ND2  1 
ATOM   254  N  N    . GLY A 1 37  ? 1.99765   2.41349   -2.46685  1.000 12.66778 ? 34  GLY A N    1 
ATOM   255  C  CA   . GLY A 1 37  ? 0.76896   3.10265   -2.13914  1.000 10.58060 ? 34  GLY A CA   1 
ATOM   256  C  C    . GLY A 1 37  ? 1.00810   4.04452   -0.97355  1.000 15.30162 ? 34  GLY A C    1 
ATOM   257  O  O    . GLY A 1 37  ? 2.13552   4.20045   -0.51144  1.000 14.28118 ? 34  GLY A O    1 
ATOM   258  N  N    . PHE A 1 38  ? -0.05103  4.67866   -0.48709  1.000 13.49121 ? 35  PHE A N    1 
ATOM   259  C  CA   . PHE A 1 38  ? 0.10490   5.63007   0.60151   1.000 14.62685 ? 35  PHE A CA   1 
ATOM   260  C  C    . PHE A 1 38  ? -0.37560  5.02716   1.91058   1.000 14.08587 ? 35  PHE A C    1 
ATOM   261  O  O    . PHE A 1 38  ? -1.47239  4.48061   1.99221   1.000 14.71995 ? 35  PHE A O    1 
ATOM   262  C  CB   . PHE A 1 38  ? -0.63053  6.92357   0.26467   1.000 12.60379 ? 35  PHE A CB   1 
ATOM   263  C  CG   . PHE A 1 38  ? -0.18579  7.51594   -1.03747  1.000 12.53886 ? 35  PHE A CG   1 
ATOM   264  C  CD1  . PHE A 1 38  ? 0.98528   8.26345   -1.10299  1.000 9.65396  ? 35  PHE A CD1  1 
ATOM   265  C  CD2  . PHE A 1 38  ? -0.90160  7.28454   -2.20221  1.000 10.05662 ? 35  PHE A CD2  1 
ATOM   266  C  CE1  . PHE A 1 38  ? 1.43047   8.79189   -2.30741  1.000 10.56459 ? 35  PHE A CE1  1 
ATOM   267  C  CE2  . PHE A 1 38  ? -0.46847  7.80806   -3.40798  1.000 17.86475 ? 35  PHE A CE2  1 
ATOM   268  C  CZ   . PHE A 1 38  ? 0.70016   8.56852   -3.46045  1.000 11.21535 ? 35  PHE A CZ   1 
ATOM   269  N  N    . GLY A 1 39  ? 0.46532   5.09356   2.93616   1.000 17.03383 ? 36  GLY A N    1 
ATOM   270  C  CA   . GLY A 1 39  ? 0.12592   4.43413   4.18637   1.000 14.53478 ? 36  GLY A CA   1 
ATOM   271  C  C    . GLY A 1 39  ? 1.14026   4.63516   5.28935   1.000 23.67676 ? 36  GLY A C    1 
ATOM   272  O  O    . GLY A 1 39  ? 2.14407   5.35194   5.11556   1.000 14.15755 ? 36  GLY A O    1 
ATOM   273  N  N    . GLY A 1 40  ? 0.87502   3.99003   6.42348   1.000 17.59653 ? 37  GLY A N    1 
ATOM   274  C  CA   . GLY A 1 40  ? 1.70681   4.11970   7.61091   1.000 19.37174 ? 37  GLY A CA   1 
ATOM   275  C  C    . GLY A 1 40  ? 1.02634   3.53430   8.84080   1.000 17.83178 ? 37  GLY A C    1 
ATOM   276  O  O    . GLY A 1 40  ? -0.00071  2.86447   8.72086   1.000 14.55333 ? 37  GLY A O    1 
ATOM   277  N  N    . LYS A 1 41  ? 1.59793   3.77929   10.02332  1.000 17.10160 ? 38  LYS A N    1 
ATOM   278  C  CA   . LYS A 1 41  ? 1.08352   3.18528   11.25340  1.000 19.79236 ? 38  LYS A CA   1 
ATOM   279  C  C    . LYS A 1 41  ? -0.26861  3.75400   11.65877  1.000 21.48080 ? 38  LYS A C    1 
ATOM   280  O  O    . LYS A 1 41  ? -0.51285  4.96160   11.55866  1.000 17.67827 ? 38  LYS A O    1 
ATOM   281  C  CB   . LYS A 1 41  ? 2.07557   3.38631   12.39634  1.000 16.10236 ? 38  LYS A CB   1 
ATOM   282  C  CG   . LYS A 1 41  ? 3.43607   2.77433   12.12854  1.000 24.85612 ? 38  LYS A CG   1 
ATOM   283  C  CD   . LYS A 1 41  ? 4.44065   3.14194   13.21506  1.000 25.20172 ? 38  LYS A CD   1 
ATOM   284  C  CE   . LYS A 1 41  ? 5.76344   2.43629   12.98406  1.000 29.48170 ? 38  LYS A CE   1 
ATOM   285  N  NZ   . LYS A 1 41  ? 6.88427   3.14565   13.66446  1.000 41.30954 ? 38  LYS A NZ   1 
ATOM   286  N  N    . VAL A 1 42  ? -1.14616  2.87830   12.12773  1.000 15.86235 ? 39  VAL A N    1 
ATOM   287  C  CA   . VAL A 1 42  ? -2.42884  3.31436   12.67607  1.000 11.71093 ? 39  VAL A CA   1 
ATOM   288  C  C    . VAL A 1 42  ? -2.17279  3.87742   14.07167  1.000 21.34854 ? 39  VAL A C    1 
ATOM   289  O  O    . VAL A 1 42  ? -1.35139  3.34288   14.81680  1.000 15.82649 ? 39  VAL A O    1 
ATOM   290  C  CB   . VAL A 1 42  ? -3.43322  2.15289   12.73766  1.000 14.27318 ? 39  VAL A CB   1 
ATOM   291  C  CG1  . VAL A 1 42  ? -4.74163  2.59965   13.37758  1.000 26.18391 ? 39  VAL A CG1  1 
ATOM   292  C  CG2  . VAL A 1 42  ? -3.67236  1.58128   11.32256  1.000 12.56406 ? 39  VAL A CG2  1 
ATOM   293  N  N    . GLN A 1 43  ? -2.86374  4.95420   14.42003  1.000 13.08650 ? 40  GLN A N    1 
ATOM   294  C  CA   . GLN A 1 43  ? -2.60330  5.64417   15.67629  1.000 16.25889 ? 40  GLN A CA   1 
ATOM   295  C  C    . GLN A 1 43  ? -3.56790  5.24584   16.77790  1.000 19.22639 ? 40  GLN A C    1 
ATOM   296  O  O    . GLN A 1 43  ? -4.59053  4.59283   16.52543  1.000 14.49460 ? 40  GLN A O    1 
ATOM   297  C  CB   . GLN A 1 43  ? -2.65372  7.14957   15.44789  1.000 16.13210 ? 40  GLN A CB   1 
ATOM   298  C  CG   . GLN A 1 43  ? -1.46990  7.63708   14.63365  1.000 22.93392 ? 40  GLN A CG   1 
ATOM   299  C  CD   . GLN A 1 43  ? -1.60223  9.07883   14.21191  1.000 34.37317 ? 40  GLN A CD   1 
ATOM   300  O  OE1  . GLN A 1 43  ? -2.60790  9.73315   14.50101  1.000 27.17736 ? 40  GLN A OE1  1 
ATOM   301  N  NE2  . GLN A 1 43  ? -0.58298  9.58738   13.51807  1.000 33.29579 ? 40  GLN A NE2  1 
ATOM   302  N  N    . GLU A 1 44  ? -3.22536  5.63586   18.00757  1.000 17.69885 ? 41  GLU A N    1 
ATOM   303  C  CA   . GLU A 1 44  ? -4.06462  5.36874   19.17107  1.000 22.18677 ? 41  GLU A CA   1 
ATOM   304  C  C    . GLU A 1 44  ? -5.42724  6.02639   19.01322  1.000 16.73035 ? 41  GLU A C    1 
ATOM   305  O  O    . GLU A 1 44  ? -5.51517  7.19880   18.64040  1.000 18.80258 ? 41  GLU A O    1 
ATOM   306  C  CB   . GLU A 1 44  ? -3.38764  5.88039   20.44559  1.000 21.38361 ? 41  GLU A CB   1 
ATOM   307  C  CG   . GLU A 1 44  ? -2.15274  5.09693   20.84178  1.000 22.35193 ? 41  GLU A CG   1 
ATOM   308  C  CD   . GLU A 1 44  ? -1.32348  5.81217   21.89512  1.000 51.28084 ? 41  GLU A CD   1 
ATOM   309  O  OE1  . GLU A 1 44  ? -0.91344  6.96231   21.63581  1.000 39.85644 ? 41  GLU A OE1  1 
ATOM   310  O  OE2  . GLU A 1 44  ? -1.08085  5.22902   22.97774  1.000 57.13890 ? 41  GLU A OE2  1 
ATOM   311  N  N    . GLY A 1 45  ? -6.48434  5.27063   19.29135  1.000 21.16178 ? 42  GLY A N    1 
ATOM   312  C  CA   . GLY A 1 45  ? -7.83224  5.81783   19.29170  1.000 25.11629 ? 42  GLY A CA   1 
ATOM   313  C  C    . GLY A 1 45  ? -8.38622  6.09352   17.90363  1.000 22.40461 ? 42  GLY A C    1 
ATOM   314  O  O    . GLY A 1 45  ? -9.40114  6.75483   17.73829  1.000 21.28395 ? 42  GLY A O    1 
ATOM   315  N  N    . GLU A 1 46  ? -7.70395  5.57789   16.89763  1.000 21.08908 ? 43  GLU A N    1 
ATOM   316  C  CA   . GLU A 1 46  ? -8.08312  5.78743   15.50975  1.000 14.77331 ? 43  GLU A CA   1 
ATOM   317  C  C    . GLU A 1 46  ? -8.46255  4.43572   14.91589  1.000 20.85543 ? 43  GLU A C    1 
ATOM   318  O  O    . GLU A 1 46  ? -7.76463  3.46237   15.17048  1.000 19.58930 ? 43  GLU A O    1 
ATOM   319  C  CB   . GLU A 1 46  ? -6.90390  6.42953   14.77264  1.000 16.46154 ? 43  GLU A CB   1 
ATOM   320  C  CG   . GLU A 1 46  ? -6.88172  6.31777   13.27649  1.000 23.37260 ? 43  GLU A CG   1 
ATOM   321  C  CD   . GLU A 1 46  ? -5.63920  6.98354   12.69459  1.000 19.45814 ? 43  GLU A CD   1 
ATOM   322  O  OE1  . GLU A 1 46  ? -4.54559  6.36707   12.72366  1.000 17.76986 ? 43  GLU A OE1  1 
ATOM   323  O  OE2  . GLU A 1 46  ? -5.75385  8.13423   12.23647  1.000 20.53168 ? 43  GLU A OE2  1 
ATOM   324  N  N    . THR A 1 47  ? -9.56761  4.34749   14.16792  1.000 20.92681 ? 44  THR A N    1 
ATOM   325  C  CA   . THR A 1 47  ? -9.88687  3.09476   13.45226  1.000 23.48091 ? 44  THR A CA   1 
ATOM   326  C  C    . THR A 1 47  ? -8.88264  2.85479   12.31871  1.000 12.36449 ? 44  THR A C    1 
ATOM   327  O  O    . THR A 1 47  ? -8.21690  3.78218   11.86953  1.000 19.60898 ? 44  THR A O    1 
ATOM   328  C  CB   . THR A 1 47  ? -11.31708 3.09423   12.83855  1.000 19.90897 ? 44  THR A CB   1 
ATOM   329  O  OG1  . THR A 1 47  ? -11.45733 4.21142   11.95483  1.000 22.71130 ? 44  THR A OG1  1 
ATOM   330  C  CG2  . THR A 1 47  ? -12.38807 3.17262   13.90967  1.000 17.35813 ? 44  THR A CG2  1 
ATOM   331  N  N    . ILE A 1 48  ? -8.79791  1.61657   11.84722  1.000 16.07292 ? 45  ILE A N    1 
ATOM   332  C  CA   . ILE A 1 48  ? -7.91100  1.28806   10.73935  1.000 14.75594 ? 45  ILE A CA   1 
ATOM   333  C  C    . ILE A 1 48  ? -8.28154  2.13397   9.51475   1.000 15.19268 ? 45  ILE A C    1 
ATOM   334  O  O    . ILE A 1 48  ? -7.41959  2.74426   8.88339   1.000 13.81473 ? 45  ILE A O    1 
ATOM   335  C  CB   . ILE A 1 48  ? -7.96912  -0.21954  10.41384  1.000 15.76420 ? 45  ILE A CB   1 
ATOM   336  C  CG1  . ILE A 1 48  ? -7.38498  -1.02350  11.58110  1.000 22.12349 ? 45  ILE A CG1  1 
ATOM   337  C  CG2  . ILE A 1 48  ? -7.21125  -0.53074  9.12789   1.000 18.27459 ? 45  ILE A CG2  1 
ATOM   338  C  CD1  . ILE A 1 48  ? -7.46553  -2.52838  11.41825  1.000 20.22311 ? 45  ILE A CD1  1 
ATOM   339  N  N    . GLU A 1 49  ? -9.57693  2.23481   9.23260   1.000 18.83159 ? 46  GLU A N    1 
ATOM   340  C  CA   . GLU A 1 49  ? -10.02648 2.98196   8.06323   1.000 14.81905 ? 46  GLU A CA   1 
ATOM   341  C  C    . GLU A 1 49  ? -9.79470  4.48074   8.20558   1.000 12.64872 ? 46  GLU A C    1 
ATOM   342  O  O    . GLU A 1 49  ? -9.46505  5.15509   7.22490   1.000 13.82542 ? 46  GLU A O    1 
ATOM   343  C  CB   . GLU A 1 49  ? -11.50758 2.71301   7.78636   1.000 21.43504 ? 46  GLU A CB   1 
ATOM   344  C  CG   . GLU A 1 49  ? -11.88388 2.96826   6.34148   1.000 22.94115 ? 46  GLU A CG   1 
ATOM   345  C  CD   . GLU A 1 49  ? -13.36617 3.20192   6.14120   1.000 36.41508 ? 46  GLU A CD   1 
ATOM   346  O  OE1  . GLU A 1 49  ? -14.13702 3.04373   7.11105   1.000 53.43175 ? 46  GLU A OE1  1 
ATOM   347  O  OE2  . GLU A 1 49  ? -13.75606 3.55499   5.00842   1.000 33.46381 ? 46  GLU A OE2  1 
ATOM   348  N  N    . ASP A 1 50  ? -9.97537  5.01726   9.41243   1.000 11.05894 ? 47  ASP A N    1 
ATOM   349  C  CA   . ASP A 1 50  ? -9.68344  6.42962   9.61179   1.000 13.01648 ? 47  ASP A CA   1 
ATOM   350  C  C    . ASP A 1 50  ? -8.19233  6.64900   9.37413   1.000 17.25658 ? 47  ASP A C    1 
ATOM   351  O  O    . ASP A 1 50  ? -7.80073  7.64124   8.75599   1.000 18.66583 ? 47  ASP A O    1 
ATOM   352  C  CB   . ASP A 1 50  ? -10.07356 6.91287   11.01305  1.000 15.32797 ? 47  ASP A CB   1 
ATOM   353  C  CG   . ASP A 1 50  ? -11.56929 7.06733   11.18677  1.000 26.48399 ? 47  ASP A CG   1 
ATOM   354  O  OD1  . ASP A 1 50  ? -12.28665 7.16359   10.17544  1.000 28.18262 ? 47  ASP A OD1  1 
ATOM   355  O  OD2  . ASP A 1 50  ? -12.02719 7.09558   12.34150  1.000 31.10207 ? 47  ASP A OD2  1 
ATOM   356  N  N    . GLY A 1 51  ? -7.37732  5.71164   9.86891   1.000 14.74707 ? 48  GLY A N    1 
ATOM   357  C  CA   . GLY A 1 51  ? -5.93833  5.75540   9.66509   1.000 14.90590 ? 48  GLY A CA   1 
ATOM   358  C  C    . GLY A 1 51  ? -5.58606  5.75340   8.19019   1.000 15.12017 ? 48  GLY A C    1 
ATOM   359  O  O    . GLY A 1 51  ? -4.75080  6.54747   7.74442   1.000 16.11627 ? 48  GLY A O    1 
ATOM   360  N  N    . ALA A 1 52  ? -6.24027  4.87535   7.42856   1.000 16.72908 ? 49  ALA A N    1 
ATOM   361  C  CA   . ALA A 1 52  ? -5.99807  4.78496   5.98732   1.000 15.43751 ? 49  ALA A CA   1 
ATOM   362  C  C    . ALA A 1 52  ? -6.32072  6.10719   5.30253   1.000 17.13712 ? 49  ALA A C    1 
ATOM   363  O  O    . ALA A 1 52  ? -5.54259  6.59796   4.48941   1.000 15.17600 ? 49  ALA A O    1 
ATOM   364  C  CB   . ALA A 1 52  ? -6.81373  3.65239   5.37139   1.000 19.80874 ? 49  ALA A CB   1 
ATOM   365  N  N    . ARG A 1 53  ? -7.46964  6.68690   5.63404   1.000 16.26662 ? 50  ARG A N    1 
ATOM   366  C  CA   . ARG A 1 53  ? -7.85813  7.94963   5.02024   1.000 16.37888 ? 50  ARG A CA   1 
ATOM   367  C  C    . ARG A 1 53  ? -6.86047  9.06491   5.37639   1.000 14.84353 ? 50  ARG A C    1 
ATOM   368  O  O    . ARG A 1 53  ? -6.46238  9.84026   4.51958   1.000 13.41731 ? 50  ARG A O    1 
ATOM   369  C  CB   . ARG A 1 53  ? -9.27804  8.34115   5.44400   1.000 22.13660 ? 50  ARG A CB   1 
ATOM   370  C  CG   . ARG A 1 53  ? -9.76638  9.64618   4.81561   1.000 25.51624 ? 50  ARG A CG   1 
ATOM   371  C  CD   . ARG A 1 53  ? -11.24717 9.89125   5.08428   1.000 40.05996 ? 50  ARG A CD   1 
ATOM   372  N  NE   . ARG A 1 53  ? -12.10364 8.92244   4.40068   1.000 42.48230 ? 50  ARG A NE   1 
ATOM   373  C  CZ   . ARG A 1 53  ? -12.61754 7.84175   4.97898   1.000 42.82153 ? 50  ARG A CZ   1 
ATOM   374  N  NH1  . ARG A 1 53  ? -12.36080 7.59529   6.25921   1.000 32.04167 ? 50  ARG A NH1  1 
ATOM   375  N  NH2  . ARG A 1 53  ? -13.38607 7.01193   4.27899   1.000 31.54214 ? 50  ARG A NH2  1 
ATOM   376  N  N    . ARG A 1 54  ? -6.46997  9.13338   6.64599   1.000 13.26053 ? 51  ARG A N    1 
ATOM   377  C  CA   . ARG A 1 54  ? -5.47178  10.09544  7.10439   1.000 21.00663 ? 51  ARG A CA   1 
ATOM   378  C  C    . ARG A 1 54  ? -4.14173  9.95594   6.36325   1.000 22.65376 ? 51  ARG A C    1 
ATOM   379  O  O    . ARG A 1 54  ? -3.57924  10.95170  5.88178   1.000 15.54507 ? 51  ARG A O    1 
ATOM   380  C  CB   . ARG A 1 54  ? -5.22669  9.93205   8.60699   1.000 20.58987 ? 51  ARG A CB   1 
ATOM   381  C  CG   . ARG A 1 54  ? -4.09436  10.80007  9.12838   1.000 16.23856 ? 51  ARG A CG   1 
ATOM   382  C  CD   . ARG A 1 54  ? -3.83093  10.54693  10.61469  1.000 17.74530 ? 51  ARG A CD   1 
ATOM   383  N  NE   . ARG A 1 54  ? -3.58956  9.13939   10.91270  1.000 14.76771 ? 51  ARG A NE   1 
ATOM   384  C  CZ   . ARG A 1 54  ? -2.42409  8.52628   10.74464  1.000 25.00144 ? 51  ARG A CZ   1 
ATOM   385  N  NH1  . ARG A 1 54  ? -1.38369  9.19286   10.27070  1.000 19.79918 ? 51  ARG A NH1  1 
ATOM   386  N  NH2  . ARG A 1 54  ? -2.30010  7.24415   11.05110  1.000 17.36179 ? 51  ARG A NH2  1 
ATOM   387  N  N    . GLU A 1 55  ? -3.63812  8.72315   6.27959   1.000 15.73514 ? 52  GLU A N    1 
ATOM   388  C  CA   . GLU A 1 55  ? -2.34451  8.48796   5.63601   1.000 17.76617 ? 52  GLU A CA   1 
ATOM   389  C  C    . GLU A 1 55  ? -2.36229  8.98852   4.19338   1.000 18.14910 ? 52  GLU A C    1 
ATOM   390  O  O    . GLU A 1 55  ? -1.40317  9.60326   3.73676   1.000 13.59780 ? 52  GLU A O    1 
ATOM   391  C  CB   . GLU A 1 55  ? -1.96914  7.00051   5.66237   1.000 22.13610 ? 52  GLU A CB   1 
ATOM   392  C  CG   . GLU A 1 55  ? -1.62884  6.44098   7.04057   1.000 24.61338 ? 52  GLU A CG   1 
ATOM   393  C  CD   . GLU A 1 55  ? -0.32325  6.97135   7.62475   1.000 28.14787 ? 52  GLU A CD   1 
ATOM   394  O  OE1  . GLU A 1 55  ? 0.49570   7.55933   6.88197   1.000 27.36254 ? 52  GLU A OE1  1 
ATOM   395  O  OE2  . GLU A 1 55  ? -0.11313  6.78830   8.84242   1.000 36.85847 ? 52  GLU A OE2  1 
ATOM   396  N  N    . LEU A 1 56  ? -3.46302  8.72412   3.48925   1.000 13.17793 ? 53  LEU A N    1 
ATOM   397  C  CA   . LEU A 1 56  ? -3.60193  9.13996   2.09963   1.000 11.81434 ? 53  LEU A CA   1 
ATOM   398  C  C    . LEU A 1 56  ? -3.51645  10.66044  1.96642   1.000 17.00947 ? 53  LEU A C    1 
ATOM   399  O  O    . LEU A 1 56  ? -2.74720  11.16594  1.15491   1.000 14.26586 ? 53  LEU A O    1 
ATOM   400  C  CB   . LEU A 1 56  ? -4.92557  8.64663   1.50756   1.000 14.79024 ? 53  LEU A CB   1 
ATOM   401  C  CG   . LEU A 1 56  ? -5.07036  9.07200   0.03473   1.000 18.17881 ? 53  LEU A CG   1 
ATOM   402  C  CD1  . LEU A 1 56  ? -4.08776  8.31466   -0.86073  1.000 18.24549 ? 53  LEU A CD1  1 
ATOM   403  C  CD2  . LEU A 1 56  ? -6.47220  8.87837   -0.46331  1.000 13.95310 ? 53  LEU A CD2  1 
ATOM   404  N  N    . GLN A 1 57  ? -4.29897  11.38401  2.76849   1.000 15.16981 ? 54  GLN A N    1 
ATOM   405  C  CA   . GLN A 1 57  ? -4.23754  12.85023  2.76114   1.000 13.38886 ? 54  GLN A CA   1 
ATOM   406  C  C    . GLN A 1 57  ? -2.85258  13.38099  3.08872   1.000 21.11414 ? 54  GLN A C    1 
ATOM   407  O  O    . GLN A 1 57  ? -2.33350  14.20077  2.35170   1.000 19.53941 ? 54  GLN A O    1 
ATOM   408  C  CB   . GLN A 1 57  ? -5.24423  13.45448  3.73842   1.000 20.57174 ? 54  GLN A CB   1 
ATOM   409  C  CG   . GLN A 1 57  ? -4.91859  14.91389  4.15458   1.000 30.99276 ? 54  GLN A CG   1 
ATOM   410  C  CD   . GLN A 1 57  ? -4.88989  15.91427  2.98765   1.000 26.47114 ? 54  GLN A CD   1 
ATOM   411  O  OE1  . GLN A 1 57  ? -3.92393  16.67490  2.83128   1.000 31.69428 ? 54  GLN A OE1  1 
ATOM   412  N  NE2  . GLN A 1 57  ? -5.95631  15.93368  2.18530   1.000 19.37928 ? 54  GLN A NE2  1 
ATOM   413  N  N    . GLU A 1 58  ? -2.25810  12.91138  4.18559   1.000 14.01735 ? 55  GLU A N    1 
ATOM   414  C  CA   . GLU A 1 58  ? -0.96568  13.43816  4.62854   1.000 25.68661 ? 55  GLU A CA   1 
ATOM   415  C  C    . GLU A 1 58  ? 0.12715   13.20693  3.59649   1.000 16.72028 ? 55  GLU A C    1 
ATOM   416  O  O    . GLU A 1 58  ? 0.97573   14.06934  3.37690   1.000 20.98391 ? 55  GLU A O    1 
ATOM   417  C  CB   . GLU A 1 58  ? -0.53709  12.80581  5.95970   1.000 20.07184 ? 55  GLU A CB   1 
ATOM   418  C  CG   . GLU A 1 58  ? -1.45209  13.06862  7.14163   1.000 30.21774 ? 55  GLU A CG   1 
ATOM   419  C  CD   . GLU A 1 58  ? -0.89837  12.44940  8.42004   1.000 32.13147 ? 55  GLU A CD   1 
ATOM   420  O  OE1  . GLU A 1 58  ? 0.13945   11.76216  8.33332   1.000 32.78468 ? 55  GLU A OE1  1 
ATOM   421  O  OE2  . GLU A 1 58  ? -1.48955  12.64304  9.49939   1.000 32.34031 ? 55  GLU A OE2  1 
ATOM   422  N  N    . GLU A 1 59  ? 0.10790   12.03616  2.96506   1.000 18.23045 ? 56  GLU A N    1 
ATOM   423  C  CA   . GLU A 1 59  ? 1.19806   11.63960  2.07661   1.000 16.38987 ? 56  GLU A CA   1 
ATOM   424  C  C    . GLU A 1 59  ? 0.98800   12.03137  0.60459   1.000 19.56183 ? 56  GLU A C    1 
ATOM   425  O  O    . GLU A 1 59  ? 1.96687   12.21104  -0.14013  1.000 19.91166 ? 56  GLU A O    1 
ATOM   426  C  CB   . GLU A 1 59  ? 1.42993   10.12039  2.18625   1.000 15.86486 ? 56  GLU A CB   1 
ATOM   427  C  CG   . GLU A 1 59  ? 1.87666   9.68147   3.58247   1.000 15.75282 ? 56  GLU A CG   1 
ATOM   428  C  CD   . GLU A 1 59  ? 2.39827   8.25841   3.61183   1.000 22.75997 ? 56  GLU A CD   1 
ATOM   429  O  OE1  . GLU A 1 59  ? 2.29548   7.54922   2.58428   1.000 13.93619 ? 56  GLU A OE1  1 
ATOM   430  O  OE2  . GLU A 1 59  ? 2.93805   7.85313   4.65948   1.000 35.74073 ? 56  GLU A OE2  1 
ATOM   431  N  N    . SER A 1 60  ? -0.27099  12.15952  0.18319   1.000 21.61214 ? 57  SER A N    1 
ATOM   432  C  CA   . SER A 1 60  ? -0.58307  12.43232  -1.23224  1.000 23.61564 ? 57  SER A CA   1 
ATOM   433  C  C    . SER A 1 60  ? -1.33713  13.73892  -1.46391  1.000 22.02553 ? 57  SER A C    1 
ATOM   434  O  O    . SER A 1 60  ? -1.38937  14.23220  -2.58406  1.000 22.48935 ? 57  SER A O    1 
ATOM   435  C  CB   . SER A 1 60  ? -1.39792  11.28440  -1.83192  1.000 12.90669 ? 57  SER A CB   1 
ATOM   436  O  OG   . SER A 1 60  ? -2.77950  11.45722  -1.59658  1.000 16.16415 ? 57  SER A OG   1 
ATOM   437  N  N    . GLY A 1 61  ? -1.93646  14.28332  -0.40855  1.000 23.45945 ? 58  GLY A N    1 
ATOM   438  C  CA   . GLY A 1 61  ? -2.65628  15.53637  -0.50703  1.000 15.93121 ? 58  GLY A CA   1 
ATOM   439  C  C    . GLY A 1 61  ? -4.08107  15.35311  -1.00264  1.000 27.69110 ? 58  GLY A C    1 
ATOM   440  O  O    . GLY A 1 61  ? -4.82129  16.32461  -1.13611  1.000 16.34810 ? 58  GLY A O    1 
ATOM   441  N  N    . LEU A 1 62  ? -4.46568  14.11009  -1.27907  1.000 22.61041 ? 59  LEU A N    1 
ATOM   442  C  CA   . LEU A 1 62  ? -5.80913  13.82179  -1.78333  1.000 17.03760 ? 59  LEU A CA   1 
ATOM   443  C  C    . LEU A 1 62  ? -6.80295  13.58085  -0.66729  1.000 26.34144 ? 59  LEU A C    1 
ATOM   444  O  O    . LEU A 1 62  ? -6.44365  13.07245  0.40689   1.000 19.79723 ? 59  LEU A O    1 
ATOM   445  C  CB   . LEU A 1 62  ? -5.80101  12.59927  -2.70213  1.000 21.91683 ? 59  LEU A CB   1 
ATOM   446  C  CG   . LEU A 1 62  ? -4.95727  12.61681  -3.97249  1.000 23.81293 ? 59  LEU A CG   1 
ATOM   447  C  CD1  . LEU A 1 62  ? -5.02537  11.24469  -4.64796  1.000 15.63388 ? 59  LEU A CD1  1 
ATOM   448  C  CD2  . LEU A 1 62  ? -5.42938  13.70925  -4.90742  1.000 22.82873 ? 59  LEU A CD2  1 
ATOM   449  N  N    . THR A 1 63  ? -8.05898  13.92916  -0.94526  1.000 16.58357 ? 60  THR A N    1 
ATOM   450  C  CA   . THR A 1 63  ? -9.18374  13.62563  -0.06579  1.000 13.56745 ? 60  THR A CA   1 
ATOM   451  C  C    . THR A 1 63  ? -9.98652  12.44916  -0.58720  1.000 25.52766 ? 60  THR A C    1 
ATOM   452  O  O    . THR A 1 63  ? -10.42198 12.44769  -1.74379  1.000 18.33587 ? 60  THR A O    1 
ATOM   453  C  CB   . THR A 1 63  ? -10.14404 14.81283  0.05888   1.000 21.80910 ? 60  THR A CB   1 
ATOM   454  O  OG1  . THR A 1 63  ? -9.42796  15.95283  0.53970   1.000 25.34580 ? 60  THR A OG1  1 
ATOM   455  C  CG2  . THR A 1 63  ? -11.27017 14.46867  1.01774   1.000 19.16910 ? 60  THR A CG2  1 
ATOM   456  N  N    . VAL A 1 64  ? -10.20132 11.45110  0.25674   1.000 27.97821 ? 61  VAL A N    1 
ATOM   457  C  CA   . VAL A 1 64  ? -10.96569 10.29118  -0.16628  1.000 26.15158 ? 61  VAL A CA   1 
ATOM   458  C  C    . VAL A 1 64  ? -12.20932 10.16923  0.70450   1.000 26.71554 ? 61  VAL A C    1 
ATOM   459  O  O    . VAL A 1 64  ? -12.14154 10.36625  1.92134   1.000 27.46468 ? 61  VAL A O    1 
ATOM   460  C  CB   . VAL A 1 64  ? -10.10531 8.97428   -0.09200  1.000 22.38153 ? 61  VAL A CB   1 
ATOM   461  C  CG1  . VAL A 1 64  ? -9.58582  8.72575   1.29971   1.000 21.70364 ? 61  VAL A CG1  1 
ATOM   462  C  CG2  . VAL A 1 64  ? -10.89738 7.76067   -0.54519  1.000 30.66082 ? 61  VAL A CG2  1 
ATOM   463  N  N    . ASP A 1 65  ? -13.34955 9.86777   0.09272   1.000 27.34126 ? 62  ASP A N    1 
ATOM   464  C  CA   . ASP A 1 65  ? -14.50136 9.47568   0.88779   1.000 42.22431 ? 62  ASP A CA   1 
ATOM   465  C  C    . ASP A 1 65  ? -14.54621 7.94548   1.04865   1.000 46.79685 ? 62  ASP A C    1 
ATOM   466  O  O    . ASP A 1 65  ? -14.17234 7.41837   2.10612   1.000 39.27445 ? 62  ASP A O    1 
ATOM   467  C  CB   . ASP A 1 65  ? -15.79222 10.00890  0.26572   1.000 35.63974 ? 62  ASP A CB   1 
ATOM   468  C  CG   . ASP A 1 65  ? -15.93204 11.52844  0.41366   1.000 63.12688 ? 62  ASP A CG   1 
ATOM   469  O  OD1  . ASP A 1 65  ? -15.20497 12.13772  1.23426   1.000 36.81688 ? 62  ASP A OD1  1 
ATOM   470  O  OD2  . ASP A 1 65  ? -16.77755 12.11677  -0.29132  1.000 75.44688 ? 62  ASP A OD2  1 
ATOM   471  N  N    . ALA A 1 66  ? -14.97652 7.24592   -0.00405  1.000 35.82239 ? 63  ALA A N    1 
ATOM   472  C  CA   . ALA A 1 66  ? -15.18104 5.79494   0.04158   1.000 35.36707 ? 63  ALA A CA   1 
ATOM   473  C  C    . ALA A 1 66  ? -13.86534 5.03324   -0.06053  1.000 25.24425 ? 63  ALA A C    1 
ATOM   474  O  O    . ALA A 1 66  ? -13.19527 5.08600   -1.09849  1.000 28.82515 ? 63  ALA A O    1 
ATOM   475  C  CB   . ALA A 1 66  ? -16.13746 5.35328   -1.08863  1.000 27.54713 ? 63  ALA A CB   1 
ATOM   476  N  N    . LEU A 1 67  ? -13.50467 4.32700   1.01020   1.000 23.51660 ? 64  LEU A N    1 
ATOM   477  C  CA   . LEU A 1 67  ? -12.38405 3.38240   0.97332   1.000 25.28721 ? 64  LEU A CA   1 
ATOM   478  C  C    . LEU A 1 67  ? -12.92633 1.96299   0.95629   1.000 23.71188 ? 64  LEU A C    1 
ATOM   479  O  O    . LEU A 1 67  ? -13.81089 1.63766   1.73711   1.000 30.83120 ? 64  LEU A O    1 
ATOM   480  C  CB   . LEU A 1 67  ? -11.46081 3.56059   2.18209   1.000 18.00455 ? 64  LEU A CB   1 
ATOM   481  C  CG   . LEU A 1 67  ? -10.45835 4.71687   2.17891   1.000 29.09229 ? 64  LEU A CG   1 
ATOM   482  C  CD1  . LEU A 1 67  ? -9.79768  4.85671   3.53549   1.000 24.50265 ? 64  LEU A CD1  1 
ATOM   483  C  CD2  . LEU A 1 67  ? -9.40256  4.51713   1.11131   1.000 15.14509 ? 64  LEU A CD2  1 
ATOM   484  N  N    . HIS A 1 68  ? -12.40376 1.12764   0.06742   1.000 14.78814 ? 65  HIS A N    1 
ATOM   485  C  CA   . HIS A 1 68  ? -12.79748 -0.27410  0.00724   1.000 24.80851 ? 65  HIS A CA   1 
ATOM   486  C  C    . HIS A 1 68  ? -11.66352 -1.17327  0.51156   1.000 22.97908 ? 65  HIS A C    1 
ATOM   487  O  O    . HIS A 1 68  ? -10.53476 -1.10071  0.00806   1.000 13.56875 ? 65  HIS A O    1 
ATOM   488  C  CB   . HIS A 1 68  ? -13.18173 -0.66399  -1.42877  1.000 17.19455 ? 65  HIS A CB   1 
ATOM   489  C  CG   . HIS A 1 68  ? -14.23722 0.21138   -2.02284  1.000 21.68164 ? 65  HIS A CG   1 
ATOM   490  N  ND1  . HIS A 1 68  ? -15.57475 0.09278   -1.69793  1.000 28.23201 ? 65  HIS A ND1  1 
ATOM   491  C  CD2  . HIS A 1 68  ? -14.15635 1.24600   -2.89292  1.000 38.82327 ? 65  HIS A CD2  1 
ATOM   492  C  CE1  . HIS A 1 68  ? -16.26756 1.00641   -2.34957  1.000 32.14170 ? 65  HIS A CE1  1 
ATOM   493  N  NE2  . HIS A 1 68  ? -15.43015 1.72105   -3.08449  1.000 36.86815 ? 65  HIS A NE2  1 
ATOM   494  N  N    . LYS A 1 69  ? -11.96514 -2.00863  1.50199   1.000 19.22918 ? 66  LYS A N    1 
ATOM   495  C  CA   . LYS A 1 69  ? -11.04301 -3.05793  1.93315   1.000 30.76233 ? 66  LYS A CA   1 
ATOM   496  C  C    . LYS A 1 69  ? -10.65580 -3.96087  0.76783   1.000 23.44724 ? 66  LYS A C    1 
ATOM   497  O  O    . LYS A 1 69  ? -11.52513 -4.48887  0.09049   1.000 21.90249 ? 66  LYS A O    1 
ATOM   498  C  CB   . LYS A 1 69  ? -11.66992 -3.92575  3.02372   1.000 32.38351 ? 66  LYS A CB   1 
ATOM   499  C  CG   . LYS A 1 69  ? -12.05280 -3.22969  4.31775   1.000 20.67602 ? 66  LYS A CG   1 
ATOM   500  C  CD   . LYS A 1 69  ? -12.48531 -4.30659  5.32355   1.000 25.01000 ? 66  LYS A CD   1 
ATOM   501  C  CE   . LYS A 1 69  ? -13.15390 -3.72750  6.55354   1.000 51.13235 ? 66  LYS A CE   1 
ATOM   502  N  NZ   . LYS A 1 69  ? -13.51501 -4.81164  7.52312   1.000 51.01303 ? 66  LYS A NZ   1 
ATOM   503  N  N    . VAL A 1 70  ? -9.36493  -4.17182  0.52955   1.000 14.12255 ? 67  VAL A N    1 
ATOM   504  C  CA   . VAL A 1 70  ? -9.01877  -5.12279  -0.52064  1.000 18.66054 ? 67  VAL A CA   1 
ATOM   505  C  C    . VAL A 1 70  ? -8.11975  -6.27370  -0.06737  1.000 17.14989 ? 67  VAL A C    1 
ATOM   506  O  O    . VAL A 1 70  ? -8.08735  -7.31998  -0.71563  1.000 17.09342 ? 67  VAL A O    1 
ATOM   507  C  CB   . VAL A 1 70  ? -8.36407  -4.41416  -1.73602  1.000 25.84188 ? 67  VAL A CB   1 
ATOM   508  C  CG1  . VAL A 1 70  ? -9.43379  -3.73221  -2.56864  1.000 31.60037 ? 67  VAL A CG1  1 
ATOM   509  C  CG2  . VAL A 1 70  ? -7.32660  -3.41020  -1.29060  1.000 26.40628 ? 67  VAL A CG2  1 
ATOM   510  N  N    . GLY A 1 71  ? -7.39624  -6.10579  1.03013   1.000 14.27986 ? 68  GLY A N    1 
ATOM   511  C  CA   . GLY A 1 71  ? -6.56455  -7.19606  1.49887   1.000 17.22720 ? 68  GLY A CA   1 
ATOM   512  C  C    . GLY A 1 71  ? -5.91214  -6.97436  2.83995   1.000 17.08484 ? 68  GLY A C    1 
ATOM   513  O  O    . GLY A 1 71  ? -5.92737  -5.86865  3.36385   1.000 11.35131 ? 68  GLY A O    1 
ATOM   514  N  N    . GLN A 1 72  ? -5.36084  -8.04479  3.40245   1.000 12.97827 ? 69  GLN A N    1 
ATOM   515  C  CA   . GLN A 1 72  ? -4.51946  -7.94819  4.58657   1.000 10.19284 ? 69  GLN A CA   1 
ATOM   516  C  C    . GLN A 1 72  ? -3.23584  -8.69771  4.31534   1.000 11.71182 ? 69  GLN A C    1 
ATOM   517  O  O    . GLN A 1 72  ? -3.26897  -9.85387  3.87450   1.000 14.03443 ? 69  GLN A O    1 
ATOM   518  C  CB   . GLN A 1 72  ? -5.22956  -8.52422  5.81727   1.000 10.08248 ? 69  GLN A CB   1 
ATOM   519  C  CG   . GLN A 1 72  ? -4.35222  -8.60058  7.05224   1.000 21.90602 ? 69  GLN A CG   1 
ATOM   520  C  CD   . GLN A 1 72  ? -5.14479  -8.98419  8.28844   1.000 35.66177 ? 69  GLN A CD   1 
ATOM   521  O  OE1  . GLN A 1 72  ? -6.33604  -9.28600  8.20216   1.000 49.00309 ? 69  GLN A OE1  1 
ATOM   522  N  NE2  . GLN A 1 72  ? -4.49230  -8.95901  9.44686   1.000 33.86022 ? 69  GLN A NE2  1 
ATOM   523  N  N    . ILE A 1 73  ? -2.10372  -8.03792  4.54249   1.000 10.54643 ? 70  ILE A N    1 
ATOM   524  C  CA   . ILE A 1 73  ? -0.81277  -8.68936  4.37728   1.000 10.04790 ? 70  ILE A CA   1 
ATOM   525  C  C    . ILE A 1 73  ? -0.00460  -8.58763  5.66315   1.000 15.51919 ? 70  ILE A C    1 
ATOM   526  O  O    . ILE A 1 73  ? 0.10645   -7.52037  6.23957   1.000 11.26616 ? 70  ILE A O    1 
ATOM   527  C  CB   . ILE A 1 73  ? 0.01678   -8.07584  3.22734   1.000 9.83775  ? 70  ILE A CB   1 
ATOM   528  C  CG1  . ILE A 1 73  ? -0.81110  -7.98511  1.95291   1.000 13.08470 ? 70  ILE A CG1  1 
ATOM   529  C  CG2  . ILE A 1 73  ? 1.25086   -8.91469  2.98053   1.000 10.80115 ? 70  ILE A CG2  1 
ATOM   530  C  CD1  . ILE A 1 73  ? -0.12630  -7.27922  0.82833   1.000 20.19279 ? 70  ILE A CD1  1 
ATOM   531  N  N    . VAL A 1 74  ? 0.57575   -9.69397  6.10891   1.000 12.61925 ? 71  VAL A N    1 
ATOM   532  C  CA   . VAL A 1 74  ? 1.48460   -9.61542  7.23195   1.000 12.88137 ? 71  VAL A CA   1 
ATOM   533  C  C    . VAL A 1 74  ? 2.91694   -9.72688  6.73466   1.000 17.43908 ? 71  VAL A C    1 
ATOM   534  O  O    . VAL A 1 74  ? 3.24348   -10.63660 5.96659   1.000 15.38280 ? 71  VAL A O    1 
ATOM   535  C  CB   . VAL A 1 74  ? 1.20092   -10.70932 8.27308   1.000 16.55825 ? 71  VAL A CB   1 
ATOM   536  C  CG1  . VAL A 1 74  ? 2.32377   -10.76889 9.31530   1.000 19.00635 ? 71  VAL A CG1  1 
ATOM   537  C  CG2  . VAL A 1 74  ? -0.14307  -10.45165 8.93888   1.000 16.67495 ? 71  VAL A CG2  1 
ATOM   538  N  N    . PHE A 1 75  ? 3.77388   -8.80195  7.15691   1.000 9.98814  ? 72  PHE A N    1 
ATOM   539  C  CA   . PHE A 1 75  ? 5.18687   -8.86969  6.77640   1.000 11.38723 ? 72  PHE A CA   1 
ATOM   540  C  C    . PHE A 1 75  ? 6.08074   -9.24842  7.94109   1.000 12.58970 ? 72  PHE A C    1 
ATOM   541  O  O    . PHE A 1 75  ? 5.97331   -8.68913  9.03393   1.000 13.54703 ? 72  PHE A O    1 
ATOM   542  C  CB   . PHE A 1 75  ? 5.65989   -7.54428  6.17555   1.000 10.80242 ? 72  PHE A CB   1 
ATOM   543  C  CG   . PHE A 1 75  ? 4.97381   -7.19823  4.88309   1.000 10.54432 ? 72  PHE A CG   1 
ATOM   544  C  CD1  . PHE A 1 75  ? 5.27142   -7.88975  3.72525   1.000 13.23328 ? 72  PHE A CD1  1 
ATOM   545  C  CD2  . PHE A 1 75  ? 4.00883   -6.21736  4.83526   1.000 12.34067 ? 72  PHE A CD2  1 
ATOM   546  C  CE1  . PHE A 1 75  ? 4.62170   -7.59573  2.52456   1.000 14.24387 ? 72  PHE A CE1  1 
ATOM   547  C  CE2  . PHE A 1 75  ? 3.36145   -5.91857  3.64038   1.000 10.16626 ? 72  PHE A CE2  1 
ATOM   548  C  CZ   . PHE A 1 75  ? 3.67059   -6.60349  2.49425   1.000 10.47790 ? 72  PHE A CZ   1 
ATOM   549  N  N    . GLU A 1 76  ? 6.96357   -10.20671 7.68828   1.000 11.46381 ? 73  GLU A N    1 
ATOM   550  C  CA   . GLU A 1 76  ? 7.96755   -10.61633 8.65227   1.000 15.71560 ? 73  GLU A CA   1 
ATOM   551  C  C    . GLU A 1 76  ? 9.35855   -10.30299 8.11502   1.000 9.22802  ? 73  GLU A C    1 
ATOM   552  O  O    . GLU A 1 76  ? 9.69381   -10.67953 6.99275   1.000 17.98144 ? 73  GLU A O    1 
ATOM   553  C  CB   . GLU A 1 76  ? 7.85203   -12.10802 8.95865   1.000 11.22044 ? 73  GLU A CB   1 
ATOM   554  C  CG   . GLU A 1 76  ? 8.85643   -12.56159 10.00044  1.000 11.82343 ? 73  GLU A CG   1 
ATOM   555  C  CD   . GLU A 1 76  ? 8.91437   -14.06644 10.14358  1.000 17.86739 ? 73  GLU A CD   1 
ATOM   556  O  OE1  . GLU A 1 76  ? 7.87715   -14.74065 9.93430   1.000 20.62707 ? 73  GLU A OE1  1 
ATOM   557  O  OE2  . GLU A 1 76  ? 10.01070  -14.57010 10.44215  1.000 23.59551 ? 73  GLU A OE2  1 
ATOM   558  N  N    . PHE A 1 77  ? 10.15051  -9.58859  8.90151   1.000 12.43659 ? 74  PHE A N    1 
ATOM   559  C  CA   . PHE A 1 77  ? 11.54854  -9.36877  8.58123   1.000 10.91630 ? 74  PHE A CA   1 
ATOM   560  C  C    . PHE A 1 77  ? 12.34306  -10.22347 9.55605   1.000 16.88942 ? 74  PHE A C    1 
ATOM   561  O  O    . PHE A 1 77  ? 12.20377  -10.04827 10.76607  1.000 12.98657 ? 74  PHE A O    1 
ATOM   562  C  CB   . PHE A 1 77  ? 11.90663  -7.88886  8.69616   1.000 16.47294 ? 74  PHE A CB   1 
ATOM   563  C  CG   . PHE A 1 77  ? 11.28076  -7.03875  7.63461   1.000 14.57635 ? 74  PHE A CG   1 
ATOM   564  C  CD1  . PHE A 1 77  ? 10.06724  -6.39897  7.86131   1.000 18.11394 ? 74  PHE A CD1  1 
ATOM   565  C  CD2  . PHE A 1 77  ? 11.90023  -6.89027  6.39908   1.000 17.79290 ? 74  PHE A CD2  1 
ATOM   566  C  CE1  . PHE A 1 77  ? 9.48466   -5.62016  6.86524   1.000 18.79830 ? 74  PHE A CE1  1 
ATOM   567  C  CE2  . PHE A 1 77  ? 11.33532  -6.10914  5.40153   1.000 15.17546 ? 74  PHE A CE2  1 
ATOM   568  C  CZ   . PHE A 1 77  ? 10.11309  -5.47362  5.64212   1.000 21.47554 ? 74  PHE A CZ   1 
ATOM   569  N  N    . VAL A 1 78  ? 13.12492  -11.18263 9.05064   1.000 9.01213  ? 75  VAL A N    1 
ATOM   570  C  CA   . VAL A 1 78  ? 13.79531  -12.11715 9.94834   1.000 17.12247 ? 75  VAL A CA   1 
ATOM   571  C  C    . VAL A 1 78  ? 14.76518  -11.31420 10.79768  1.000 19.15123 ? 75  VAL A C    1 
ATOM   572  O  O    . VAL A 1 78  ? 15.48509  -10.46026 10.28668  1.000 21.41490 ? 75  VAL A O    1 
ATOM   573  C  CB   . VAL A 1 78  ? 14.54796  -13.27549 9.20169   1.000 22.20598 ? 75  VAL A CB   1 
ATOM   574  C  CG1  . VAL A 1 78  ? 13.55524  -14.20227 8.51023   1.000 26.66113 ? 75  VAL A CG1  1 
ATOM   575  C  CG2  . VAL A 1 78  ? 15.56062  -12.73040 8.20799   1.000 22.89306 ? 75  VAL A CG2  1 
ATOM   576  N  N    . GLY A 1 79  ? 14.72813  -11.54686 12.10337  1.000 26.22164 ? 76  GLY A N    1 
ATOM   577  C  CA   . GLY A 1 79  ? 15.58903  -10.82211 13.02263  1.000 25.23097 ? 76  GLY A CA   1 
ATOM   578  C  C    . GLY A 1 79  ? 14.93541  -9.58413  13.60910  1.000 32.99700 ? 76  GLY A C    1 
ATOM   579  O  O    . GLY A 1 79  ? 15.53976  -8.87439  14.41523  1.000 29.75912 ? 76  GLY A O    1 
ATOM   580  N  N    . GLU A 1 80  ? 13.70802  -9.30456  13.19049  1.000 17.12546 ? 77  GLU A N    1 
ATOM   581  C  CA   . GLU A 1 80  ? 12.96498  -8.18743  13.76270  1.000 16.92146 ? 77  GLU A CA   1 
ATOM   582  C  C    . GLU A 1 80  ? 11.73547  -8.76428  14.43828  1.000 17.41221 ? 77  GLU A C    1 
ATOM   583  O  O    . GLU A 1 80  ? 10.93432  -9.43279  13.78749  1.000 20.28812 ? 77  GLU A O    1 
ATOM   584  C  CB   . GLU A 1 80  ? 12.57836  -7.15514  12.69605  1.000 23.17005 ? 77  GLU A CB   1 
ATOM   585  C  CG   . GLU A 1 80  ? 13.78415  -6.54815  11.95860  1.000 32.21197 ? 77  GLU A CG   1 
ATOM   586  C  CD   . GLU A 1 80  ? 13.42854  -5.34632  11.08131  1.000 50.94593 ? 77  GLU A CD   1 
ATOM   587  O  OE1  . GLU A 1 80  ? 12.25917  -4.89914  11.10639  1.000 43.89538 ? 77  GLU A OE1  1 
ATOM   588  O  OE2  . GLU A 1 80  ? 14.32900  -4.84573  10.36416  1.000 39.54206 ? 77  GLU A OE2  1 
ATOM   589  N  N    . PRO A 1 81  ? 11.59745  -8.53679  15.75221  1.000 17.58154 ? 78  PRO A N    1 
ATOM   590  C  CA   . PRO A 1 81  ? 10.47621  -9.11762  16.49841  1.000 18.54288 ? 78  PRO A CA   1 
ATOM   591  C  C    . PRO A 1 81  ? 9.10266   -8.65705  16.01649  1.000 19.70527 ? 78  PRO A C    1 
ATOM   592  O  O    . PRO A 1 81  ? 8.16697   -9.45621  16.04373  1.000 17.26080 ? 78  PRO A O    1 
ATOM   593  C  CB   . PRO A 1 81  ? 10.72655  -8.64280  17.94272  1.000 22.65505 ? 78  PRO A CB   1 
ATOM   594  C  CG   . PRO A 1 81  ? 11.71077  -7.53581  17.83406  1.000 32.89442 ? 78  PRO A CG   1 
ATOM   595  C  CD   . PRO A 1 81  ? 12.56105  -7.87631  16.65047  1.000 20.35319 ? 78  PRO A CD   1 
ATOM   596  N  N    . GLU A 1 82  ? 8.97811   -7.40740  15.58377  1.000 18.12922 ? 79  GLU A N    1 
ATOM   597  C  CA   . GLU A 1 82  ? 7.65576   -6.87676  15.27311  1.000 13.31639 ? 79  GLU A CA   1 
ATOM   598  C  C    . GLU A 1 82  ? 7.19869   -7.20835  13.85146  1.000 13.34901 ? 79  GLU A C    1 
ATOM   599  O  O    . GLU A 1 82  ? 7.89704   -6.93653  12.88232  1.000 19.04718 ? 79  GLU A O    1 
ATOM   600  C  CB   . GLU A 1 82  ? 7.63338   -5.36620  15.50373  1.000 25.73036 ? 79  GLU A CB   1 
ATOM   601  C  CG   . GLU A 1 82  ? 6.23612   -4.80342  15.71968  1.000 37.96162 ? 79  GLU A CG   1 
ATOM   602  C  CD   . GLU A 1 82  ? 5.60971   -5.28187  17.02153  1.000 51.35628 ? 79  GLU A CD   1 
ATOM   603  O  OE1  . GLU A 1 82  ? 6.36571   -5.58803  17.96889  1.000 50.31293 ? 79  GLU A OE1  1 
ATOM   604  O  OE2  . GLU A 1 82  ? 4.36209   -5.36064  17.09475  1.000 51.53954 ? 79  GLU A OE2  1 
ATOM   605  N  N    . LEU A 1 83  ? 6.02325   -7.82156  13.75163  1.000 15.72036 ? 80  LEU A N    1 
ATOM   606  C  CA   . LEU A 1 83  ? 5.36645   -8.09511  12.47591  1.000 12.59944 ? 80  LEU A CA   1 
ATOM   607  C  C    . LEU A 1 83  ? 4.54561   -6.88575  12.01740  1.000 21.15972 ? 80  LEU A C    1 
ATOM   608  O  O    . LEU A 1 83  ? 3.98688   -6.16494  12.84635  1.000 16.20904 ? 80  LEU A O    1 
ATOM   609  C  CB   . LEU A 1 83  ? 4.43645   -9.30777  12.59732  1.000 12.70397 ? 80  LEU A CB   1 
ATOM   610  C  CG   . LEU A 1 83  ? 4.97614   -10.66154 13.04202  1.000 13.76729 ? 80  LEU A CG   1 
ATOM   611  C  CD1  . LEU A 1 83  ? 3.83461   -11.68467 13.00690  1.000 14.61908 ? 80  LEU A CD1  1 
ATOM   612  C  CD2  . LEU A 1 83  ? 6.09845   -11.09570 12.12388  1.000 12.94204 ? 80  LEU A CD2  1 
ATOM   613  N  N    . MET A 1 84  ? 4.47557   -6.66726  10.70768  1.000 12.38743 ? 81  MET A N    1 
ATOM   614  C  CA   . MET A 1 84  ? 3.62791   -5.62020  10.14253  1.000 12.96870 ? 81  MET A CA   1 
ATOM   615  C  C    . MET A 1 84  ? 2.29607   -6.21393  9.73119   1.000 11.03896 ? 81  MET A C    1 
ATOM   616  O  O    . MET A 1 84  ? 2.25279   -7.12194  8.90940   1.000 15.71520 ? 81  MET A O    1 
ATOM   617  C  CB   . MET A 1 84  ? 4.28207   -4.96923  8.91856   1.000 13.46906 ? 81  MET A CB   1 
ATOM   618  C  CG   . MET A 1 84  ? 5.54811   -4.19435  9.20055   1.000 13.46692 ? 81  MET A CG   1 
ATOM   619  S  SD   . MET A 1 84  ? 6.25522   -3.54842  7.66666   1.000 15.08046 ? 81  MET A SD   1 
ATOM   620  C  CE   . MET A 1 84  ? 5.09815   -2.22249  7.28547   1.000 12.84146 ? 81  MET A CE   1 
ATOM   621  N  N    . ASP A 1 85  ? 1.21280   -5.71281  10.30347  1.000 15.75287 ? 82  ASP A N    1 
ATOM   622  C  CA   . ASP A 1 85  ? -0.12299  -6.17426  9.95642   1.000 12.61345 ? 82  ASP A CA   1 
ATOM   623  C  C    . ASP A 1 85  ? -0.79191  -5.10240  9.09452   1.000 18.16529 ? 82  ASP A C    1 
ATOM   624  O  O    . ASP A 1 85  ? -1.33202  -4.11054  9.60350   1.000 14.28267 ? 82  ASP A O    1 
ATOM   625  C  CB   . ASP A 1 85  ? -0.92278  -6.48088  11.23578  1.000 15.19444 ? 82  ASP A CB   1 
ATOM   626  C  CG   . ASP A 1 85  ? -2.34504  -6.95496  10.95795  1.000 22.76009 ? 82  ASP A CG   1 
ATOM   627  O  OD1  . ASP A 1 85  ? -2.66133  -7.30493  9.80083   1.000 23.03470 ? 82  ASP A OD1  1 
ATOM   628  O  OD2  . ASP A 1 85  ? -3.15363  -6.98567  11.91931  1.000 22.91446 ? 82  ASP A OD2  1 
ATOM   629  N  N    . VAL A 1 86  ? -0.74085  -5.30545  7.77948   1.000 10.17408 ? 83  VAL A N    1 
ATOM   630  C  CA   . VAL A 1 86  ? -1.05020  -4.23544  6.85199   1.000 12.34791 ? 83  VAL A CA   1 
ATOM   631  C  C    . VAL A 1 86  ? -2.42711  -4.41084  6.24826   1.000 11.31376 ? 83  VAL A C    1 
ATOM   632  O  O    . VAL A 1 86  ? -2.69179  -5.39762  5.56756   1.000 17.22867 ? 83  VAL A O    1 
ATOM   633  C  CB   . VAL A 1 86  ? -0.02539  -4.14442  5.70232   1.000 9.18173  ? 83  VAL A CB   1 
ATOM   634  C  CG1  . VAL A 1 86  ? -0.37760  -2.98435  4.82017   1.000 10.69237 ? 83  VAL A CG1  1 
ATOM   635  C  CG2  . VAL A 1 86  ? 1.40724   -3.95972  6.25350   1.000 10.78740 ? 83  VAL A CG2  1 
ATOM   636  N  N    . HIS A 1 87  ? -3.29759  -3.45330  6.52626   1.000 14.87099 ? 84  HIS A N    1 
ATOM   637  C  CA   . HIS A 1 87  ? -4.63172  -3.43675  5.96442   1.000 15.74383 ? 84  HIS A CA   1 
ATOM   638  C  C    . HIS A 1 87  ? -4.63604  -2.58665  4.69449   1.000 16.33779 ? 84  HIS A C    1 
ATOM   639  O  O    . HIS A 1 87  ? -4.36230  -1.38267  4.72240   1.000 11.65501 ? 84  HIS A O    1 
ATOM   640  C  CB   . HIS A 1 87  ? -5.63413  -2.93387  7.00895   1.000 13.13824 ? 84  HIS A CB   1 
ATOM   641  C  CG   . HIS A 1 87  ? -5.84986  -3.90336  8.13175   1.000 22.94198 ? 84  HIS A CG   1 
ATOM   642  N  ND1  . HIS A 1 87  ? -7.08515  -4.43142  8.43935   1.000 16.11325 ? 84  HIS A ND1  1 
ATOM   643  C  CD2  . HIS A 1 87  ? -4.97769  -4.46291  9.00303   1.000 17.69627 ? 84  HIS A CD2  1 
ATOM   644  C  CE1  . HIS A 1 87  ? -6.96681  -5.26564  9.45718   1.000 12.05661 ? 84  HIS A CE1  1 
ATOM   645  N  NE2  . HIS A 1 87  ? -5.69515  -5.31025  9.81163   1.000 20.09610 ? 84  HIS A NE2  1 
ATOM   646  N  N    . VAL A 1 88  ? -4.91280  -3.24982  3.57616   1.000 15.73483 ? 85  VAL A N    1 
ATOM   647  C  CA   . VAL A 1 88  ? -4.84311  -2.62016  2.26199   1.000 12.67902 ? 85  VAL A CA   1 
ATOM   648  C  C    . VAL A 1 88  ? -6.22832  -2.16867  1.81109   1.000 13.86589 ? 85  VAL A C    1 
ATOM   649  O  O    . VAL A 1 88  ? -7.21794  -2.89738  1.96894   1.000 13.53177 ? 85  VAL A O    1 
ATOM   650  C  CB   . VAL A 1 88  ? -4.23625  -3.56877  1.21128   1.000 8.13459  ? 85  VAL A CB   1 
ATOM   651  C  CG1  . VAL A 1 88  ? -4.01044  -2.83817  -0.12369  1.000 9.14939  ? 85  VAL A CG1  1 
ATOM   652  C  CG2  . VAL A 1 88  ? -2.92340  -4.16457  1.74141   1.000 8.69128  ? 85  VAL A CG2  1 
ATOM   653  N  N    . PHE A 1 89  ? -6.27600  -0.95237  1.27104   1.000 13.32123 ? 86  PHE A N    1 
ATOM   654  C  CA   . PHE A 1 89  ? -7.51205  -0.33703  0.82061   1.000 14.72490 ? 86  PHE A CA   1 
ATOM   655  C  C    . PHE A 1 89  ? -7.39360  0.16536   -0.60332  1.000 16.00961 ? 86  PHE A C    1 
ATOM   656  O  O    . PHE A 1 89  ? -6.30712  0.55343   -1.05206  1.000 10.50036 ? 86  PHE A O    1 
ATOM   657  C  CB   . PHE A 1 89  ? -7.89864  0.84164   1.71484   1.000 13.95201 ? 86  PHE A CB   1 
ATOM   658  C  CG   . PHE A 1 89  ? -8.29509  0.45721   3.09255   1.000 14.50685 ? 86  PHE A CG   1 
ATOM   659  C  CD1  . PHE A 1 89  ? -7.34072  0.24870   4.07216   1.000 16.37757 ? 86  PHE A CD1  1 
ATOM   660  C  CD2  . PHE A 1 89  ? -9.64178  0.29861   3.41570   1.000 14.44951 ? 86  PHE A CD2  1 
ATOM   661  C  CE1  . PHE A 1 89  ? -7.71681  -0.11235  5.35579   1.000 15.59477 ? 86  PHE A CE1  1 
ATOM   662  C  CE2  . PHE A 1 89  ? -10.02323 -0.06889  4.69588   1.000 18.78499 ? 86  PHE A CE2  1 
ATOM   663  C  CZ   . PHE A 1 89  ? -9.05866  -0.26446  5.67325   1.000 15.27788 ? 86  PHE A CZ   1 
ATOM   664  N  N    . CYS A 1 90  ? -8.51281  0.19619   -1.31644  1.000 13.52259 ? 87  CYS A N    1 
ATOM   665  C  CA   A CYS A 1 90  ? -8.54828  0.78546   -2.65213  0.306 15.16635 ? 87  CYS A CA   1 
ATOM   666  C  CA   C CYS A 1 90  ? -8.50716  0.83330   -2.62479  0.694 15.07025 ? 87  CYS A CA   1 
ATOM   667  C  C    . CYS A 1 90  ? -9.60332  1.88437   -2.72781  1.000 17.91619 ? 87  CYS A C    1 
ATOM   668  O  O    . CYS A 1 90  ? -10.57498 1.86387   -1.97356  1.000 19.30107 ? 87  CYS A O    1 
ATOM   669  C  CB   A CYS A 1 90  ? -8.83129  -0.27768  -3.70580  0.306 17.91084 ? 87  CYS A CB   1 
ATOM   670  C  CB   C CYS A 1 90  ? -8.65225  -0.20252  -3.73232  0.694 17.85288 ? 87  CYS A CB   1 
ATOM   671  S  SG   A CYS A 1 90  ? -7.68642  -0.21750  -5.09407  0.306 25.04185 ? 87  CYS A SG   1 
ATOM   672  S  SG   C CYS A 1 90  ? -10.34733 -0.61677  -4.13578  0.694 27.51413 ? 87  CYS A SG   1 
ATOM   673  N  N    . THR A 1 91  ? -9.41657  2.84196   -3.62911  1.000 16.35148 ? 88  THR A N    1 
ATOM   674  C  CA   . THR A 1 91  ? -10.43768 3.85051   -3.86355  1.000 20.56474 ? 88  THR A CA   1 
ATOM   675  C  C    . THR A 1 91  ? -10.34738 4.33878   -5.29048  1.000 22.97090 ? 88  THR A C    1 
ATOM   676  O  O    . THR A 1 91  ? -9.26680  4.35362   -5.88624  1.000 22.96602 ? 88  THR A O    1 
ATOM   677  C  CB   . THR A 1 91  ? -10.31293 5.06026   -2.89417  1.000 22.86353 ? 88  THR A CB   1 
ATOM   678  O  OG1  . THR A 1 91  ? -11.29352 6.05587   -3.22509  1.000 25.46329 ? 88  THR A OG1  1 
ATOM   679  C  CG2  . THR A 1 91  ? -8.92654  5.67755   -2.97345  1.000 21.72966 ? 88  THR A CG2  1 
ATOM   680  N  N    . ASP A 1 92  ? -11.49300 4.74237   -5.82614  1.000 24.65331 ? 89  ASP A N    1 
ATOM   681  C  CA   . ASP A 1 92  ? -11.57288 5.28525   -7.16907  1.000 30.29838 ? 89  ASP A CA   1 
ATOM   682  C  C    . ASP A 1 92  ? -11.97926 6.75085   -7.07842  1.000 42.19509 ? 89  ASP A C    1 
ATOM   683  O  O    . ASP A 1 92  ? -11.65528 7.55991   -7.94806  1.000 49.02518 ? 89  ASP A O    1 
ATOM   684  C  CB   . ASP A 1 92  ? -12.57227 4.48431   -8.00577  1.000 27.12803 ? 89  ASP A CB   1 
ATOM   685  C  CG   . ASP A 1 92  ? -12.62517 4.93525   -9.45018  1.000 46.17094 ? 89  ASP A CG   1 
ATOM   686  O  OD1  . ASP A 1 92  ? -11.72785 5.69135   -9.88398  1.000 53.38116 ? 89  ASP A OD1  1 
ATOM   687  O  OD2  . ASP A 1 92  ? -13.57004 4.52494   -10.15832 1.000 71.26165 ? 89  ASP A OD2  1 
ATOM   688  N  N    . SER A 1 93  ? -12.66482 7.08715   -5.99359  1.000 36.09279 ? 90  SER A N    1 
ATOM   689  C  CA   . SER A 1 93  ? -13.22147 8.41818   -5.81320  1.000 32.70332 ? 90  SER A CA   1 
ATOM   690  C  C    . SER A 1 93  ? -12.33958 9.29009   -4.93912  1.000 23.67843 ? 90  SER A C    1 
ATOM   691  O  O    . SER A 1 93  ? -12.33642 9.15023   -3.71871  1.000 23.02826 ? 90  SER A O    1 
ATOM   692  C  CB   . SER A 1 93  ? -14.61829 8.32768   -5.19522  1.000 33.31058 ? 90  SER A CB   1 
ATOM   693  O  OG   . SER A 1 93  ? -14.55748 7.77630   -3.88965  1.000 46.23952 ? 90  SER A OG   1 
ATOM   694  N  N    . ILE A 1 94  ? -11.60575 10.19915  -5.56780  1.000 24.38154 ? 91  ILE A N    1 
ATOM   695  C  CA   A ILE A 1 94  ? -10.75600 11.13530  -4.84133  0.751 28.54400 ? 91  ILE A CA   1 
ATOM   696  C  CA   B ILE A 1 94  ? -10.75833 11.13595  -4.84007  0.249 28.44879 ? 91  ILE A CA   1 
ATOM   697  C  C    . ILE A 1 94  ? -11.15108 12.58769  -5.10695  1.000 25.87268 ? 91  ILE A C    1 
ATOM   698  O  O    . ILE A 1 94  ? -11.88072 12.88180  -6.04453  1.000 25.38835 ? 91  ILE A O    1 
ATOM   699  C  CB   A ILE A 1 94  ? -9.27561  10.96769  -5.21908  0.751 28.74150 ? 91  ILE A CB   1 
ATOM   700  C  CB   B ILE A 1 94  ? -9.27609  10.95817  -5.21173  0.249 28.61654 ? 91  ILE A CB   1 
ATOM   701  C  CG1  A ILE A 1 94  ? -9.12868  10.91359  -6.74262  0.751 25.52769 ? 91  ILE A CG1  1 
ATOM   702  C  CG1  B ILE A 1 94  ? -9.11180  10.96257  -6.73398  0.249 25.57350 ? 91  ILE A CG1  1 
ATOM   703  C  CG2  A ILE A 1 94  ? -8.68861  9.72885   -4.57983  0.751 27.52306 ? 91  ILE A CG2  1 
ATOM   704  C  CG2  B ILE A 1 94  ? -8.72587  9.67511   -4.62280  0.249 27.49310 ? 91  ILE A CG2  1 
ATOM   705  C  CD1  A ILE A 1 94  ? -7.74280  11.24100  -7.22964  0.751 24.64421 ? 91  ILE A CD1  1 
ATOM   706  C  CD1  B ILE A 1 94  ? -7.68417  11.12412  -7.19520  0.249 24.74018 ? 91  ILE A CD1  1 
ATOM   707  N  N    . GLN A 1 95  ? -10.65453 13.48961  -4.27141  1.000 20.76346 ? 92  GLN A N    1 
ATOM   708  C  CA   . GLN A 1 95  ? -10.77295 14.91519  -4.51980  1.000 19.10164 ? 92  GLN A CA   1 
ATOM   709  C  C    . GLN A 1 95  ? -9.41160  15.53477  -4.29349  1.000 33.28057 ? 92  GLN A C    1 
ATOM   710  O  O    . GLN A 1 95  ? -8.64909  15.07423  -3.44261  1.000 20.04668 ? 92  GLN A O    1 
ATOM   711  C  CB   . GLN A 1 95  ? -11.80564 15.57043  -3.60689  1.000 17.78381 ? 92  GLN A CB   1 
ATOM   712  C  CG   . GLN A 1 95  ? -13.23095 15.29392  -4.02291  1.000 19.59897 ? 92  GLN A CG   1 
ATOM   713  C  CD   . GLN A 1 95  ? -14.20938 15.81463  -3.00281  1.000 20.05633 ? 92  GLN A CD   1 
ATOM   714  O  OE1  . GLN A 1 95  ? -14.48757 15.15143  -2.01272  1.000 21.73268 ? 92  GLN A OE1  1 
ATOM   715  N  NE2  . GLN A 1 95  ? -14.73254 17.01429  -3.23458  1.000 21.59612 ? 92  GLN A NE2  1 
ATOM   716  N  N    . GLY A 1 96  ? -9.11715  16.58812  -5.04278  1.000 19.08094 ? 93  GLY A N    1 
ATOM   717  C  CA   . GLY A 1 96  ? -7.81629  17.21258  -4.97638  1.000 22.59345 ? 93  GLY A CA   1 
ATOM   718  C  C    . GLY A 1 96  ? -6.91676  16.70054  -6.08281  1.000 20.44638 ? 93  GLY A C    1 
ATOM   719  O  O    . GLY A 1 96  ? -7.29638  15.83228  -6.86562  1.000 21.91700 ? 93  GLY A O    1 
ATOM   720  N  N    . THR A 1 97  ? -5.72530  17.27125  -6.15983  1.000 18.80698 ? 94  THR A N    1 
ATOM   721  C  CA   . THR A 1 97  ? -4.70757  16.80299  -7.08072  1.000 19.71288 ? 94  THR A CA   1 
ATOM   722  C  C    . THR A 1 97  ? -3.51395  16.39952  -6.24089  1.000 21.07669 ? 94  THR A C    1 
ATOM   723  O  O    . THR A 1 97  ? -3.26037  17.02432  -5.21701  1.000 20.51660 ? 94  THR A O    1 
ATOM   724  C  CB   . THR A 1 97  ? -4.32453  17.88538  -8.08688  1.000 22.76316 ? 94  THR A CB   1 
ATOM   725  O  OG1  . THR A 1 97  ? -3.97479  19.07364  -7.37242  1.000 33.87236 ? 94  THR A OG1  1 
ATOM   726  C  CG2  . THR A 1 97  ? -5.50258  18.19812  -9.00424  1.000 30.80812 ? 94  THR A CG2  1 
ATOM   727  N  N    . PRO A 1 98  ? -2.78376  15.34788  -6.65663  1.000 17.95968 ? 95  PRO A N    1 
ATOM   728  C  CA   . PRO A 1 98  ? -1.71017  14.83951  -5.80061  1.000 17.07943 ? 95  PRO A CA   1 
ATOM   729  C  C    . PRO A 1 98  ? -0.62985  15.89954  -5.57691  1.000 18.20962 ? 95  PRO A C    1 
ATOM   730  O  O    . PRO A 1 98  ? -0.38126  16.73545  -6.44268  1.000 19.88113 ? 95  PRO A O    1 
ATOM   731  C  CB   . PRO A 1 98  ? -1.16843  13.62939  -6.58172  1.000 15.21617 ? 95  PRO A CB   1 
ATOM   732  C  CG   . PRO A 1 98  ? -2.24492  13.27611  -7.56979  1.000 19.23576 ? 95  PRO A CG   1 
ATOM   733  C  CD   . PRO A 1 98  ? -2.90481  14.58431  -7.90852  1.000 16.45611 ? 95  PRO A CD   1 
ATOM   734  N  N    . VAL A 1 99  ? -0.02006  15.87487  -4.40146  1.000 21.96757 ? 96  VAL A N    1 
ATOM   735  C  CA   . VAL A 1 99  ? 0.93691   16.89466  -3.99997  1.000 17.22711 ? 96  VAL A CA   1 
ATOM   736  C  C    . VAL A 1 99  ? 2.30585   16.28008  -3.82434  1.000 17.75210 ? 96  VAL A C    1 
ATOM   737  O  O    . VAL A 1 99  ? 2.44511   15.28880  -3.12038  1.000 17.00898 ? 96  VAL A O    1 
ATOM   738  C  CB   . VAL A 1 99  ? 0.50038   17.56293  -2.67353  1.000 20.81543 ? 96  VAL A CB   1 
ATOM   739  C  CG1  . VAL A 1 99  ? 1.57006   18.52374  -2.16856  1.000 19.33489 ? 96  VAL A CG1  1 
ATOM   740  C  CG2  . VAL A 1 99  ? -0.83864  18.26729  -2.86233  1.000 21.99106 ? 96  VAL A CG2  1 
ATOM   741  N  N    . GLU A 1 100 ? 3.31972   16.84400  -4.46346  1.000 11.60312 ? 97  GLU A N    1 
ATOM   742  C  CA   . GLU A 1 100 ? 4.67837   16.40212  -4.18123  1.000 20.13556 ? 97  GLU A CA   1 
ATOM   743  C  C    . GLU A 1 100 ? 5.22568   17.17740  -2.99714  1.000 19.96963 ? 97  GLU A C    1 
ATOM   744  O  O    . GLU A 1 100 ? 5.13831   18.40698  -2.94198  1.000 15.56322 ? 97  GLU A O    1 
ATOM   745  C  CB   . GLU A 1 100 ? 5.61091   16.57665  -5.38814  1.000 16.67325 ? 97  GLU A CB   1 
ATOM   746  C  CG   . GLU A 1 100 ? 7.09030   16.36706  -5.02477  1.000 16.22242 ? 97  GLU A CG   1 
ATOM   747  C  CD   . GLU A 1 100 ? 8.00465   16.29196  -6.24256  1.000 29.56303 ? 97  GLU A CD   1 
ATOM   748  O  OE1  . GLU A 1 100 ? 7.55651   16.67328  -7.33313  1.000 24.01677 ? 97  GLU A OE1  1 
ATOM   749  O  OE2  . GLU A 1 100 ? 9.16444   15.84826  -6.10664  1.000 30.10611 ? 97  GLU A OE2  1 
ATOM   750  N  N    . SER A 1 101 ? 5.79030   16.44486  -2.04882  1.000 17.18484 ? 98  SER A N    1 
ATOM   751  C  CA   . SER A 1 101 ? 6.37082   17.04245  -0.87137  1.000 13.16731 ? 98  SER A CA   1 
ATOM   752  C  C    . SER A 1 101 ? 7.83147   16.63274  -0.75636  1.000 17.35631 ? 98  SER A C    1 
ATOM   753  O  O    . SER A 1 101 ? 8.39539   16.02015  -1.66722  1.000 20.94742 ? 98  SER A O    1 
ATOM   754  C  CB   . SER A 1 101 ? 5.59813   16.61305  0.37369   1.000 17.84721 ? 98  SER A CB   1 
ATOM   755  O  OG   . SER A 1 101 ? 5.62872   15.19459  0.50009   1.000 19.25529 ? 98  SER A OG   1 
ATOM   756  N  N    . ASP A 1 102 ? 8.43468   16.95821  0.37931   1.000 26.78023 ? 99  ASP A N    1 
ATOM   757  C  CA   . ASP A 1 102 ? 9.79470   16.53437  0.67963   1.000 25.44661 ? 99  ASP A CA   1 
ATOM   758  C  C    . ASP A 1 102 ? 9.82649   15.03483  0.95415   1.000 23.72851 ? 99  ASP A C    1 
ATOM   759  O  O    . ASP A 1 102 ? 10.85682  14.39443  0.80115   1.000 27.72523 ? 99  ASP A O    1 
ATOM   760  C  CB   . ASP A 1 102 ? 10.35783  17.31115  1.88451   1.000 26.09869 ? 99  ASP A CB   1 
ATOM   761  C  CG   . ASP A 1 102 ? 9.54439   17.09311  3.17937   1.000 42.75132 ? 99  ASP A CG   1 
ATOM   762  O  OD1  . ASP A 1 102 ? 8.30868   16.86215  3.11479   1.000 24.78303 ? 99  ASP A OD1  1 
ATOM   763  O  OD2  . ASP A 1 102 ? 10.15031  17.16670  4.27569   1.000 31.61973 ? 99  ASP A OD2  1 
ATOM   764  N  N    . GLU A 1 103 ? 8.69238   14.47569  1.36073   1.000 15.37160 ? 100 GLU A N    1 
ATOM   765  C  CA   . GLU A 1 103 ? 8.64960   13.06633  1.76030   1.000 22.22379 ? 100 GLU A CA   1 
ATOM   766  C  C    . GLU A 1 103 ? 8.20284   12.13262  0.64558   1.000 19.67284 ? 100 GLU A C    1 
ATOM   767  O  O    . GLU A 1 103 ? 8.51895   10.94530  0.66304   1.000 25.86392 ? 100 GLU A O    1 
ATOM   768  C  CB   . GLU A 1 103 ? 7.70431   12.87144  2.95274   1.000 17.75063 ? 100 GLU A CB   1 
ATOM   769  C  CG   . GLU A 1 103 ? 8.18378   13.49155  4.25410   1.000 49.94493 ? 100 GLU A CG   1 
ATOM   770  C  CD   . GLU A 1 103 ? 9.20741   12.62762  4.96468   1.000 49.06205 ? 100 GLU A CD   1 
ATOM   771  O  OE1  . GLU A 1 103 ? 9.32354   11.43293  4.61016   1.000 59.50599 ? 100 GLU A OE1  1 
ATOM   772  O  OE2  . GLU A 1 103 ? 9.90320   13.14762  5.86507   1.000 46.63689 ? 100 GLU A OE2  1 
ATOM   773  N  N    . MET A 1 104 ? 7.43876   12.65929  -0.30385  1.000 17.87240 ? 101 MET A N    1 
ATOM   774  C  CA   . MET A 1 104 ? 6.70998   11.80359  -1.24127  1.000 19.84573 ? 101 MET A CA   1 
ATOM   775  C  C    . MET A 1 104 ? 6.55838   12.44226  -2.63101  1.000 24.36766 ? 101 MET A C    1 
ATOM   776  O  O    . MET A 1 104 ? 6.14479   13.60050  -2.74522  1.000 18.43082 ? 101 MET A O    1 
ATOM   777  C  CB   . MET A 1 104 ? 5.33387   11.48426  -0.64992  1.000 22.35482 ? 101 MET A CB   1 
ATOM   778  C  CG   . MET A 1 104 ? 4.57403   10.38766  -1.34854  1.000 17.25005 ? 101 MET A CG   1 
ATOM   779  S  SD   . MET A 1 104 ? 5.40300   8.79540   -1.19389  1.000 22.53865 ? 101 MET A SD   1 
ATOM   780  C  CE   . MET A 1 104 ? 4.98493   8.30030   0.47579   1.000 21.10679 ? 101 MET A CE   1 
ATOM   781  N  N    . ARG A 1 105 ? 6.91168   11.69715  -3.67750  1.000 17.66528 ? 102 ARG A N    1 
ATOM   782  C  CA   . ARG A 1 105 ? 6.70773   12.14581  -5.05593  1.000 16.07157 ? 102 ARG A CA   1 
ATOM   783  C  C    . ARG A 1 105 ? 5.65192   11.27403  -5.73001  1.000 14.79595 ? 102 ARG A C    1 
ATOM   784  O  O    . ARG A 1 105 ? 5.94665   10.14911  -6.12072  1.000 16.94874 ? 102 ARG A O    1 
ATOM   785  C  CB   . ARG A 1 105 ? 8.01135   12.09978  -5.85828  1.000 17.60124 ? 102 ARG A CB   1 
ATOM   786  C  CG   . ARG A 1 105 ? 7.83764   12.46203  -7.34370  1.000 17.94973 ? 102 ARG A CG   1 
ATOM   787  C  CD   . ARG A 1 105 ? 9.16595   12.78824  -8.01407  1.000 18.83102 ? 102 ARG A CD   1 
ATOM   788  N  NE   . ARG A 1 105 ? 10.07263  11.63914  -8.03265  1.000 30.26976 ? 102 ARG A NE   1 
ATOM   789  C  CZ   . ARG A 1 105 ? 10.20240  10.79497  -9.05782  1.000 38.07812 ? 102 ARG A CZ   1 
ATOM   790  N  NH1  . ARG A 1 105 ? 9.49045   10.97084  -10.16666 1.000 30.38105 ? 102 ARG A NH1  1 
ATOM   791  N  NH2  . ARG A 1 105 ? 11.05036  9.77369   -8.97524  1.000 26.21253 ? 102 ARG A NH2  1 
ATOM   792  N  N    . PRO A 1 106 ? 4.40644   11.77162  -5.82766  1.000 15.77944 ? 103 PRO A N    1 
ATOM   793  C  CA   . PRO A 1 106 ? 3.32625   10.97080  -6.42445  1.000 15.47857 ? 103 PRO A CA   1 
ATOM   794  C  C    . PRO A 1 106 ? 3.30819   11.04111  -7.94561  1.000 21.58953 ? 103 PRO A C    1 
ATOM   795  O  O    . PRO A 1 106 ? 3.59500   12.08693  -8.51370  1.000 18.17134 ? 103 PRO A O    1 
ATOM   796  C  CB   . PRO A 1 106 ? 2.04558   11.60034  -5.84219  1.000 16.20821 ? 103 PRO A CB   1 
ATOM   797  C  CG   . PRO A 1 106 ? 2.49959   12.45892  -4.69701  1.000 19.18637 ? 103 PRO A CG   1 
ATOM   798  C  CD   . PRO A 1 106 ? 3.87340   12.93620  -5.10038  1.000 22.90557 ? 103 PRO A CD   1 
ATOM   799  N  N    . CYS A 1 107 ? 2.98275   9.93226   -8.59727  1.000 17.01513 ? 104 CYS A N    1 
ATOM   800  C  CA   A CYS A 1 107 ? 2.88224   9.88539   -10.05709 0.318 18.07562 ? 104 CYS A CA   1 
ATOM   801  C  CA   B CYS A 1 107 ? 2.81955   9.94040   -10.04870 0.682 18.05285 ? 104 CYS A CA   1 
ATOM   802  C  C    . CYS A 1 107 ? 1.80230   8.88543   -10.47805 1.000 23.53811 ? 104 CYS A C    1 
ATOM   803  O  O    . CYS A 1 107 ? 1.58968   7.88097   -9.78802  1.000 14.72353 ? 104 CYS A O    1 
ATOM   804  C  CB   A CYS A 1 107 ? 4.22731   9.50353   -10.69013 0.318 22.95831 ? 104 CYS A CB   1 
ATOM   805  C  CB   B CYS A 1 107 ? 4.15586   9.71854   -10.76266 0.682 23.65058 ? 104 CYS A CB   1 
ATOM   806  S  SG   A CYS A 1 107 ? 5.53584   10.77191  -10.63064 0.318 16.67195 ? 104 CYS A SG   1 
ATOM   807  S  SG   B CYS A 1 107 ? 4.38609   10.76883  -12.24324 0.682 31.41844 ? 104 CYS A SG   1 
ATOM   808  N  N    . TRP A 1 108 ? 1.14043   9.15036   -11.60594 1.000 12.10659 ? 105 TRP A N    1 
ATOM   809  C  CA   . TRP A 1 108 ? 0.14168   8.23673   -12.15358 1.000 15.54842 ? 105 TRP A CA   1 
ATOM   810  C  C    . TRP A 1 108 ? 0.82298   7.22087   -13.06980 1.000 18.86444 ? 105 TRP A C    1 
ATOM   811  O  O    . TRP A 1 108 ? 1.75222   7.57365   -13.79342 1.000 23.24180 ? 105 TRP A O    1 
ATOM   812  C  CB   . TRP A 1 108 ? -0.93012  9.00951   -12.92827 1.000 18.02676 ? 105 TRP A CB   1 
ATOM   813  C  CG   . TRP A 1 108 ? -1.88762  9.81649   -12.08919 1.000 16.80007 ? 105 TRP A CG   1 
ATOM   814  C  CD1  . TRP A 1 108 ? -1.87270  11.16972  -11.90191 1.000 22.56364 ? 105 TRP A CD1  1 
ATOM   815  C  CD2  . TRP A 1 108 ? -3.02134  9.32384   -11.35658 1.000 17.09228 ? 105 TRP A CD2  1 
ATOM   816  N  NE1  . TRP A 1 108 ? -2.91677  11.54597  -11.08785 1.000 20.41460 ? 105 TRP A NE1  1 
ATOM   817  C  CE2  . TRP A 1 108 ? -3.63546  10.43482  -10.74425 1.000 16.29913 ? 105 TRP A CE2  1 
ATOM   818  C  CE3  . TRP A 1 108 ? -3.56203  8.05413   -11.14995 1.000 19.97780 ? 105 TRP A CE3  1 
ATOM   819  C  CZ2  . TRP A 1 108 ? -4.76681  10.31043  -9.93879  1.000 22.46315 ? 105 TRP A CZ2  1 
ATOM   820  C  CZ3  . TRP A 1 108 ? -4.68801  7.93382   -10.35768 1.000 23.32507 ? 105 TRP A CZ3  1 
ATOM   821  C  CH2  . TRP A 1 108 ? -5.27959  9.05822   -9.76130  1.000 22.15915 ? 105 TRP A CH2  1 
ATOM   822  N  N    . PHE A 1 109 ? 0.38901   5.96068   -13.02367 1.000 15.84484 ? 106 PHE A N    1 
ATOM   823  C  CA   . PHE A 1 109 ? 0.91752   4.94893   -13.93545 1.000 15.62098 ? 106 PHE A CA   1 
ATOM   824  C  C    . PHE A 1 109 ? -0.20430  4.28261   -14.72108 1.000 21.70739 ? 106 PHE A C    1 
ATOM   825  O  O    . PHE A 1 109 ? -1.22956  3.92331   -14.15298 1.000 15.63614 ? 106 PHE A O    1 
ATOM   826  C  CB   . PHE A 1 109 ? 1.72121   3.88161   -13.17599 1.000 16.01218 ? 106 PHE A CB   1 
ATOM   827  C  CG   . PHE A 1 109 ? 2.98717   4.40627   -12.55850 1.000 13.56183 ? 106 PHE A CG   1 
ATOM   828  C  CD1  . PHE A 1 109 ? 2.96465   5.02293   -11.31318 1.000 20.50955 ? 106 PHE A CD1  1 
ATOM   829  C  CD2  . PHE A 1 109 ? 4.19453   4.30383   -13.23169 1.000 13.05191 ? 106 PHE A CD2  1 
ATOM   830  C  CE1  . PHE A 1 109 ? 4.13290   5.52507   -10.75017 1.000 14.24946 ? 106 PHE A CE1  1 
ATOM   831  C  CE2  . PHE A 1 109 ? 5.35981   4.79244   -12.67456 1.000 16.04016 ? 106 PHE A CE2  1 
ATOM   832  C  CZ   . PHE A 1 109 ? 5.33396   5.40856   -11.44268 1.000 16.61105 ? 106 PHE A CZ   1 
ATOM   833  N  N    . GLN A 1 110 ? 0.00806   4.10971   -16.02391 1.000 18.65168 ? 107 GLN A N    1 
ATOM   834  C  CA   . GLN A 1 110 ? -0.84814  3.24647   -16.82872 1.000 21.21031 ? 107 GLN A CA   1 
ATOM   835  C  C    . GLN A 1 110 ? -0.74652  1.83394   -16.27411 1.000 14.98716 ? 107 GLN A C    1 
ATOM   836  O  O    . GLN A 1 110 ? 0.31709   1.43291   -15.79191 1.000 22.84847 ? 107 GLN A O    1 
ATOM   837  C  CB   . GLN A 1 110 ? -0.43562  3.28781   -18.30144 1.000 21.77562 ? 107 GLN A CB   1 
ATOM   838  C  CG   . GLN A 1 110 ? -0.64024  4.64941   -18.94256 1.000 35.88269 ? 107 GLN A CG   1 
ATOM   839  C  CD   . GLN A 1 110 ? -2.07453  5.12773   -18.82818 1.000 44.02430 ? 107 GLN A CD   1 
ATOM   840  O  OE1  . GLN A 1 110 ? -2.99156  4.49325   -19.35104 1.000 37.99716 ? 107 GLN A OE1  1 
ATOM   841  N  NE2  . GLN A 1 110 ? -2.27830  6.24857   -18.13310 1.000 36.08330 ? 107 GLN A NE2  1 
ATOM   842  N  N    . LEU A 1 111 ? -1.83746  1.07763   -16.32629 1.000 19.50589 ? 108 LEU A N    1 
ATOM   843  C  CA   . LEU A 1 111 ? -1.85764  -0.22257  -15.66738 1.000 16.60661 ? 108 LEU A CA   1 
ATOM   844  C  C    . LEU A 1 111 ? -0.86021  -1.20093  -16.28956 1.000 25.30403 ? 108 LEU A C    1 
ATOM   845  O  O    . LEU A 1 111 ? -0.47857  -2.17057  -15.65546 1.000 26.64200 ? 108 LEU A O    1 
ATOM   846  C  CB   . LEU A 1 111 ? -3.27168  -0.80479  -15.67952 1.000 24.36419 ? 108 LEU A CB   1 
ATOM   847  C  CG   . LEU A 1 111 ? -4.32774  0.09594   -15.02526 1.000 16.63633 ? 108 LEU A CG   1 
ATOM   848  C  CD1  . LEU A 1 111 ? -5.69409  -0.55525  -15.00834 1.000 23.79040 ? 108 LEU A CD1  1 
ATOM   849  C  CD2  . LEU A 1 111 ? -3.90502  0.46913   -13.62066 1.000 17.39880 ? 108 LEU A CD2  1 
ATOM   850  N  N    . ASP A 1 112 ? -0.40942  -0.92193  -17.51158 1.000 23.42788 ? 109 ASP A N    1 
ATOM   851  C  CA   . ASP A 1 112 ? 0.57186   -1.77514  -18.17535 1.000 26.26475 ? 109 ASP A CA   1 
ATOM   852  C  C    . ASP A 1 112 ? 2.01160   -1.32593  -17.92393 1.000 32.21424 ? 109 ASP A C    1 
ATOM   853  O  O    . ASP A 1 112 ? 2.95045   -1.95711  -18.39639 1.000 30.50821 ? 109 ASP A O    1 
ATOM   854  C  CB   . ASP A 1 112 ? 0.30424   -1.82237  -19.68817 1.000 34.00134 ? 109 ASP A CB   1 
ATOM   855  C  CG   . ASP A 1 112 ? -0.89942  -2.68285  -20.04649 1.000 42.88699 ? 109 ASP A CG   1 
ATOM   856  O  OD1  . ASP A 1 112 ? -1.21881  -3.61868  -19.28126 1.000 46.85547 ? 109 ASP A OD1  1 
ATOM   857  O  OD2  . ASP A 1 112 ? -1.52335  -2.43039  -21.09927 1.000 45.79943 ? 109 ASP A OD2  1 
ATOM   858  N  N    . GLN A 1 113 ? 2.17949   -0.23688  -17.18107 1.000 19.13589 ? 110 GLN A N    1 
ATOM   859  C  CA   . GLN A 1 113 ? 3.49776   0.32267   -16.93026 1.000 19.52477 ? 110 GLN A CA   1 
ATOM   860  C  C    . GLN A 1 113 ? 3.77865   0.46513   -15.43323 1.000 18.34905 ? 110 GLN A C    1 
ATOM   861  O  O    . GLN A 1 113 ? 4.56631   1.29854   -15.00504 1.000 15.93583 ? 110 GLN A O    1 
ATOM   862  C  CB   . GLN A 1 113 ? 3.63381   1.67592   -17.63317 1.000 17.51643 ? 110 GLN A CB   1 
ATOM   863  C  CG   . GLN A 1 113 ? 3.35338   1.60236   -19.13631 1.000 24.92249 ? 110 GLN A CG   1 
ATOM   864  C  CD   . GLN A 1 113 ? 3.64277   2.90662   -19.85164 1.000 45.62279 ? 110 GLN A CD   1 
ATOM   865  O  OE1  . GLN A 1 113 ? 2.90249   3.89187   -19.72504 1.000 30.83656 ? 110 GLN A OE1  1 
ATOM   866  N  NE2  . GLN A 1 113 ? 4.72922   2.92281   -20.60652 1.000 44.66694 ? 110 GLN A NE2  1 
ATOM   867  N  N    . ILE A 1 114 ? 3.12572   -0.36511  -14.64057 1.000 18.78440 ? 111 ILE A N    1 
ATOM   868  C  CA   . ILE A 1 114 ? 3.37089   -0.39480  -13.20777 1.000 20.12065 ? 111 ILE A CA   1 
ATOM   869  C  C    . ILE A 1 114 ? 4.81813   -0.83505  -12.96121 1.000 13.58131 ? 111 ILE A C    1 
ATOM   870  O  O    . ILE A 1 114 ? 5.23875   -1.87605  -13.45403 1.000 18.39557 ? 111 ILE A O    1 
ATOM   871  C  CB   . ILE A 1 114 ? 2.34672   -1.31605  -12.53513 1.000 20.79218 ? 111 ILE A CB   1 
ATOM   872  C  CG1  . ILE A 1 114 ? 0.95167   -0.70826  -12.76782 1.000 18.90264 ? 111 ILE A CG1  1 
ATOM   873  C  CG2  . ILE A 1 114 ? 2.68069   -1.52337  -11.06138 1.000 16.90283 ? 111 ILE A CG2  1 
ATOM   874  C  CD1  . ILE A 1 114 ? -0.19133  -1.50550  -12.23174 1.000 26.47143 ? 111 ILE A CD1  1 
ATOM   875  N  N    . PRO A 1 115 ? 5.60152   -0.01149  -12.23898 1.000 15.06112 ? 112 PRO A N    1 
ATOM   876  C  CA   . PRO A 1 115 ? 7.05903   -0.20683  -12.14620 1.000 12.21614 ? 112 PRO A CA   1 
ATOM   877  C  C    . PRO A 1 115 ? 7.49316   -1.22702  -11.09224 1.000 16.56528 ? 112 PRO A C    1 
ATOM   878  O  O    . PRO A 1 115 ? 8.19292   -0.88236  -10.11852 1.000 15.12894 ? 112 PRO A O    1 
ATOM   879  C  CB   . PRO A 1 115 ? 7.55835   1.18805   -11.77660 1.000 13.78210 ? 112 PRO A CB   1 
ATOM   880  C  CG   . PRO A 1 115 ? 6.45777   1.72349   -10.90162 1.000 13.53851 ? 112 PRO A CG   1 
ATOM   881  C  CD   . PRO A 1 115 ? 5.15842   1.14790   -11.44955 1.000 10.29644 ? 112 PRO A CD   1 
ATOM   882  N  N    . PHE A 1 116 ? 7.12271   -2.48432  -11.29883 1.000 14.48929 ? 113 PHE A N    1 
ATOM   883  C  CA   . PHE A 1 116 ? 7.39177   -3.52178  -10.30229 1.000 16.80311 ? 113 PHE A CA   1 
ATOM   884  C  C    . PHE A 1 116 ? 8.85791   -3.69203  -9.91059  1.000 13.87613 ? 113 PHE A C    1 
ATOM   885  O  O    . PHE A 1 116 ? 9.15417   -4.05127  -8.76802  1.000 16.57029 ? 113 PHE A O    1 
ATOM   886  C  CB   . PHE A 1 116 ? 6.85393   -4.85937  -10.79209 1.000 20.00110 ? 113 PHE A CB   1 
ATOM   887  C  CG   . PHE A 1 116 ? 5.37499   -4.91839  -10.80738 1.000 10.57595 ? 113 PHE A CG   1 
ATOM   888  C  CD1  . PHE A 1 116 ? 4.66781   -4.97029  -9.62090  1.000 11.42821 ? 113 PHE A CD1  1 
ATOM   889  C  CD2  . PHE A 1 116 ? 4.68073   -4.90106  -12.00688 1.000 15.36328 ? 113 PHE A CD2  1 
ATOM   890  C  CE1  . PHE A 1 116 ? 3.28132   -5.00927  -9.62727  1.000 16.99967 ? 113 PHE A CE1  1 
ATOM   891  C  CE2  . PHE A 1 116 ? 3.30651   -4.94433  -12.02716 1.000 22.79326 ? 113 PHE A CE2  1 
ATOM   892  C  CZ   . PHE A 1 116 ? 2.59803   -5.00577  -10.83042 1.000 28.62047 ? 113 PHE A CZ   1 
ATOM   893  N  N    . LYS A 1 117 ? 9.76544   -3.43597  -10.84941 1.000 16.75905 ? 114 LYS A N    1 
ATOM   894  C  CA   . LYS A 1 117 ? 11.19795  -3.56126  -10.58283 1.000 16.26089 ? 114 LYS A CA   1 
ATOM   895  C  C    . LYS A 1 117 ? 11.64158  -2.54180  -9.54921  1.000 19.15205 ? 114 LYS A C    1 
ATOM   896  O  O    . LYS A 1 117 ? 12.65986  -2.73797  -8.88077  1.000 15.60500 ? 114 LYS A O    1 
ATOM   897  C  CB   . LYS A 1 117 ? 12.01486  -3.39268  -11.86581 1.000 30.38688 ? 114 LYS A CB   1 
ATOM   898  C  CG   . LYS A 1 117 ? 11.69049  -4.40622  -12.96224 1.000 39.80678 ? 114 LYS A CG   1 
ATOM   899  C  CD   . LYS A 1 117 ? 11.89019  -5.84328  -12.47398 1.000 36.15390 ? 114 LYS A CD   1 
ATOM   900  C  CE   . LYS A 1 117 ? 13.37695  -6.17585  -12.34325 1.000 51.68874 ? 114 LYS A CE   1 
ATOM   901  N  NZ   . LYS A 1 117 ? 13.64260  -7.61294  -11.98535 1.000 59.33249 ? 114 LYS A NZ   1 
ATOM   902  N  N    . ASP A 1 118 ? 10.86497  -1.46901  -9.40504  1.000 18.62150 ? 115 ASP A N    1 
ATOM   903  C  CA   . ASP A 1 118 ? 11.16027  -0.40310  -8.43948  1.000 15.02166 ? 115 ASP A CA   1 
ATOM   904  C  C    . ASP A 1 118 ? 10.09580  -0.29054  -7.34467  1.000 17.78781 ? 115 ASP A C    1 
ATOM   905  O  O    . ASP A 1 118 ? 9.81535   0.79896   -6.83821  1.000 12.93282 ? 115 ASP A O    1 
ATOM   906  C  CB   . ASP A 1 118 ? 11.29019  0.94140   -9.16183  1.000 12.92918 ? 115 ASP A CB   1 
ATOM   907  C  CG   . ASP A 1 118 ? 11.92070  2.01731   -8.28834  1.000 25.50873 ? 115 ASP A CG   1 
ATOM   908  O  OD1  . ASP A 1 118 ? 12.59337  1.66711   -7.29036  1.000 36.26138 ? 115 ASP A OD1  1 
ATOM   909  O  OD2  . ASP A 1 118 ? 11.73953  3.21367   -8.60008  1.000 34.96596 ? 115 ASP A OD2  1 
ATOM   910  N  N    . MET A 1 119 ? 9.50353   -1.42370  -6.99150  1.000 12.44410 ? 116 MET A N    1 
ATOM   911  C  CA   . MET A 1 119 ? 8.48378   -1.49548  -5.95027  1.000 15.67304 ? 116 MET A CA   1 
ATOM   912  C  C    . MET A 1 119 ? 8.90512   -2.59344  -4.95578  1.000 14.15834 ? 116 MET A C    1 
ATOM   913  O  O    . MET A 1 119 ? 9.82061   -3.35605  -5.25583  1.000 13.00884 ? 116 MET A O    1 
ATOM   914  C  CB   . MET A 1 119 ? 7.11131   -1.79024  -6.57326  1.000 14.43568 ? 116 MET A CB   1 
ATOM   915  C  CG   . MET A 1 119 ? 6.53840   -0.64614  -7.38871  1.000 15.52860 ? 116 MET A CG   1 
ATOM   916  S  SD   . MET A 1 119 ? 5.18177   -1.09524  -8.48987  1.000 14.95627 ? 116 MET A SD   1 
ATOM   917  C  CE   . MET A 1 119 ? 3.85021   -1.39422  -7.33133  1.000 13.49350 ? 116 MET A CE   1 
ATOM   918  N  N    . TRP A 1 120 ? 8.27047   -2.67506  -3.78516  1.000 13.08837 ? 117 TRP A N    1 
ATOM   919  C  CA   . TRP A 1 120 ? 8.52280   -3.80037  -2.88547  1.000 12.41179 ? 117 TRP A CA   1 
ATOM   920  C  C    . TRP A 1 120 ? 8.26052   -5.08122  -3.67224  1.000 14.66033 ? 117 TRP A C    1 
ATOM   921  O  O    . TRP A 1 120 ? 7.28156   -5.15027  -4.41640  1.000 14.67224 ? 117 TRP A O    1 
ATOM   922  C  CB   . TRP A 1 120 ? 7.63356   -3.74513  -1.62561  1.000 11.48014 ? 117 TRP A CB   1 
ATOM   923  C  CG   . TRP A 1 120 ? 8.09861   -2.74816  -0.57318  1.000 13.85843 ? 117 TRP A CG   1 
ATOM   924  C  CD1  . TRP A 1 120 ? 7.71591   -1.44194  -0.45694  1.000 15.01755 ? 117 TRP A CD1  1 
ATOM   925  C  CD2  . TRP A 1 120 ? 9.02107   -2.99297  0.51184   1.000 19.96220 ? 117 TRP A CD2  1 
ATOM   926  N  NE1  . TRP A 1 120 ? 8.34292   -0.85595  0.62525   1.000 15.03935 ? 117 TRP A NE1  1 
ATOM   927  C  CE2  . TRP A 1 120 ? 9.14914   -1.78688  1.23327   1.000 16.82607 ? 117 TRP A CE2  1 
ATOM   928  C  CE3  . TRP A 1 120 ? 9.74357   -4.11325  0.94238   1.000 16.74369 ? 117 TRP A CE3  1 
ATOM   929  C  CZ2  . TRP A 1 120 ? 9.97192   -1.66720  2.36491   1.000 15.02897 ? 117 TRP A CZ2  1 
ATOM   930  C  CZ3  . TRP A 1 120 ? 10.56727  -3.98932  2.07709   1.000 8.23233  ? 117 TRP A CZ3  1 
ATOM   931  C  CH2  . TRP A 1 120 ? 10.67365  -2.77562  2.75973   1.000 17.38589 ? 117 TRP A CH2  1 
ATOM   932  N  N    . PRO A 1 121 ? 9.14671   -6.08509  -3.53821  1.000 14.48383 ? 118 PRO A N    1 
ATOM   933  C  CA   . PRO A 1 121 ? 9.04871   -7.26775  -4.40630  1.000 14.51441 ? 118 PRO A CA   1 
ATOM   934  C  C    . PRO A 1 121 ? 7.73733   -8.04050  -4.27013  1.000 10.75400 ? 118 PRO A C    1 
ATOM   935  O  O    . PRO A 1 121 ? 7.31059   -8.68342  -5.22679  1.000 14.35669 ? 118 PRO A O    1 
ATOM   936  C  CB   . PRO A 1 121 ? 10.23159  -8.14068  -3.96122  1.000 17.16380 ? 118 PRO A CB   1 
ATOM   937  C  CG   . PRO A 1 121 ? 10.72362  -7.56615  -2.69530  1.000 13.42520 ? 118 PRO A CG   1 
ATOM   938  C  CD   . PRO A 1 121 ? 10.33993  -6.12758  -2.67395  1.000 14.19465 ? 118 PRO A CD   1 
ATOM   939  N  N    . ASP A 1 122 ? 7.09882   -7.96230  -3.10700  1.000 14.64076 ? 119 ASP A N    1 
ATOM   940  C  CA   . ASP A 1 122 ? 5.84494   -8.67779  -2.87032  1.000 11.25455 ? 119 ASP A CA   1 
ATOM   941  C  C    . ASP A 1 122 ? 4.72096   -8.12263  -3.74377  1.000 11.59859 ? 119 ASP A C    1 
ATOM   942  O  O    . ASP A 1 122 ? 3.76295   -8.83061  -4.06433  1.000 9.14139  ? 119 ASP A O    1 
ATOM   943  C  CB   . ASP A 1 122 ? 5.45249   -8.59260  -1.39214  1.000 11.98555 ? 119 ASP A CB   1 
ATOM   944  C  CG   . ASP A 1 122 ? 5.50199   -7.16422  -0.87119  1.000 12.34630 ? 119 ASP A CG   1 
ATOM   945  O  OD1  . ASP A 1 122 ? 6.61375   -6.67947  -0.60364  1.000 14.20431 ? 119 ASP A OD1  1 
ATOM   946  O  OD2  . ASP A 1 122 ? 4.43984   -6.51844  -0.75285  1.000 12.18089 ? 119 ASP A OD2  1 
ATOM   947  N  N    . ASP A 1 123 ? 4.84915   -6.86337  -4.15165  1.000 10.95406 ? 120 ASP A N    1 
ATOM   948  C  CA   . ASP A 1 123 ? 3.81464   -6.23397  -4.98320  1.000 14.15802 ? 120 ASP A CA   1 
ATOM   949  C  C    . ASP A 1 123 ? 3.56026   -7.03106  -6.26735  1.000 14.45095 ? 120 ASP A C    1 
ATOM   950  O  O    . ASP A 1 123 ? 2.42946   -7.11662  -6.75330  1.000 13.89993 ? 120 ASP A O    1 
ATOM   951  C  CB   . ASP A 1 123 ? 4.21062   -4.80408  -5.33523  1.000 11.63048 ? 120 ASP A CB   1 
ATOM   952  C  CG   . ASP A 1 123 ? 4.22487   -3.88178  -4.12156  1.000 15.59208 ? 120 ASP A CG   1 
ATOM   953  O  OD1  . ASP A 1 123 ? 4.33651   -4.38856  -2.98669  1.000 16.74607 ? 120 ASP A OD1  1 
ATOM   954  O  OD2  . ASP A 1 123 ? 4.14763   -2.64723  -4.30726  1.000 16.35266 ? 120 ASP A OD2  1 
ATOM   955  N  N    . SER A 1 124 ? 4.61377   -7.63043  -6.80697  1.000 12.44688 ? 121 SER A N    1 
ATOM   956  C  CA   . SER A 1 124 ? 4.48923   -8.40024  -8.04314  1.000 12.99713 ? 121 SER A CA   1 
ATOM   957  C  C    . SER A 1 124 ? 3.50841   -9.55767  -7.86929  1.000 20.03124 ? 121 SER A C    1 
ATOM   958  O  O    . SER A 1 124 ? 2.90322   -10.01310 -8.83411  1.000 13.49784 ? 121 SER A O    1 
ATOM   959  C  CB   . SER A 1 124 ? 5.85928   -8.91303  -8.48434  1.000 14.95630 ? 121 SER A CB   1 
ATOM   960  O  OG   . SER A 1 124 ? 6.67468   -7.81572  -8.87256  1.000 17.96108 ? 121 SER A OG   1 
ATOM   961  N  N    . TYR A 1 125 ? 3.34174   -10.02179 -6.63382  1.000 12.52940 ? 122 TYR A N    1 
ATOM   962  C  CA   . TYR A 1 125 ? 2.39030   -11.10328 -6.34146  1.000 14.25198 ? 122 TYR A CA   1 
ATOM   963  C  C    . TYR A 1 125 ? 0.94024   -10.65850 -6.15633  1.000 18.16818 ? 122 TYR A C    1 
ATOM   964  O  O    . TYR A 1 125 ? 0.02092   -11.27012 -6.71522  1.000 14.81762 ? 122 TYR A O    1 
ATOM   965  C  CB   . TYR A 1 125 ? 2.84131   -11.86583 -5.09253  1.000 13.09493 ? 122 TYR A CB   1 
ATOM   966  C  CG   . TYR A 1 125 ? 4.12451   -12.62592 -5.31055  1.000 15.83245 ? 122 TYR A CG   1 
ATOM   967  C  CD1  . TYR A 1 125 ? 4.11951   -13.84937 -5.95590  1.000 20.95698 ? 122 TYR A CD1  1 
ATOM   968  C  CD2  . TYR A 1 125 ? 5.34465   -12.10191 -4.90920  1.000 12.63788 ? 122 TYR A CD2  1 
ATOM   969  C  CE1  . TYR A 1 125 ? 5.29739   -14.54649 -6.17550  1.000 32.17434 ? 122 TYR A CE1  1 
ATOM   970  C  CE2  . TYR A 1 125 ? 6.52594   -12.79313 -5.11717  1.000 19.73659 ? 122 TYR A CE2  1 
ATOM   971  C  CZ   . TYR A 1 125 ? 6.49424   -14.01298 -5.75181  1.000 31.75912 ? 122 TYR A CZ   1 
ATOM   972  O  OH   . TYR A 1 125 ? 7.66402   -14.70352 -5.96641  1.000 36.69392 ? 122 TYR A OH   1 
ATOM   973  N  N    . TRP A 1 126 ? 0.72123   -9.62039  -5.35544  1.000 14.18856 ? 123 TRP A N    1 
ATOM   974  C  CA   . TRP A 1 126 ? -0.65057  -9.26594  -4.99870  1.000 13.51915 ? 123 TRP A CA   1 
ATOM   975  C  C    . TRP A 1 126 ? -1.24810  -8.11856  -5.79881  1.000 13.57498 ? 123 TRP A C    1 
ATOM   976  O  O    . TRP A 1 126 ? -2.46803  -7.98098  -5.87441  1.000 12.47658 ? 123 TRP A O    1 
ATOM   977  C  CB   . TRP A 1 126 ? -0.74699  -8.95378  -3.49375  1.000 10.16991 ? 123 TRP A CB   1 
ATOM   978  C  CG   . TRP A 1 126 ? 0.10083   -7.80971  -2.99201  1.000 13.89641 ? 123 TRP A CG   1 
ATOM   979  C  CD1  . TRP A 1 126 ? 1.32483   -7.90664  -2.36981  1.000 16.41186 ? 123 TRP A CD1  1 
ATOM   980  C  CD2  . TRP A 1 126 ? -0.22791  -6.41848  -3.00902  1.000 17.45762 ? 123 TRP A CD2  1 
ATOM   981  N  NE1  . TRP A 1 126 ? 1.76688   -6.66675  -2.00850  1.000 12.53103 ? 123 TRP A NE1  1 
ATOM   982  C  CE2  . TRP A 1 126 ? 0.84231   -5.73445  -2.39264  1.000 14.69518 ? 123 TRP A CE2  1 
ATOM   983  C  CE3  . TRP A 1 126 ? -1.31560  -5.68379  -3.49247  1.000 11.95274 ? 123 TRP A CE3  1 
ATOM   984  C  CZ2  . TRP A 1 126 ? 0.85347   -4.33959  -2.26147  1.000 15.88576 ? 123 TRP A CZ2  1 
ATOM   985  C  CZ3  . TRP A 1 126 ? -1.30041  -4.31274  -3.35769  1.000 14.36505 ? 123 TRP A CZ3  1 
ATOM   986  C  CH2  . TRP A 1 126 ? -0.22034  -3.65151  -2.75162  1.000 15.27392 ? 123 TRP A CH2  1 
ATOM   987  N  N    . PHE A 1 127 ? -0.41427  -7.29675  -6.41054  1.000 11.82990 ? 124 PHE A N    1 
ATOM   988  C  CA   . PHE A 1 127 ? -0.95836  -6.14455  -7.10210  1.000 11.93858 ? 124 PHE A CA   1 
ATOM   989  C  C    . PHE A 1 127 ? -1.82682  -6.58820  -8.31906  1.000 19.10160 ? 124 PHE A C    1 
ATOM   990  O  O    . PHE A 1 127 ? -2.83485  -5.93591  -8.60935  1.000 21.55881 ? 124 PHE A O    1 
ATOM   991  C  CB   . PHE A 1 127 ? 0.18742   -5.19051  -7.48837  1.000 20.19086 ? 124 PHE A CB   1 
ATOM   992  C  CG   . PHE A 1 127 ? -0.22257  -3.74416  -7.59864  1.000 23.10051 ? 124 PHE A CG   1 
ATOM   993  C  CD1  . PHE A 1 127 ? 0.15585   -2.79904  -6.61972  1.000 20.81834 ? 124 PHE A CD1  1 
ATOM   994  C  CD2  . PHE A 1 127 ? -0.94425  -3.30888  -8.69421  1.000 26.88725 ? 124 PHE A CD2  1 
ATOM   995  C  CE1  . PHE A 1 127 ? -0.23823  -1.45443  -6.73786  1.000 16.61989 ? 124 PHE A CE1  1 
ATOM   996  C  CE2  . PHE A 1 127 ? -1.31653  -1.99173  -8.82409  1.000 28.64757 ? 124 PHE A CE2  1 
ATOM   997  C  CZ   . PHE A 1 127 ? -0.97221  -1.05522  -7.85740  1.000 21.21708 ? 124 PHE A CZ   1 
ATOM   998  N  N    . PRO A 1 128 ? -1.44832  -7.68961  -9.02429  1.000 16.70008 ? 125 PRO A N    1 
ATOM   999  C  CA   . PRO A 1 128 ? -2.35444  -8.15395  -10.08352 1.000 18.89529 ? 125 PRO A CA   1 
ATOM   1000 C  C    . PRO A 1 128 ? -3.72636  -8.62993  -9.57906  1.000 12.41665 ? 125 PRO A C    1 
ATOM   1001 O  O    . PRO A 1 128 ? -4.67532  -8.64017  -10.34497 1.000 18.52620 ? 125 PRO A O    1 
ATOM   1002 C  CB   . PRO A 1 128 ? -1.57640  -9.31334  -10.73568 1.000 16.72112 ? 125 PRO A CB   1 
ATOM   1003 C  CG   . PRO A 1 128 ? -0.14591  -9.02255  -10.47054 1.000 18.27226 ? 125 PRO A CG   1 
ATOM   1004 C  CD   . PRO A 1 128 ? -0.11730  -8.33417  -9.12155  1.000 14.44024 ? 125 PRO A CD   1 
ATOM   1005 N  N    . LEU A 1 129 ? -3.82551  -9.01838  -8.31393  1.000 13.65342 ? 126 LEU A N    1 
ATOM   1006 C  CA   . LEU A 1 129 ? -5.11612  -9.38316  -7.73113  1.000 19.08293 ? 126 LEU A CA   1 
ATOM   1007 C  C    . LEU A 1 129 ? -5.95293  -8.13217  -7.47452  1.000 16.56293 ? 126 LEU A C    1 
ATOM   1008 O  O    . LEU A 1 129 ? -7.14605  -8.06508  -7.78367  1.000 14.40438 ? 126 LEU A O    1 
ATOM   1009 C  CB   . LEU A 1 129 ? -4.91029  -10.16839 -6.42989  1.000 17.26484 ? 126 LEU A CB   1 
ATOM   1010 C  CG   . LEU A 1 129 ? -4.09518  -11.46386 -6.54417  1.000 25.12664 ? 126 LEU A CG   1 
ATOM   1011 C  CD1  . LEU A 1 129 ? -3.97669  -12.16287 -5.19932  1.000 11.95629 ? 126 LEU A CD1  1 
ATOM   1012 C  CD2  . LEU A 1 129 ? -4.69064  -12.41070 -7.57086  1.000 17.28191 ? 126 LEU A CD2  1 
ATOM   1013 N  N    . LEU A 1 130 ? -5.29634  -7.13153  -6.91277  1.000 18.50065 ? 127 LEU A N    1 
ATOM   1014 C  CA   . LEU A 1 130 ? -5.89089  -5.81997  -6.68680  1.000 14.98410 ? 127 LEU A CA   1 
ATOM   1015 C  C    . LEU A 1 130 ? -6.43189  -5.22618  -7.99154  1.000 20.18372 ? 127 LEU A C    1 
ATOM   1016 O  O    . LEU A 1 130 ? -7.49419  -4.59392  -8.02066  1.000 23.86382 ? 127 LEU A O    1 
ATOM   1017 C  CB   . LEU A 1 130 ? -4.83673  -4.88856  -6.07676  1.000 10.99407 ? 127 LEU A CB   1 
ATOM   1018 C  CG   . LEU A 1 130 ? -5.21183  -3.42705  -5.81201  1.000 28.31937 ? 127 LEU A CG   1 
ATOM   1019 C  CD1  . LEU A 1 130 ? -5.50319  -3.21882  -4.32728  1.000 27.23340 ? 127 LEU A CD1  1 
ATOM   1020 C  CD2  . LEU A 1 130 ? -4.11733  -2.48174  -6.29878  1.000 23.43576 ? 127 LEU A CD2  1 
ATOM   1021 N  N    . LEU A 1 131 ? -5.68274  -5.41973  -9.07143  1.000 17.50984 ? 128 LEU A N    1 
ATOM   1022 C  CA   . LEU A 1 131 ? -6.06373  -4.86422  -10.36284 1.000 20.98697 ? 128 LEU A CA   1 
ATOM   1023 C  C    . LEU A 1 131 ? -7.31263  -5.53373  -10.93369 1.000 27.51701 ? 128 LEU A C    1 
ATOM   1024 O  O    . LEU A 1 131 ? -8.09612  -4.88950  -11.62793 1.000 22.36332 ? 128 LEU A O    1 
ATOM   1025 C  CB   . LEU A 1 131 ? -4.90487  -4.98726  -11.35574 1.000 18.99562 ? 128 LEU A CB   1 
ATOM   1026 C  CG   . LEU A 1 131 ? -3.72926  -4.02637  -11.13264 1.000 20.44436 ? 128 LEU A CG   1 
ATOM   1027 C  CD1  . LEU A 1 131 ? -2.67373  -4.23734  -12.18608 1.000 24.88252 ? 128 LEU A CD1  1 
ATOM   1028 C  CD2  . LEU A 1 131 ? -4.21870  -2.60011  -11.18125 1.000 18.84622 ? 128 LEU A CD2  1 
ATOM   1029 N  N    . GLN A 1 132 ? -7.49340  -6.82347  -10.65372 1.000 20.20872 ? 129 GLN A N    1 
ATOM   1030 C  CA   . GLN A 1 132 ? -8.66459  -7.55479  -11.15080 1.000 27.84098 ? 129 GLN A CA   1 
ATOM   1031 C  C    . GLN A 1 132 ? -9.77158  -7.60142  -10.10014 1.000 22.44940 ? 129 GLN A C    1 
ATOM   1032 O  O    . GLN A 1 132 ? -10.66187 -8.45544  -10.14903 1.000 15.45456 ? 129 GLN A O    1 
ATOM   1033 C  CB   . GLN A 1 132 ? -8.27630  -8.96942  -11.59705 1.000 20.13102 ? 129 GLN A CB   1 
ATOM   1034 C  CG   . GLN A 1 132 ? -7.70866  -8.99508  -13.02047 1.000 22.69459 ? 129 GLN A CG   1 
ATOM   1035 C  CD   . GLN A 1 132 ? -7.26592  -10.37208 -13.47364 1.000 48.86577 ? 129 GLN A CD   1 
ATOM   1036 O  OE1  . GLN A 1 132 ? -7.43974  -11.36252 -12.75322 1.000 29.17531 ? 129 GLN A OE1  1 
ATOM   1037 N  NE2  . GLN A 1 132 ? -6.68632  -10.44432 -14.68261 1.000 31.70735 ? 129 GLN A NE2  1 
ATOM   1038 N  N    . LYS A 1 133 ? -9.70069  -6.66215  -9.16380  1.000 17.60170 ? 130 LYS A N    1 
ATOM   1039 C  CA   . LYS A 1 133 ? -10.70849 -6.47007  -8.12391  1.000 24.70673 ? 130 LYS A CA   1 
ATOM   1040 C  C    . LYS A 1 133 ? -10.95700 -7.71391  -7.26275  1.000 28.80837 ? 130 LYS A C    1 
ATOM   1041 O  O    . LYS A 1 133 ? -12.08515 -7.99851  -6.88461  1.000 22.43887 ? 130 LYS A O    1 
ATOM   1042 C  CB   . LYS A 1 133 ? -12.01760 -5.98197  -8.74914  1.000 30.38688 ? 130 LYS A CB   1 
ATOM   1043 C  CG   . LYS A 1 133 ? -12.17183 -4.46375  -8.70054  1.000 32.19007 ? 130 LYS A CG   1 
ATOM   1044 C  CD   . LYS A 1 133 ? -13.03030 -3.91497  -9.83363  1.000 40.49247 ? 130 LYS A CD   1 
ATOM   1045 C  CE   . LYS A 1 133 ? -12.22271 -3.76947  -11.11797 1.000 43.68519 ? 130 LYS A CE   1 
ATOM   1046 N  NZ   . LYS A 1 133 ? -11.04948 -2.85787  -10.94416 1.000 48.89858 ? 130 LYS A NZ   1 
ATOM   1047 N  N    . LYS A 1 134 ? -9.87882  -8.42544  -6.93986  1.000 15.27014 ? 131 LYS A N    1 
ATOM   1048 C  CA   . LYS A 1 134 ? -9.91387  -9.58115  -6.05978  1.000 15.78708 ? 131 LYS A CA   1 
ATOM   1049 C  C    . LYS A 1 134 ? -9.46508  -9.18513  -4.65770  1.000 28.62525 ? 131 LYS A C    1 
ATOM   1050 O  O    . LYS A 1 134 ? -8.64005  -8.27370  -4.49462  1.000 26.50398 ? 131 LYS A O    1 
ATOM   1051 C  CB   . LYS A 1 134 ? -8.99795  -10.68830 -6.58854  1.000 20.99890 ? 131 LYS A CB   1 
ATOM   1052 C  CG   . LYS A 1 134 ? -9.35090  -11.16437 -7.97509  1.000 23.85692 ? 131 LYS A CG   1 
ATOM   1053 C  CD   . LYS A 1 134 ? -10.77659 -11.65608 -8.00186  1.000 23.09250 ? 131 LYS A CD   1 
ATOM   1054 C  CE   . LYS A 1 134 ? -11.09070 -12.33436 -9.31408  1.000 30.97890 ? 131 LYS A CE   1 
ATOM   1055 N  NZ   . LYS A 1 134 ? -12.53141 -12.65684 -9.41093  1.000 30.29408 ? 131 LYS A NZ   1 
ATOM   1056 N  N    . LYS A 1 135 ? -9.99052  -9.86787  -3.64750  1.000 18.12629 ? 132 LYS A N    1 
ATOM   1057 C  CA   . LYS A 1 135 ? -9.57751  -9.59426  -2.27255  1.000 11.69615 ? 132 LYS A CA   1 
ATOM   1058 C  C    . LYS A 1 135 ? -8.66637  -10.71885 -1.78717  1.000 17.73514 ? 132 LYS A C    1 
ATOM   1059 O  O    . LYS A 1 135 ? -8.83498  -11.86717 -2.19609  1.000 21.31205 ? 132 LYS A O    1 
ATOM   1060 C  CB   . LYS A 1 135 ? -10.79345 -9.43812  -1.36915  1.000 11.61044 ? 132 LYS A CB   1 
ATOM   1061 C  CG   . LYS A 1 135 ? -11.71583 -8.28451  -1.76703  1.000 15.05174 ? 132 LYS A CG   1 
ATOM   1062 C  CD   . LYS A 1 135 ? -12.92591 -8.22399  -0.84216  1.000 16.61482 ? 132 LYS A CD   1 
ATOM   1063 C  CE   . LYS A 1 135 ? -13.94780 -7.18973  -1.31380  1.000 29.20766 ? 132 LYS A CE   1 
ATOM   1064 N  NZ   . LYS A 1 135 ? -14.21451 -6.17671  -0.25027  1.000 49.32182 ? 132 LYS A NZ   1 
ATOM   1065 N  N    . PHE A 1 136 ? -7.70472  -10.40189 -0.92300  1.000 14.56572 ? 133 PHE A N    1 
ATOM   1066 C  CA   . PHE A 1 136 ? -6.66612  -11.38245 -0.58185  1.000 14.70289 ? 133 PHE A CA   1 
ATOM   1067 C  C    . PHE A 1 136 ? -6.17294  -11.30786 0.86157   1.000 15.70565 ? 133 PHE A C    1 
ATOM   1068 O  O    . PHE A 1 136 ? -6.30049  -10.27449 1.52626   1.000 13.10685 ? 133 PHE A O    1 
ATOM   1069 C  CB   . PHE A 1 136 ? -5.47025  -11.23417 -1.53122  1.000 11.24391 ? 133 PHE A CB   1 
ATOM   1070 C  CG   . PHE A 1 136 ? -4.82741  -9.86648  -1.50365  1.000 18.71863 ? 133 PHE A CG   1 
ATOM   1071 C  CD1  . PHE A 1 136 ? -3.90140  -9.53725  -0.51688  1.000 16.58847 ? 133 PHE A CD1  1 
ATOM   1072 C  CD2  . PHE A 1 136 ? -5.15209  -8.91181  -2.46041  1.000 17.92449 ? 133 PHE A CD2  1 
ATOM   1073 C  CE1  . PHE A 1 136 ? -3.30731  -8.28963  -0.48208  1.000 14.38261 ? 133 PHE A CE1  1 
ATOM   1074 C  CE2  . PHE A 1 136 ? -4.57418  -7.64304  -2.42716  1.000 14.30062 ? 133 PHE A CE2  1 
ATOM   1075 C  CZ   . PHE A 1 136 ? -3.64765  -7.33368  -1.43752  1.000 22.82333 ? 133 PHE A CZ   1 
ATOM   1076 N  N    . HIS A 1 137 ? -5.64609  -12.43596 1.33535   1.000 11.78009 ? 134 HIS A N    1 
ATOM   1077 C  CA   . HIS A 1 137 ? -4.90835  -12.53096 2.59427   1.000 14.53362 ? 134 HIS A CA   1 
ATOM   1078 C  C    . HIS A 1 137 ? -3.50676  -12.99963 2.23050   1.000 19.31475 ? 134 HIS A C    1 
ATOM   1079 O  O    . HIS A 1 137 ? -3.35882  -13.99770 1.52259   1.000 12.90358 ? 134 HIS A O    1 
ATOM   1080 C  CB   . HIS A 1 137 ? -5.55152  -13.51770 3.57514   1.000 13.32044 ? 134 HIS A CB   1 
ATOM   1081 C  CG   . HIS A 1 137 ? -6.73050  -12.97152 4.32915   1.000 13.81219 ? 134 HIS A CG   1 
ATOM   1082 N  ND1  . HIS A 1 137 ? -7.44830  -13.73153 5.22894   1.000 16.99127 ? 134 HIS A ND1  1 
ATOM   1083 C  CD2  . HIS A 1 137 ? -7.31251  -11.74759 4.31954   1.000 21.14316 ? 134 HIS A CD2  1 
ATOM   1084 C  CE1  . HIS A 1 137 ? -8.42149  -12.99749 5.74354   1.000 20.70596 ? 134 HIS A CE1  1 
ATOM   1085 N  NE2  . HIS A 1 137 ? -8.36514  -11.79271 5.20254   1.000 21.78807 ? 134 HIS A NE2  1 
ATOM   1086 N  N    . GLY A 1 138 ? -2.47780  -12.29273 2.69622   1.000 11.02208 ? 135 GLY A N    1 
ATOM   1087 C  CA   . GLY A 1 138 ? -1.11714  -12.65067 2.32185   1.000 17.08945 ? 135 GLY A CA   1 
ATOM   1088 C  C    . GLY A 1 138 ? -0.14294  -12.61551 3.48829   1.000 18.59931 ? 135 GLY A C    1 
ATOM   1089 O  O    . GLY A 1 138 ? -0.40265  -11.96829 4.50045   1.000 10.84081 ? 135 GLY A O    1 
ATOM   1090 N  N    . TYR A 1 139 ? 0.97549   -13.32109 3.33426   1.000 15.09632 ? 136 TYR A N    1 
ATOM   1091 C  CA   . TYR A 1 139 ? 2.06623   -13.31863 4.29970   1.000 9.61742  ? 136 TYR A CA   1 
ATOM   1092 C  C    . TYR A 1 139 ? 3.38399   -13.40627 3.53164   1.000 18.81285 ? 136 TYR A C    1 
ATOM   1093 O  O    . TYR A 1 139 ? 3.52300   -14.24479 2.63056   1.000 18.68827 ? 136 TYR A O    1 
ATOM   1094 C  CB   . TYR A 1 139 ? 1.94097   -14.49007 5.28011   1.000 12.13586 ? 136 TYR A CB   1 
ATOM   1095 C  CG   . TYR A 1 139 ? 3.21699   -14.78318 6.05512   1.000 23.96265 ? 136 TYR A CG   1 
ATOM   1096 C  CD1  . TYR A 1 139 ? 3.51905   -14.10802 7.23311   1.000 19.11654 ? 136 TYR A CD1  1 
ATOM   1097 C  CD2  . TYR A 1 139 ? 4.11477   -15.74184 5.60476   1.000 35.25331 ? 136 TYR A CD2  1 
ATOM   1098 C  CE1  . TYR A 1 139 ? 4.68534   -14.38349 7.93688   1.000 24.16054 ? 136 TYR A CE1  1 
ATOM   1099 C  CE2  . TYR A 1 139 ? 5.27251   -16.02304 6.29612   1.000 31.95429 ? 136 TYR A CE2  1 
ATOM   1100 C  CZ   . TYR A 1 139 ? 5.55793   -15.34276 7.45655   1.000 30.34842 ? 136 TYR A CZ   1 
ATOM   1101 O  OH   . TYR A 1 139 ? 6.72428   -15.64798 8.12765   1.000 33.80290 ? 136 TYR A OH   1 
ATOM   1102 N  N    . PHE A 1 140 ? 4.33684   -12.54073 3.86570   1.000 13.09278 ? 137 PHE A N    1 
ATOM   1103 C  CA   . PHE A 1 140 ? 5.63848   -12.52868 3.18449   1.000 12.29932 ? 137 PHE A CA   1 
ATOM   1104 C  C    . PHE A 1 140 ? 6.75631   -12.45788 4.22295   1.000 14.62195 ? 137 PHE A C    1 
ATOM   1105 O  O    . PHE A 1 140 ? 6.78768   -11.53032 5.03214   1.000 12.32790 ? 137 PHE A O    1 
ATOM   1106 C  CB   . PHE A 1 140 ? 5.74575   -11.34051 2.21120   1.000 13.05045 ? 137 PHE A CB   1 
ATOM   1107 C  CG   . PHE A 1 140 ? 4.81962   -11.43577 1.03738   1.000 11.44282 ? 137 PHE A CG   1 
ATOM   1108 C  CD1  . PHE A 1 140 ? 3.47641   -11.08892 1.16128   1.000 11.57054 ? 137 PHE A CD1  1 
ATOM   1109 C  CD2  . PHE A 1 140 ? 5.28235   -11.89730 -0.18526  1.000 12.47471 ? 137 PHE A CD2  1 
ATOM   1110 C  CE1  . PHE A 1 140 ? 2.60635   -11.19416 0.06758   1.000 11.66075 ? 137 PHE A CE1  1 
ATOM   1111 C  CE2  . PHE A 1 140 ? 4.42754   -12.00114 -1.27778  1.000 14.02363 ? 137 PHE A CE2  1 
ATOM   1112 C  CZ   . PHE A 1 140 ? 3.08157   -11.65416 -1.14837  1.000 13.21177 ? 137 PHE A CZ   1 
ATOM   1113 N  N    . LYS A 1 141 ? 7.66628   -13.42976 4.19006   1.000 15.78017 ? 138 LYS A N    1 
ATOM   1114 C  CA   . LYS A 1 141 ? 8.82640   -13.41953 5.07482   1.000 11.82410 ? 138 LYS A CA   1 
ATOM   1115 C  C    . LYS A 1 141 ? 10.03535  -12.89471 4.31656   1.000 18.01664 ? 138 LYS A C    1 
ATOM   1116 O  O    . LYS A 1 141 ? 10.45455  -13.48204 3.31439   1.000 15.74436 ? 138 LYS A O    1 
ATOM   1117 C  CB   . LYS A 1 141 ? 9.12274   -14.81652 5.62912   1.000 12.29051 ? 138 LYS A CB   1 
ATOM   1118 C  CG   . LYS A 1 141 ? 10.28280  -14.83834 6.64128   1.000 10.82637 ? 138 LYS A CG   1 
ATOM   1119 C  CD   . LYS A 1 141 ? 10.84480  -16.25390 6.86476   1.000 14.81402 ? 138 LYS A CD   1 
ATOM   1120 C  CE   . LYS A 1 141 ? 9.82793   -17.20897 7.45639   1.000 34.09663 ? 138 LYS A CE   1 
ATOM   1121 N  NZ   . LYS A 1 141 ? 10.40093  -18.58366 7.62262   1.000 28.10482 ? 138 LYS A NZ   1 
ATOM   1122 N  N    . PHE A 1 142 ? 10.58599  -11.79357 4.81427   1.000 9.97293  ? 139 PHE A N    1 
ATOM   1123 C  CA   . PHE A 1 142 ? 11.70597  -11.10056 4.19681   1.000 12.13482 ? 139 PHE A CA   1 
ATOM   1124 C  C    . PHE A 1 142 ? 13.03039  -11.38859 4.90037   1.000 12.81743 ? 139 PHE A C    1 
ATOM   1125 O  O    . PHE A 1 142 ? 13.07190  -11.53558 6.11337   1.000 20.88971 ? 139 PHE A O    1 
ATOM   1126 C  CB   . PHE A 1 142 ? 11.45811  -9.59192  4.21361   1.000 14.06381 ? 139 PHE A CB   1 
ATOM   1127 C  CG   . PHE A 1 142 ? 10.65026  -9.08700  3.05242   1.000 12.96431 ? 139 PHE A CG   1 
ATOM   1128 C  CD1  . PHE A 1 142 ? 9.27736   -9.20009  3.04454   1.000 9.86715  ? 139 PHE A CD1  1 
ATOM   1129 C  CD2  . PHE A 1 142 ? 11.27525  -8.49719  1.96679   1.000 17.03932 ? 139 PHE A CD2  1 
ATOM   1130 C  CE1  . PHE A 1 142 ? 8.53220   -8.73742  1.98018   1.000 13.43665 ? 139 PHE A CE1  1 
ATOM   1131 C  CE2  . PHE A 1 142 ? 10.54298  -8.02394  0.90237   1.000 14.98875 ? 139 PHE A CE2  1 
ATOM   1132 C  CZ   . PHE A 1 142 ? 9.16039   -8.14398  0.90646   1.000 13.46694 ? 139 PHE A CZ   1 
ATOM   1133 N  N    . GLN A 1 143 ? 14.10016  -11.48063 4.12446   1.000 13.37714 ? 140 GLN A N    1 
ATOM   1134 C  CA   . GLN A 1 143 ? 15.44320  -11.27332 4.65514   1.000 22.37658 ? 140 GLN A CA   1 
ATOM   1135 C  C    . GLN A 1 143 ? 15.96811  -9.97576  4.07240   1.000 18.09123 ? 140 GLN A C    1 
ATOM   1136 O  O    . GLN A 1 143 ? 16.26920  -9.90419  2.88185   1.000 21.58266 ? 140 GLN A O    1 
ATOM   1137 C  CB   . GLN A 1 143 ? 16.39298  -12.41548 4.31251   1.000 24.11333 ? 140 GLN A CB   1 
ATOM   1138 C  CG   . GLN A 1 143 ? 17.78642  -12.23597 4.94800   1.000 27.87927 ? 140 GLN A CG   1 
ATOM   1139 C  CD   . GLN A 1 143 ? 18.67749  -13.45229 4.78234   1.000 43.45128 ? 140 GLN A CD   1 
ATOM   1140 O  OE1  . GLN A 1 143 ? 18.69890  -14.34176 5.63614   1.000 44.35492 ? 140 GLN A OE1  1 
ATOM   1141 N  NE2  . GLN A 1 143 ? 19.42518  -13.49457 3.68203   1.000 47.14063 ? 140 GLN A NE2  1 
ATOM   1142 N  N    . GLY A 1 144 ? 16.08394  -8.95817  4.91335   1.000 12.19739 ? 141 GLY A N    1 
ATOM   1143 C  CA   . GLY A 1 144 ? 16.44652  -7.63619  4.45013   1.000 21.58144 ? 141 GLY A CA   1 
ATOM   1144 C  C    . GLY A 1 144 ? 15.25409  -7.07135  3.71055   1.000 21.83211 ? 141 GLY A C    1 
ATOM   1145 O  O    . GLY A 1 144 ? 14.13440  -7.51227  3.93372   1.000 16.04872 ? 141 GLY A O    1 
ATOM   1146 N  N    . GLN A 1 145 ? 15.48139  -6.11805  2.81735   1.000 17.17806 ? 142 GLN A N    1 
ATOM   1147 C  CA   . GLN A 1 145 ? 14.36247  -5.47466  2.14875   1.000 23.11894 ? 142 GLN A CA   1 
ATOM   1148 C  C    . GLN A 1 145 ? 14.15911  -5.92082  0.70051   1.000 18.34020 ? 142 GLN A C    1 
ATOM   1149 O  O    . GLN A 1 145 ? 13.22743  -5.45450  0.03789   1.000 19.38249 ? 142 GLN A O    1 
ATOM   1150 C  CB   . GLN A 1 145 ? 14.53010  -3.95507  2.21883   1.000 19.38023 ? 142 GLN A CB   1 
ATOM   1151 C  CG   . GLN A 1 145 ? 14.56432  -3.43580  3.64928   1.000 32.54822 ? 142 GLN A CG   1 
ATOM   1152 C  CD   . GLN A 1 145 ? 14.60894  -1.92416  3.73552   1.000 30.53837 ? 142 GLN A CD   1 
ATOM   1153 O  OE1  . GLN A 1 145 ? 14.32847  -1.22663  2.76407   1.000 34.37151 ? 142 GLN A OE1  1 
ATOM   1154 N  NE2  . GLN A 1 145 ? 14.95766  -1.41070  4.90771   1.000 40.16587 ? 142 GLN A NE2  1 
ATOM   1155 N  N    . ASP A 1 146 ? 14.99691  -6.84093  0.22121   1.000 16.99204 ? 143 ASP A N    1 
ATOM   1156 C  CA   . ASP A 1 146 ? 14.98992  -7.23612  -1.19484  1.000 16.73716 ? 143 ASP A CA   1 
ATOM   1157 C  C    . ASP A 1 146 ? 14.63362  -8.69557  -1.45552  1.000 20.07242 ? 143 ASP A C    1 
ATOM   1158 O  O    . ASP A 1 146 ? 14.27198  -9.05373  -2.57793  1.000 19.42952 ? 143 ASP A O    1 
ATOM   1159 C  CB   . ASP A 1 146 ? 16.36341  -6.96649  -1.82796  1.000 19.01743 ? 143 ASP A CB   1 
ATOM   1160 C  CG   . ASP A 1 146 ? 16.74783  -5.51711  -1.77117  1.000 26.92145 ? 143 ASP A CG   1 
ATOM   1161 O  OD1  . ASP A 1 146 ? 15.83551  -4.67373  -1.62734  1.000 28.41010 ? 143 ASP A OD1  1 
ATOM   1162 O  OD2  . ASP A 1 146 ? 17.95523  -5.21896  -1.86323  1.000 28.94613 ? 143 ASP A OD2  1 
ATOM   1163 N  N    . THR A 1 147 ? 14.76105  -9.53771  -0.43421  1.000 13.31615 ? 144 THR A N    1 
ATOM   1164 C  CA   . THR A 1 147 ? 14.64856  -10.98449 -0.62930  1.000 12.69948 ? 144 THR A CA   1 
ATOM   1165 C  C    . THR A 1 147 ? 13.42835  -11.55291 0.05667   1.000 16.56865 ? 144 THR A C    1 
ATOM   1166 O  O    . THR A 1 147 ? 13.30935  -11.45785 1.27277   1.000 13.71445 ? 144 THR A O    1 
ATOM   1167 C  CB   . THR A 1 147 ? 15.88961  -11.73501 -0.09868  1.000 18.58897 ? 144 THR A CB   1 
ATOM   1168 O  OG1  . THR A 1 147 ? 17.07286  -11.21801 -0.72136  1.000 21.26054 ? 144 THR A OG1  1 
ATOM   1169 C  CG2  . THR A 1 147 ? 15.77726  -13.25225 -0.37751  1.000 13.34533 ? 144 THR A CG2  1 
ATOM   1170 N  N    . ILE A 1 148 ? 12.53156  -12.15338 -0.71968  1.000 14.22148 ? 145 ILE A N    1 
ATOM   1171 C  CA   . ILE A 1 148 ? 11.41800  -12.93127 -0.14252  1.000 13.88057 ? 145 ILE A CA   1 
ATOM   1172 C  C    . ILE A 1 148 ? 11.81194  -14.39416 0.11060   1.000 14.86568 ? 145 ILE A C    1 
ATOM   1173 O  O    . ILE A 1 148 ? 12.02319  -15.16205 -0.82942  1.000 9.60534  ? 145 ILE A O    1 
ATOM   1174 C  CB   . ILE A 1 148 ? 10.17645  -12.88124 -1.04929  1.000 16.20798 ? 145 ILE A CB   1 
ATOM   1175 C  CG1  . ILE A 1 148 ? 9.70246   -11.42560 -1.18923  1.000 12.60857 ? 145 ILE A CG1  1 
ATOM   1176 C  CG2  . ILE A 1 148 ? 9.06179   -13.74583 -0.47374  1.000 12.51333 ? 145 ILE A CG2  1 
ATOM   1177 C  CD1  . ILE A 1 148 ? 8.55160   -11.24045 -2.15367  1.000 18.73053 ? 145 ILE A CD1  1 
ATOM   1178 N  N    . LEU A 1 149 ? 11.91821  -14.76969 1.38410   1.000 11.47910 ? 146 LEU A N    1 
ATOM   1179 C  CA   . LEU A 1 149 ? 12.30048  -16.13471 1.75041   1.000 17.47603 ? 146 LEU A CA   1 
ATOM   1180 C  C    . LEU A 1 149 ? 11.15936  -17.12109 1.52273   1.000 15.91133 ? 146 LEU A C    1 
ATOM   1181 O  O    . LEU A 1 149 ? 11.37098  -18.21383 0.99121   1.000 14.76891 ? 146 LEU A O    1 
ATOM   1182 C  CB   . LEU A 1 149 ? 12.74521  -16.20149 3.21765   1.000 16.54497 ? 146 LEU A CB   1 
ATOM   1183 C  CG   . LEU A 1 149 ? 13.98620  -15.39772 3.64231   1.000 18.74669 ? 146 LEU A CG   1 
ATOM   1184 C  CD1  . LEU A 1 149 ? 14.25580  -15.60066 5.12093   1.000 13.74223 ? 146 LEU A CD1  1 
ATOM   1185 C  CD2  . LEU A 1 149 ? 15.21615  -15.77162 2.82848   1.000 19.09674 ? 146 LEU A CD2  1 
ATOM   1186 N  N    . ASP A 1 150 ? 9.95892   -16.73209 1.94536   1.000 8.90103  ? 147 ASP A N    1 
ATOM   1187 C  CA   . ASP A 1 150 ? 8.75460   -17.57202 1.86992   1.000 15.02055 ? 147 ASP A CA   1 
ATOM   1188 C  C    . ASP A 1 150 ? 7.53921   -16.67315 1.83106   1.000 20.67426 ? 147 ASP A C    1 
ATOM   1189 O  O    . ASP A 1 150 ? 7.61715   -15.52024 2.26000   1.000 13.40131 ? 147 ASP A O    1 
ATOM   1190 C  CB   . ASP A 1 150 ? 8.62139   -18.50977 3.08336   1.000 22.15145 ? 147 ASP A CB   1 
ATOM   1191 C  CG   . ASP A 1 150 ? 9.76474   -19.47951 3.20706   1.000 36.16891 ? 147 ASP A CG   1 
ATOM   1192 O  OD1  . ASP A 1 150 ? 10.72975  -19.17322 3.94610   1.000 32.20728 ? 147 ASP A OD1  1 
ATOM   1193 O  OD2  . ASP A 1 150 ? 9.69696   -20.55036 2.56642   1.000 37.48063 ? 147 ASP A OD2  1 
ATOM   1194 N  N    . TYR A 1 151 ? 6.41248   -17.20178 1.35815   1.000 11.52664 ? 148 TYR A N    1 
ATOM   1195 C  CA   . TYR A 1 151 ? 5.18629   -16.42623 1.34595   1.000 13.37378 ? 148 TYR A CA   1 
ATOM   1196 C  C    . TYR A 1 151 ? 3.97535   -17.30034 1.15990   1.000 14.67396 ? 148 TYR A C    1 
ATOM   1197 O  O    . TYR A 1 151 ? 4.08114   -18.41361 0.65189   1.000 13.02940 ? 148 TYR A O    1 
ATOM   1198 C  CB   . TYR A 1 151 ? 5.21872   -15.37633 0.23289   1.000 20.97298 ? 148 TYR A CB   1 
ATOM   1199 C  CG   . TYR A 1 151 ? 4.82684   -15.90455 -1.12171  1.000 20.85277 ? 148 TYR A CG   1 
ATOM   1200 C  CD1  . TYR A 1 151 ? 5.74363   -16.58024 -1.90895  1.000 17.52144 ? 148 TYR A CD1  1 
ATOM   1201 C  CD2  . TYR A 1 151 ? 3.54225   -15.71708 -1.62005  1.000 17.79681 ? 148 TYR A CD2  1 
ATOM   1202 C  CE1  . TYR A 1 151 ? 5.39367   -17.06407 -3.14872  1.000 21.85724 ? 148 TYR A CE1  1 
ATOM   1203 C  CE2  . TYR A 1 151 ? 3.18721   -16.19284 -2.86112  1.000 22.01791 ? 148 TYR A CE2  1 
ATOM   1204 C  CZ   . TYR A 1 151 ? 4.11908   -16.86072 -3.61715  1.000 26.11430 ? 148 TYR A CZ   1 
ATOM   1205 O  OH   . TYR A 1 151 ? 3.77425   -17.33756 -4.84602  1.000 20.99600 ? 148 TYR A OH   1 
ATOM   1206 N  N    . THR A 1 152 ? 2.82259   -16.77526 1.55756   1.000 14.10656 ? 149 THR A N    1 
ATOM   1207 C  CA   . THR A 1 152 ? 1.54327   -17.38807 1.23153   1.000 13.55385 ? 149 THR A CA   1 
ATOM   1208 C  C    . THR A 1 152 ? 0.62228   -16.27566 0.75505   1.000 16.98442 ? 149 THR A C    1 
ATOM   1209 O  O    . THR A 1 152 ? 0.71244   -15.14375 1.21212   1.000 13.91863 ? 149 THR A O    1 
ATOM   1210 C  CB   . THR A 1 152 ? 0.90800   -18.14683 2.43989   1.000 14.47830 ? 149 THR A CB   1 
ATOM   1211 O  OG1  . THR A 1 152 ? 0.69037   -17.23864 3.52113   1.000 18.00400 ? 149 THR A OG1  1 
ATOM   1212 C  CG2  . THR A 1 152 ? 1.81469   -19.27387 2.92427   1.000 15.84484 ? 149 THR A CG2  1 
ATOM   1213 N  N    . LEU A 1 153 ? -0.26216  -16.59705 -0.17312  1.000 14.72788 ? 150 LEU A N    1 
ATOM   1214 C  CA   . LEU A 1 153 ? -1.17076  -15.59794 -0.73160  1.000 12.93922 ? 150 LEU A CA   1 
ATOM   1215 C  C    . LEU A 1 153 ? -2.41316  -16.34067 -1.21283  1.000 14.72082 ? 150 LEU A C    1 
ATOM   1216 O  O    . LEU A 1 153 ? -2.30141  -17.25160 -2.02788  1.000 18.84410 ? 150 LEU A O    1 
ATOM   1217 C  CB   . LEU A 1 153 ? -0.48624  -14.82038 -1.86318  1.000 10.63989 ? 150 LEU A CB   1 
ATOM   1218 C  CG   . LEU A 1 153 ? -1.28569  -13.65671 -2.46551  1.000 11.70814 ? 150 LEU A CG   1 
ATOM   1219 C  CD1  . LEU A 1 153 ? -1.70343  -12.66123 -1.38367  1.000 11.94444 ? 150 LEU A CD1  1 
ATOM   1220 C  CD2  . LEU A 1 153 ? -0.51405  -12.96391 -3.58246  1.000 17.05534 ? 150 LEU A CD2  1 
ATOM   1221 N  N    . ARG A 1 154 ? -3.57117  -16.01730 -0.64281  1.000 12.82444 ? 151 ARG A N    1 
ATOM   1222 C  CA   . ARG A 1 154 ? -4.81873  -16.63617 -1.08027  1.000 17.79819 ? 151 ARG A CA   1 
ATOM   1223 C  C    . ARG A 1 154 ? -5.89476  -15.57186 -1.27000  1.000 21.07106 ? 151 ARG A C    1 
ATOM   1224 O  O    . ARG A 1 154 ? -5.93320  -14.55347 -0.55976  1.000 13.91232 ? 151 ARG A O    1 
ATOM   1225 C  CB   . ARG A 1 154 ? -5.29268  -17.71057 -0.09305  1.000 21.63020 ? 151 ARG A CB   1 
ATOM   1226 C  CG   . ARG A 1 154 ? -5.77630  -17.18505 1.24155   1.000 30.88733 ? 151 ARG A CG   1 
ATOM   1227 C  CD   . ARG A 1 154 ? -6.48224  -18.26349 2.08641   1.000 30.93852 ? 151 ARG A CD   1 
ATOM   1228 N  NE   . ARG A 1 154 ? -6.67076  -17.78366 3.45765   1.000 35.34649 ? 151 ARG A NE   1 
ATOM   1229 C  CZ   . ARG A 1 154 ? -7.84909  -17.59959 4.04738   1.000 52.12742 ? 151 ARG A CZ   1 
ATOM   1230 N  NH1  . ARG A 1 154 ? -8.97036  -17.89496 3.39966   1.000 48.18917 ? 151 ARG A NH1  1 
ATOM   1231 N  NH2  . ARG A 1 154 ? -7.90272  -17.13410 5.29389   1.000 38.75985 ? 151 ARG A NH2  1 
ATOM   1232 N  N    . GLU A 1 155 ? -6.75460  -15.79049 -2.25617  1.000 17.60931 ? 152 GLU A N    1 
ATOM   1233 C  CA   . GLU A 1 155 ? -7.88596  -14.89639 -2.46382  1.000 14.19701 ? 152 GLU A CA   1 
ATOM   1234 C  C    . GLU A 1 155 ? -8.96932  -15.24575 -1.45352  1.000 18.72114 ? 152 GLU A C    1 
ATOM   1235 O  O    . GLU A 1 155 ? -9.05366  -16.38798 -0.99251  1.000 13.43149 ? 152 GLU A O    1 
ATOM   1236 C  CB   . GLU A 1 155 ? -8.41548  -15.00204 -3.89487  1.000 18.60156 ? 152 GLU A CB   1 
ATOM   1237 C  CG   . GLU A 1 155 ? -7.43483  -14.54681 -4.93654  1.000 17.28972 ? 152 GLU A CG   1 
ATOM   1238 C  CD   . GLU A 1 155 ? -8.00662  -14.60682 -6.34496  1.000 28.80221 ? 152 GLU A CD   1 
ATOM   1239 O  OE1  . GLU A 1 155 ? -9.24323  -14.70466 -6.49099  1.000 27.44546 ? 152 GLU A OE1  1 
ATOM   1240 O  OE2  . GLU A 1 155 ? -7.21520  -14.55706 -7.30665  1.000 36.96670 ? 152 GLU A OE2  1 
ATOM   1241 N  N    . VAL A 1 156 ? -9.78403  -14.26178 -1.09295  1.000 14.00025 ? 153 VAL A N    1 
ATOM   1242 C  CA   . VAL A 1 156 ? -10.80847 -14.45688 -0.07074  1.000 12.31082 ? 153 VAL A CA   1 
ATOM   1243 C  C    . VAL A 1 156 ? -12.04405 -13.65972 -0.45957  1.000 21.49066 ? 153 VAL A C    1 
ATOM   1244 O  O    . VAL A 1 156 ? -11.95342 -12.71598 -1.23984  1.000 20.46523 ? 153 VAL A O    1 
ATOM   1245 C  CB   . VAL A 1 156 ? -10.32994 -13.99880 1.33513   1.000 21.15942 ? 153 VAL A CB   1 
ATOM   1246 C  CG1  . VAL A 1 156 ? -9.12302  -14.81252 1.80355   1.000 14.01455 ? 153 VAL A CG1  1 
ATOM   1247 C  CG2  . VAL A 1 156 ? -10.01395 -12.50321 1.33133   1.000 17.99767 ? 153 VAL A CG2  1 
ATOM   1248 N  N    . ASP A 1 157 ? -13.19991 -14.03334 0.07139   1.000 17.01137 ? 154 ASP A N    1 
ATOM   1249 C  CA   . ASP A 1 157 ? -14.40277 -13.23566 -0.16435  1.000 20.09944 ? 154 ASP A CA   1 
ATOM   1250 C  C    . ASP A 1 157 ? -14.51762 -12.08765 0.82843   1.000 20.05252 ? 154 ASP A C    1 
ATOM   1251 O  O    . ASP A 1 157 ? -15.07509 -11.03598 0.50113   1.000 21.53936 ? 154 ASP A O    1 
ATOM   1252 C  CB   . ASP A 1 157 ? -15.65315 -14.11184 -0.09909  1.000 18.21382 ? 154 ASP A CB   1 
ATOM   1253 C  CG   . ASP A 1 157 ? -15.69531 -15.14028 -1.21677  1.000 30.96504 ? 154 ASP A CG   1 
ATOM   1254 O  OD1  . ASP A 1 157 ? -15.26738 -14.81683 -2.34646  1.000 25.35835 ? 154 ASP A OD1  1 
ATOM   1255 O  OD2  . ASP A 1 157 ? -16.14957 -16.27112 -0.96408  1.000 32.63220 ? 154 ASP A OD2  1 
ATOM   1256 N  N    . THR A 1 158 ? -14.00188 -12.29522 2.03668   1.000 19.82536 ? 155 THR A N    1 
ATOM   1257 C  CA   . THR A 1 158 ? -14.04362 -11.26951 3.08686   1.000 25.62641 ? 155 THR A CA   1 
ATOM   1258 C  C    . THR A 1 158 ? -12.64895 -10.96359 3.62988   1.000 23.95238 ? 155 THR A C    1 
ATOM   1259 O  O    . THR A 1 158 ? -11.92976 -11.86589 4.07696   1.000 24.08471 ? 155 THR A O    1 
ATOM   1260 C  CB   . THR A 1 158 ? -14.94491 -11.69383 4.26949   1.000 23.82845 ? 155 THR A CB   1 
ATOM   1261 O  OG1  . THR A 1 158 ? -16.09463 -12.38360 3.77167   1.000 43.75040 ? 155 THR A OG1  1 
ATOM   1262 C  CG2  . THR A 1 158 ? -15.39168 -10.47261 5.06655   1.000 34.42837 ? 155 THR A CG2  1 
ATOM   1263 N  N    . VAL A 1 159 ? -12.26226 -9.69186  3.59529   1.000 23.57092 ? 156 VAL A N    1 
ATOM   1264 C  CA   . VAL A 1 159 ? -10.95610 -9.30518  4.11477   1.000 16.07873 ? 156 VAL A CA   1 
ATOM   1265 C  C    . VAL A 1 159 ? -10.94120 -9.38931  5.63373   1.000 31.47336 ? 156 VAL A C    1 
ATOM   1266 O  O    . VAL A 1 159 ? -10.05333 -10.00126 6.24506   1.000 26.01481 ? 156 VAL A O    1 
ATOM   1267 C  CB   . VAL A 1 159 ? -10.56204 -7.87271  3.68597   1.000 20.58851 ? 156 VAL A CB   1 
ATOM   1268 C  CG1  . VAL A 1 159 ? -9.14573  -7.55783  4.15884   1.000 20.26200 ? 156 VAL A CG1  1 
ATOM   1269 C  CG2  . VAL A 1 159 ? -10.66050 -7.73218  2.19645   1.000 16.61939 ? 156 VAL A CG2  1 
ATOM   1270 O  OXT  . VAL A 1 159 ? -11.83661 -8.83506  6.27463   1.000 22.06974 ? 156 VAL A OXT  1 
HETATM 1271 N  N01  . GN6 B 2 .   ? 5.49421   -2.77652  2.00202   1.000 13.77913 ? 201 GN6 A N01  1 
HETATM 1272 C  C02  . GN6 B 2 .   ? 5.74844   -4.02450  1.43207   1.000 13.36284 ? 201 GN6 A C02  1 
HETATM 1273 N  N03  . GN6 B 2 .   ? 5.12751   -4.10912  0.26849   1.000 11.01008 ? 201 GN6 A N03  1 
HETATM 1274 C  C04  . GN6 B 2 .   ? 4.48777   -2.90076  0.14727   1.000 15.41032 ? 201 GN6 A C04  1 
HETATM 1275 N  N05  . GN6 B 2 .   ? 4.68123   -2.06137  1.17868   1.000 10.48795 ? 201 GN6 A N05  1 
HETATM 1276 C  C06  . GN6 B 2 .   ? 6.02051   -2.38897  3.24075   1.000 15.26706 ? 201 GN6 A C06  1 
HETATM 1277 C  C07  . GN6 B 2 .   ? 6.80960   -3.24605  3.91915   1.000 13.18484 ? 201 GN6 A C07  1 
HETATM 1278 C  C08  . GN6 B 2 .   ? 7.09558   -4.55583  3.35180   1.000 12.41927 ? 201 GN6 A C08  1 
HETATM 1279 C  C09  . GN6 B 2 .   ? 6.58801   -4.92334  2.15427   1.000 14.76497 ? 201 GN6 A C09  1 
HETATM 1280 N  N10  . GN6 B 2 .   ? 3.75107   -2.65679  -0.95556  1.000 10.51016 ? 201 GN6 A N10  1 
HETATM 1281 C  C11  . GN6 B 2 .   ? 5.70767   -1.04992  3.76321   1.000 12.49385 ? 201 GN6 A C11  1 
HETATM 1282 C  C12  . GN6 B 2 .   ? 4.40158   -0.65911  4.06397   1.000 18.92756 ? 201 GN6 A C12  1 
HETATM 1283 C  C13  . GN6 B 2 .   ? 4.13901   0.62510   4.56030   1.000 19.15170 ? 201 GN6 A C13  1 
HETATM 1284 C  C14  . GN6 B 2 .   ? 5.18025   1.52828   4.75904   1.000 21.97295 ? 201 GN6 A C14  1 
HETATM 1285 C  C15  . GN6 B 2 .   ? 6.48862   1.13821   4.45781   1.000 19.81814 ? 201 GN6 A C15  1 
HETATM 1286 C  C16  . GN6 B 2 .   ? 6.76163   -0.14008  3.96122   1.000 13.86069 ? 201 GN6 A C16  1 
HETATM 1287 CL CL17 . GN6 B 2 .   ? 3.08685   -1.76897  3.82357   1.000 14.74891 ? 201 GN6 A CL17 1 
HETATM 1288 CL CL18 . GN6 B 2 .   ? 2.51360   1.09893   4.92339   1.000 16.36530 ? 201 GN6 A CL18 1 
HETATM 1289 O  O    . HOH C 3 .   ? -16.92272 14.21253  -1.26250  1.000 29.33523 ? 301 HOH A O    1 
HETATM 1290 O  O    . HOH C 3 .   ? -5.56876  -6.93940  12.11264  1.000 25.74767 ? 302 HOH A O    1 
HETATM 1291 O  O    . HOH C 3 .   ? -2.33293  5.18482   -4.48681  1.000 18.90444 ? 303 HOH A O    1 
HETATM 1292 O  O    . HOH C 3 .   ? 2.91751   14.78514  -0.74657  1.000 22.48203 ? 304 HOH A O    1 
HETATM 1293 O  O    . HOH C 3 .   ? 8.67104   -9.87182  -6.94401  1.000 22.03279 ? 305 HOH A O    1 
HETATM 1294 O  O    . HOH C 3 .   ? -11.46776 -14.21043 4.81174   1.000 24.92242 ? 306 HOH A O    1 
HETATM 1295 O  O    . HOH C 3 .   ? -7.89757  -14.22992 -9.69463  1.000 25.81112 ? 307 HOH A O    1 
HETATM 1296 O  O    . HOH C 3 .   ? 13.29339  -19.44152 2.05563   1.000 27.25744 ? 308 HOH A O    1 
HETATM 1297 O  O    . HOH C 3 .   ? -17.68868 -13.66047 5.24953   1.000 29.07422 ? 309 HOH A O    1 
HETATM 1298 O  O    . HOH C 3 .   ? -2.77856  6.10936   24.63784  1.000 21.98099 ? 310 HOH A O    1 
HETATM 1299 O  O    . HOH C 3 .   ? -2.34621  -6.39780  14.64320  1.000 30.85235 ? 311 HOH A O    1 
HETATM 1300 O  O    . HOH C 3 .   ? 12.78110  15.97501  -4.69554  1.000 32.64970 ? 312 HOH A O    1 
HETATM 1301 O  O    . HOH C 3 .   ? 1.69569   16.32276  4.47838   1.000 27.29598 ? 313 HOH A O    1 
HETATM 1302 O  O    . HOH C 3 .   ? 5.01386   -3.52006  -15.48129 1.000 27.37743 ? 314 HOH A O    1 
HETATM 1303 O  O    . HOH C 3 .   ? -9.16466  -3.31691  -6.44726  1.000 30.83537 ? 315 HOH A O    1 
HETATM 1304 O  O    . HOH C 3 .   ? -11.62979 -14.56700 -5.36507  1.000 28.22189 ? 316 HOH A O    1 
HETATM 1305 O  O    . HOH C 3 .   ? 5.94999   -1.08629  -3.15306  1.000 11.17713 ? 317 HOH A O    1 
HETATM 1306 O  O    . HOH C 3 .   ? 17.39756  -8.43491  0.98549   1.000 23.79878 ? 318 HOH A O    1 
HETATM 1307 O  O    . HOH C 3 .   ? 2.28276   -0.80217  -3.86594  1.000 24.21408 ? 319 HOH A O    1 
HETATM 1308 O  O    . HOH C 3 .   ? 16.78672  -2.25678  -0.98482  1.000 31.33715 ? 320 HOH A O    1 
HETATM 1309 O  O    . HOH C 3 .   ? -1.76904  -16.19167 3.32107   1.000 30.96434 ? 321 HOH A O    1 
HETATM 1310 O  O    . HOH C 3 .   ? -8.59711  5.84838   -15.69913 1.000 36.57395 ? 322 HOH A O    1 
HETATM 1311 O  O    . HOH C 3 .   ? 5.08759   5.53556   -1.21591  1.000 27.25732 ? 323 HOH A O    1 
HETATM 1312 O  O    . HOH C 3 .   ? 9.38379   -8.81180  11.64298  1.000 15.94186 ? 324 HOH A O    1 
HETATM 1313 O  O    . HOH C 3 .   ? -8.21628  -3.89193  4.27189   1.000 20.29021 ? 325 HOH A O    1 
HETATM 1314 O  O    . HOH C 3 .   ? 8.30729   -19.51616 9.05575   1.000 42.50286 ? 326 HOH A O    1 
HETATM 1315 O  O    . HOH C 3 .   ? -7.86496  9.85582   12.13275  1.000 22.96947 ? 327 HOH A O    1 
HETATM 1316 O  O    . HOH C 3 .   ? -11.61284 -12.04257 -4.02176  1.000 19.17781 ? 328 HOH A O    1 
HETATM 1317 O  O    . HOH C 3 .   ? -0.70935  -1.72230  16.19985  1.000 20.39023 ? 329 HOH A O    1 
HETATM 1318 O  O    . HOH C 3 .   ? 12.80152  -0.15679  0.73745   1.000 34.90537 ? 330 HOH A O    1 
HETATM 1319 O  O    . HOH C 3 .   ? 11.36346  -12.14938 13.41504  1.000 28.79153 ? 331 HOH A O    1 
HETATM 1320 O  O    . HOH C 3 .   ? 11.07918  -5.35200  -6.72030  1.000 27.11698 ? 332 HOH A O    1 
HETATM 1321 O  O    . HOH C 3 .   ? 7.26061   -5.65036  -7.21424  1.000 12.42886 ? 333 HOH A O    1 
HETATM 1322 O  O    . HOH C 3 .   ? 8.48165   -4.50354  11.64204  1.000 27.02279 ? 334 HOH A O    1 
HETATM 1323 O  O    . HOH C 3 .   ? 18.03949  -5.06170  2.42974   1.000 31.52212 ? 335 HOH A O    1 
HETATM 1324 O  O    . HOH C 3 .   ? 14.17010  1.46353   3.50461   1.000 29.58498 ? 336 HOH A O    1 
HETATM 1325 O  O    . HOH C 3 .   ? -9.31235  -4.20005  6.75907   1.000 25.24694 ? 337 HOH A O    1 
HETATM 1326 O  O    . HOH C 3 .   ? 12.97095  -12.31332 -3.48119  1.000 23.33299 ? 338 HOH A O    1 
HETATM 1327 O  O    . HOH C 3 .   ? -6.36637  -12.95523 -15.90631 1.000 25.05498 ? 339 HOH A O    1 
HETATM 1328 O  O    . HOH C 3 .   ? 11.97321  11.39983  -5.96718  1.000 24.85265 ? 340 HOH A O    1 
HETATM 1329 O  O    . HOH C 3 .   ? -4.17328  18.43760  -2.94615  1.000 36.69638 ? 341 HOH A O    1 
HETATM 1330 O  O    . HOH C 3 .   ? 14.13774  -7.14910  -4.67975  1.000 37.13135 ? 342 HOH A O    1 
HETATM 1331 O  O    . HOH C 3 .   ? 15.72317  -9.06692  7.81748   1.000 21.50161 ? 343 HOH A O    1 
HETATM 1332 O  O    . HOH C 3 .   ? 6.55357   -2.42051  12.86395  1.000 30.85904 ? 344 HOH A O    1 
HETATM 1333 O  O    . HOH C 3 .   ? -3.01452  -20.01630 -2.03154  1.000 34.95712 ? 345 HOH A O    1 
HETATM 1334 O  O    . HOH C 3 .   ? 2.66773   5.12115   -17.15752 1.000 24.56812 ? 346 HOH A O    1 
HETATM 1335 O  O    . HOH C 3 .   ? -0.94657  19.53244  -6.63329  1.000 36.69989 ? 347 HOH A O    1 
HETATM 1336 O  O    . HOH C 3 .   ? -9.44572  9.97829   8.89076   1.000 22.69925 ? 348 HOH A O    1 
HETATM 1337 O  O    . HOH C 3 .   ? -14.25710 -7.41866  5.70255   1.000 34.37351 ? 349 HOH A O    1 
HETATM 1338 O  O    . HOH C 3 .   ? -8.94853  -0.43723  -12.51078 1.000 26.46202 ? 350 HOH A O    1 
HETATM 1339 O  O    . HOH C 3 .   ? -2.61586  4.23477   9.24959   1.000 16.21469 ? 351 HOH A O    1 
HETATM 1340 O  O    . HOH C 3 .   ? 1.12997   7.38249   11.61623  1.000 26.74024 ? 352 HOH A O    1 
HETATM 1341 O  O    . HOH C 3 .   ? -14.16239 -7.62961  2.75875   1.000 23.00941 ? 353 HOH A O    1 
HETATM 1342 O  O    . HOH C 3 .   ? -11.78154 0.59820   10.24690  1.000 19.64904 ? 354 HOH A O    1 
HETATM 1343 O  O    . HOH C 3 .   ? -14.55714 -11.39706 -7.71181  1.000 37.08925 ? 355 HOH A O    1 
HETATM 1344 O  O    . HOH C 3 .   ? -6.34190  -18.12385 -3.98964  1.000 17.75316 ? 356 HOH A O    1 
HETATM 1345 O  O    . HOH C 3 .   ? -4.33109  -8.43581  -13.26047 1.000 23.10143 ? 357 HOH A O    1 
HETATM 1346 O  O    . HOH C 3 .   ? 2.78758   19.37816  -5.87373  1.000 24.08811 ? 358 HOH A O    1 
HETATM 1347 O  O    . HOH C 3 .   ? -0.54060  12.43380  12.29587  1.000 42.60436 ? 359 HOH A O    1 
HETATM 1348 O  O    . HOH C 3 .   ? 10.57287  3.73553   -11.79100 1.000 31.62644 ? 360 HOH A O    1 
HETATM 1349 O  O    . HOH C 3 .   ? 9.52918   -2.01562  -13.44358 1.000 27.23255 ? 361 HOH A O    1 
HETATM 1350 O  O    . HOH C 3 .   ? -0.69230  7.13459   18.44791  1.000 25.47573 ? 362 HOH A O    1 
HETATM 1351 O  O    . HOH C 3 .   ? 4.75213   5.90982   6.44766   1.000 33.87646 ? 363 HOH A O    1 
HETATM 1352 O  O    . HOH C 3 .   ? -11.82964 10.71503  -8.51057  1.000 37.41558 ? 364 HOH A O    1 
HETATM 1353 O  O    . HOH C 3 .   ? 3.92788   5.66257   9.93133   1.000 21.97959 ? 365 HOH A O    1 
HETATM 1354 O  O    . HOH C 3 .   ? -10.78924 1.58032   -6.97266  1.000 29.90441 ? 366 HOH A O    1 
HETATM 1355 O  O    . HOH C 3 .   ? -11.08121 17.62467  -7.09873  1.000 29.45474 ? 367 HOH A O    1 
HETATM 1356 O  O    . HOH C 3 .   ? 11.14243  -5.25561  15.23096  1.000 21.42630 ? 368 HOH A O    1 
HETATM 1357 O  O    . HOH C 3 .   ? -10.82093 -6.30287  7.97682   1.000 33.10299 ? 369 HOH A O    1 
HETATM 1358 O  O    . HOH C 3 .   ? -9.50091  -5.37282  -5.28154  1.000 31.94646 ? 370 HOH A O    1 
HETATM 1359 O  O    . HOH C 3 .   ? 4.54830   5.09478   2.99120   1.000 32.10670 ? 371 HOH A O    1 
HETATM 1360 O  O    . HOH C 3 .   ? -7.01316  -8.09899  -17.02627 1.000 31.23718 ? 372 HOH A O    1 
HETATM 1361 O  O    . HOH C 3 .   ? 6.82237   -1.83805  15.31715  1.000 33.26910 ? 373 HOH A O    1 
HETATM 1362 O  O    . HOH C 3 .   ? 5.19453   4.85484   -16.64528 1.000 33.16302 ? 374 HOH A O    1 
HETATM 1363 O  O    . HOH C 3 .   ? -1.90733  10.16898  18.42838  1.000 40.28365 ? 375 HOH A O    1 
HETATM 1364 O  O    . HOH C 3 .   ? -5.77107  -20.41409 -3.08339  1.000 40.19826 ? 376 HOH A O    1 
# 
loop_
_pdbx_poly_seq_scheme.asym_id 
_pdbx_poly_seq_scheme.entity_id 
_pdbx_poly_seq_scheme.seq_id 
_pdbx_poly_seq_scheme.mon_id 
_pdbx_poly_seq_scheme.ndb_seq_num 
_pdbx_poly_seq_scheme.pdb_seq_num 
_pdbx_poly_seq_scheme.auth_seq_num 
_pdbx_poly_seq_scheme.pdb_mon_id 
_pdbx_poly_seq_scheme.auth_mon_id 
_pdbx_poly_seq_scheme.pdb_strand_id 
_pdbx_poly_seq_scheme.pdb_ins_code 
_pdbx_poly_seq_scheme.hetero 
A 1 1   GLY 1   -2  ?   ?   ?   A . n 
A 1 2   SER 2   -1  ?   ?   ?   A . n 
A 1 3   HIS 3   0   ?   ?   ?   A . n 
A 1 4   MET 4   1   ?   ?   ?   A . n 
A 1 5   GLY 5   2   ?   ?   ?   A . n 
A 1 6   ALA 6   3   3   ALA ALA A . n 
A 1 7   SER 7   4   4   SER SER A . n 
A 1 8   ARG 8   5   5   ARG ARG A . n 
A 1 9   LEU 9   6   6   LEU LEU A . n 
A 1 10  TYR 10  7   7   TYR TYR A . n 
A 1 11  THR 11  8   8   THR THR A . n 
A 1 12  LEU 12  9   9   LEU LEU A . n 
A 1 13  VAL 13  10  10  VAL VAL A . n 
A 1 14  LEU 14  11  11  LEU LEU A . n 
A 1 15  VAL 15  12  12  VAL VAL A . n 
A 1 16  LEU 16  13  13  LEU LEU A . n 
A 1 17  GLN 17  14  14  GLN GLN A . n 
A 1 18  PRO 18  15  15  PRO PRO A . n 
A 1 19  GLN 19  16  16  GLN GLN A . n 
A 1 20  ARG 20  17  17  ARG ARG A . n 
A 1 21  VAL 21  18  18  VAL VAL A . n 
A 1 22  LEU 22  19  19  LEU LEU A . n 
A 1 23  LEU 23  20  20  LEU LEU A . n 
A 1 24  GLY 24  21  21  GLY GLY A . n 
A 1 25  MET 25  22  22  MET MET A . n 
A 1 26  LYS 26  23  23  LYS LYS A . n 
A 1 27  LYS 27  24  24  LYS LYS A . n 
A 1 28  ARG 28  25  25  ARG ARG A . n 
A 1 29  GLY 29  26  26  GLY GLY A . n 
A 1 30  PHE 30  27  27  PHE PHE A . n 
A 1 31  GLY 31  28  28  GLY GLY A . n 
A 1 32  ALA 32  29  29  ALA ALA A . n 
A 1 33  GLY 33  30  30  GLY GLY A . n 
A 1 34  ARG 34  31  31  ARG ARG A . n 
A 1 35  TRP 35  32  32  TRP TRP A . n 
A 1 36  ASN 36  33  33  ASN ASN A . n 
A 1 37  GLY 37  34  34  GLY GLY A . n 
A 1 38  PHE 38  35  35  PHE PHE A . n 
A 1 39  GLY 39  36  36  GLY GLY A . n 
A 1 40  GLY 40  37  37  GLY GLY A . n 
A 1 41  LYS 41  38  38  LYS LYS A . n 
A 1 42  VAL 42  39  39  VAL VAL A . n 
A 1 43  GLN 43  40  40  GLN GLN A . n 
A 1 44  GLU 44  41  41  GLU GLU A . n 
A 1 45  GLY 45  42  42  GLY GLY A . n 
A 1 46  GLU 46  43  43  GLU GLU A . n 
A 1 47  THR 47  44  44  THR THR A . n 
A 1 48  ILE 48  45  45  ILE ILE A . n 
A 1 49  GLU 49  46  46  GLU GLU A . n 
A 1 50  ASP 50  47  47  ASP ASP A . n 
A 1 51  GLY 51  48  48  GLY GLY A . n 
A 1 52  ALA 52  49  49  ALA ALA A . n 
A 1 53  ARG 53  50  50  ARG ARG A . n 
A 1 54  ARG 54  51  51  ARG ARG A . n 
A 1 55  GLU 55  52  52  GLU GLU A . n 
A 1 56  LEU 56  53  53  LEU LEU A . n 
A 1 57  GLN 57  54  54  GLN GLN A . n 
A 1 58  GLU 58  55  55  GLU GLU A . n 
A 1 59  GLU 59  56  56  GLU GLU A . n 
A 1 60  SER 60  57  57  SER SER A . n 
A 1 61  GLY 61  58  58  GLY GLY A . n 
A 1 62  LEU 62  59  59  LEU LEU A . n 
A 1 63  THR 63  60  60  THR THR A . n 
A 1 64  VAL 64  61  61  VAL VAL A . n 
A 1 65  ASP 65  62  62  ASP ASP A . n 
A 1 66  ALA 66  63  63  ALA ALA A . n 
A 1 67  LEU 67  64  64  LEU LEU A . n 
A 1 68  HIS 68  65  65  HIS HIS A . n 
A 1 69  LYS 69  66  66  LYS LYS A . n 
A 1 70  VAL 70  67  67  VAL VAL A . n 
A 1 71  GLY 71  68  68  GLY GLY A . n 
A 1 72  GLN 72  69  69  GLN GLN A . n 
A 1 73  ILE 73  70  70  ILE ILE A . n 
A 1 74  VAL 74  71  71  VAL VAL A . n 
A 1 75  PHE 75  72  72  PHE PHE A . n 
A 1 76  GLU 76  73  73  GLU GLU A . n 
A 1 77  PHE 77  74  74  PHE PHE A . n 
A 1 78  VAL 78  75  75  VAL VAL A . n 
A 1 79  GLY 79  76  76  GLY GLY A . n 
A 1 80  GLU 80  77  77  GLU GLU A . n 
A 1 81  PRO 81  78  78  PRO PRO A . n 
A 1 82  GLU 82  79  79  GLU GLU A . n 
A 1 83  LEU 83  80  80  LEU LEU A . n 
A 1 84  MET 84  81  81  MET MET A . n 
A 1 85  ASP 85  82  82  ASP ASP A . n 
A 1 86  VAL 86  83  83  VAL VAL A . n 
A 1 87  HIS 87  84  84  HIS HIS A . n 
A 1 88  VAL 88  85  85  VAL VAL A . n 
A 1 89  PHE 89  86  86  PHE PHE A . n 
A 1 90  CYS 90  87  87  CYS CYS A . n 
A 1 91  THR 91  88  88  THR THR A . n 
A 1 92  ASP 92  89  89  ASP ASP A . n 
A 1 93  SER 93  90  90  SER SER A . n 
A 1 94  ILE 94  91  91  ILE ILE A . n 
A 1 95  GLN 95  92  92  GLN GLN A . n 
A 1 96  GLY 96  93  93  GLY GLY A . n 
A 1 97  THR 97  94  94  THR THR A . n 
A 1 98  PRO 98  95  95  PRO PRO A . n 
A 1 99  VAL 99  96  96  VAL VAL A . n 
A 1 100 GLU 100 97  97  GLU GLU A . n 
A 1 101 SER 101 98  98  SER SER A . n 
A 1 102 ASP 102 99  99  ASP ASP A . n 
A 1 103 GLU 103 100 100 GLU GLU A . n 
A 1 104 MET 104 101 101 MET MET A . n 
A 1 105 ARG 105 102 102 ARG ARG A . n 
A 1 106 PRO 106 103 103 PRO PRO A . n 
A 1 107 CYS 107 104 104 CYS CYS A . n 
A 1 108 TRP 108 105 105 TRP TRP A . n 
A 1 109 PHE 109 106 106 PHE PHE A . n 
A 1 110 GLN 110 107 107 GLN GLN A . n 
A 1 111 LEU 111 108 108 LEU LEU A . n 
A 1 112 ASP 112 109 109 ASP ASP A . n 
A 1 113 GLN 113 110 110 GLN GLN A . n 
A 1 114 ILE 114 111 111 ILE ILE A . n 
A 1 115 PRO 115 112 112 PRO PRO A . n 
A 1 116 PHE 116 113 113 PHE PHE A . n 
A 1 117 LYS 117 114 114 LYS LYS A . n 
A 1 118 ASP 118 115 115 ASP ASP A . n 
A 1 119 MET 119 116 116 MET MET A . n 
A 1 120 TRP 120 117 117 TRP TRP A . n 
A 1 121 PRO 121 118 118 PRO PRO A . n 
A 1 122 ASP 122 119 119 ASP ASP A . n 
A 1 123 ASP 123 120 120 ASP ASP A . n 
A 1 124 SER 124 121 121 SER SER A . n 
A 1 125 TYR 125 122 122 TYR TYR A . n 
A 1 126 TRP 126 123 123 TRP TRP A . n 
A 1 127 PHE 127 124 124 PHE PHE A . n 
A 1 128 PRO 128 125 125 PRO PRO A . n 
A 1 129 LEU 129 126 126 LEU LEU A . n 
A 1 130 LEU 130 127 127 LEU LEU A . n 
A 1 131 LEU 131 128 128 LEU LEU A . n 
A 1 132 GLN 132 129 129 GLN GLN A . n 
A 1 133 LYS 133 130 130 LYS LYS A . n 
A 1 134 LYS 134 131 131 LYS LYS A . n 
A 1 135 LYS 135 132 132 LYS LYS A . n 
A 1 136 PHE 136 133 133 PHE PHE A . n 
A 1 137 HIS 137 134 134 HIS HIS A . n 
A 1 138 GLY 138 135 135 GLY GLY A . n 
A 1 139 TYR 139 136 136 TYR TYR A . n 
A 1 140 PHE 140 137 137 PHE PHE A . n 
A 1 141 LYS 141 138 138 LYS LYS A . n 
A 1 142 PHE 142 139 139 PHE PHE A . n 
A 1 143 GLN 143 140 140 GLN GLN A . n 
A 1 144 GLY 144 141 141 GLY GLY A . n 
A 1 145 GLN 145 142 142 GLN GLN A . n 
A 1 146 ASP 146 143 143 ASP ASP A . n 
A 1 147 THR 147 144 144 THR THR A . n 
A 1 148 ILE 148 145 145 ILE ILE A . n 
A 1 149 LEU 149 146 146 LEU LEU A . n 
A 1 150 ASP 150 147 147 ASP ASP A . n 
A 1 151 TYR 151 148 148 TYR TYR A . n 
A 1 152 THR 152 149 149 THR THR A . n 
A 1 153 LEU 153 150 150 LEU LEU A . n 
A 1 154 ARG 154 151 151 ARG ARG A . n 
A 1 155 GLU 155 152 152 GLU GLU A . n 
A 1 156 VAL 156 153 153 VAL VAL A . n 
A 1 157 ASP 157 154 154 ASP ASP A . n 
A 1 158 THR 158 155 155 THR THR A . n 
A 1 159 VAL 159 156 156 VAL VAL A . n 
# 
loop_
_pdbx_nonpoly_scheme.asym_id 
_pdbx_nonpoly_scheme.entity_id 
_pdbx_nonpoly_scheme.mon_id 
_pdbx_nonpoly_scheme.ndb_seq_num 
_pdbx_nonpoly_scheme.pdb_seq_num 
_pdbx_nonpoly_scheme.auth_seq_num 
_pdbx_nonpoly_scheme.pdb_mon_id 
_pdbx_nonpoly_scheme.auth_mon_id 
_pdbx_nonpoly_scheme.pdb_strand_id 
_pdbx_nonpoly_scheme.pdb_ins_code 
B 2 GN6 1  201 1  GN6 GN6 A . 
C 3 HOH 1  301 18 HOH HOH A . 
C 3 HOH 2  302 29 HOH HOH A . 
C 3 HOH 3  303 9  HOH HOH A . 
C 3 HOH 4  304 34 HOH HOH A . 
C 3 HOH 5  305 28 HOH HOH A . 
C 3 HOH 6  306 19 HOH HOH A . 
C 3 HOH 7  307 60 HOH HOH A . 
C 3 HOH 8  308 54 HOH HOH A . 
C 3 HOH 9  309 62 HOH HOH A . 
C 3 HOH 10 310 14 HOH HOH A . 
C 3 HOH 11 311 43 HOH HOH A . 
C 3 HOH 12 312 45 HOH HOH A . 
C 3 HOH 13 313 44 HOH HOH A . 
C 3 HOH 14 314 42 HOH HOH A . 
C 3 HOH 15 315 74 HOH HOH A . 
C 3 HOH 16 316 53 HOH HOH A . 
C 3 HOH 17 317 76 HOH HOH A . 
C 3 HOH 18 318 4  HOH HOH A . 
C 3 HOH 19 319 39 HOH HOH A . 
C 3 HOH 20 320 51 HOH HOH A . 
C 3 HOH 21 321 52 HOH HOH A . 
C 3 HOH 22 322 65 HOH HOH A . 
C 3 HOH 23 323 41 HOH HOH A . 
C 3 HOH 24 324 13 HOH HOH A . 
C 3 HOH 25 325 36 HOH HOH A . 
C 3 HOH 26 326 72 HOH HOH A . 
C 3 HOH 27 327 10 HOH HOH A . 
C 3 HOH 28 328 11 HOH HOH A . 
C 3 HOH 29 329 3  HOH HOH A . 
C 3 HOH 30 330 58 HOH HOH A . 
C 3 HOH 31 331 31 HOH HOH A . 
C 3 HOH 32 332 48 HOH HOH A . 
C 3 HOH 33 333 1  HOH HOH A . 
C 3 HOH 34 334 67 HOH HOH A . 
C 3 HOH 35 335 40 HOH HOH A . 
C 3 HOH 36 336 46 HOH HOH A . 
C 3 HOH 37 337 8  HOH HOH A . 
C 3 HOH 38 338 22 HOH HOH A . 
C 3 HOH 39 339 23 HOH HOH A . 
C 3 HOH 40 340 63 HOH HOH A . 
C 3 HOH 41 341 47 HOH HOH A . 
C 3 HOH 42 342 49 HOH HOH A . 
C 3 HOH 43 343 15 HOH HOH A . 
C 3 HOH 44 344 24 HOH HOH A . 
C 3 HOH 45 345 56 HOH HOH A . 
C 3 HOH 46 346 6  HOH HOH A . 
C 3 HOH 47 347 71 HOH HOH A . 
C 3 HOH 48 348 12 HOH HOH A . 
C 3 HOH 49 349 59 HOH HOH A . 
C 3 HOH 50 350 35 HOH HOH A . 
C 3 HOH 51 351 16 HOH HOH A . 
C 3 HOH 52 352 37 HOH HOH A . 
C 3 HOH 53 353 5  HOH HOH A . 
C 3 HOH 54 354 20 HOH HOH A . 
C 3 HOH 55 355 75 HOH HOH A . 
C 3 HOH 56 356 2  HOH HOH A . 
C 3 HOH 57 357 27 HOH HOH A . 
C 3 HOH 58 358 21 HOH HOH A . 
C 3 HOH 59 359 57 HOH HOH A . 
C 3 HOH 60 360 32 HOH HOH A . 
C 3 HOH 61 361 30 HOH HOH A . 
C 3 HOH 62 362 7  HOH HOH A . 
C 3 HOH 63 363 55 HOH HOH A . 
C 3 HOH 64 364 64 HOH HOH A . 
C 3 HOH 65 365 25 HOH HOH A . 
C 3 HOH 66 366 38 HOH HOH A . 
C 3 HOH 67 367 26 HOH HOH A . 
C 3 HOH 68 368 17 HOH HOH A . 
C 3 HOH 69 369 69 HOH HOH A . 
C 3 HOH 70 370 66 HOH HOH A . 
C 3 HOH 71 371 33 HOH HOH A . 
C 3 HOH 72 372 70 HOH HOH A . 
C 3 HOH 73 373 61 HOH HOH A . 
C 3 HOH 74 374 68 HOH HOH A . 
C 3 HOH 75 375 50 HOH HOH A . 
C 3 HOH 76 376 73 HOH HOH A . 
# 
_pdbx_struct_assembly.id                   1 
_pdbx_struct_assembly.details              author_and_software_defined_assembly 
_pdbx_struct_assembly.method_details       PISA 
_pdbx_struct_assembly.oligomeric_details   monomeric 
_pdbx_struct_assembly.oligomeric_count     1 
# 
_pdbx_struct_assembly_gen.assembly_id       1 
_pdbx_struct_assembly_gen.oper_expression   1 
_pdbx_struct_assembly_gen.asym_id_list      A,B,C 
# 
loop_
_pdbx_struct_assembly_prop.biol_id 
_pdbx_struct_assembly_prop.type 
_pdbx_struct_assembly_prop.value 
_pdbx_struct_assembly_prop.details 
1 'ABSA (A^2)' 0    ? 
1 MORE         0    ? 
1 'SSA (A^2)'  8080 ? 
# 
_pdbx_struct_oper_list.id                   1 
_pdbx_struct_oper_list.type                 'identity operation' 
_pdbx_struct_oper_list.name                 1_555 
_pdbx_struct_oper_list.symmetry_operation   x,y,z 
_pdbx_struct_oper_list.matrix[1][1]         1.0000000000 
_pdbx_struct_oper_list.matrix[1][2]         0.0000000000 
_pdbx_struct_oper_list.matrix[1][3]         0.0000000000 
_pdbx_struct_oper_list.vector[1]            0.0000000000 
_pdbx_struct_oper_list.matrix[2][1]         0.0000000000 
_pdbx_struct_oper_list.matrix[2][2]         1.0000000000 
_pdbx_struct_oper_list.matrix[2][3]         0.0000000000 
_pdbx_struct_oper_list.vector[2]            0.0000000000 
_pdbx_struct_oper_list.matrix[3][1]         0.0000000000 
_pdbx_struct_oper_list.matrix[3][2]         0.0000000000 
_pdbx_struct_oper_list.matrix[3][3]         1.0000000000 
_pdbx_struct_oper_list.vector[3]            0.0000000000 
# 
loop_
_pdbx_audit_revision_history.ordinal 
_pdbx_audit_revision_history.data_content_type 
_pdbx_audit_revision_history.major_revision 
_pdbx_audit_revision_history.minor_revision 
_pdbx_audit_revision_history.revision_date 
1 'Structure model' 1 0 2020-04-01 
2 'Structure model' 1 1 2023-10-11 
# 
_pdbx_audit_revision_details.ordinal             1 
_pdbx_audit_revision_details.revision_ordinal    1 
_pdbx_audit_revision_details.data_content_type   'Structure model' 
_pdbx_audit_revision_details.provider            repository 
_pdbx_audit_revision_details.type                'Initial release' 
_pdbx_audit_revision_details.description         ? 
_pdbx_audit_revision_details.details             ? 
# 
loop_
_pdbx_audit_revision_group.ordinal 
_pdbx_audit_revision_group.revision_ordinal 
_pdbx_audit_revision_group.data_content_type 
_pdbx_audit_revision_group.group 
1 2 'Structure model' 'Data collection'        
2 2 'Structure model' 'Database references'    
3 2 'Structure model' 'Refinement description' 
# 
loop_
_pdbx_audit_revision_category.ordinal 
_pdbx_audit_revision_category.revision_ordinal 
_pdbx_audit_revision_category.data_content_type 
_pdbx_audit_revision_category.category 
1 2 'Structure model' chem_comp_atom                
2 2 'Structure model' chem_comp_bond                
3 2 'Structure model' database_2                    
4 2 'Structure model' pdbx_initial_refinement_model 
# 
loop_
_pdbx_audit_revision_item.ordinal 
_pdbx_audit_revision_item.revision_ordinal 
_pdbx_audit_revision_item.data_content_type 
_pdbx_audit_revision_item.item 
1 2 'Structure model' '_database_2.pdbx_DOI'                
2 2 'Structure model' '_database_2.pdbx_database_accession' 
# 
loop_
_space_group_symop.id 
_space_group_symop.operation_xyz 
1 x,y,z           
2 x,-y,-z         
3 -x,y+1/2,-z+1/2 
4 -x,-y+1/2,z+1/2 
# 
loop_
_software.citation_id 
_software.classification 
_software.compiler_name 
_software.compiler_version 
_software.contact_author 
_software.contact_author_email 
_software.date 
_software.description 
_software.dependencies 
_software.hardware 
_software.language 
_software.location 
_software.mods 
_software.name 
_software.os 
_software.os_version 
_software.type 
_software.version 
_software.pdbx_ordinal 
? refinement       ? ? ? ? ? ? ? ? ? ? ? PHENIX   ? ? ? 1.9_1692 1 
? 'data reduction' ? ? ? ? ? ? ? ? ? ? ? HKL-2000 ? ? ? .        2 
? 'data scaling'   ? ? ? ? ? ? ? ? ? ? ? HKL-2000 ? ? ? .        3 
? phasing          ? ? ? ? ? ? ? ? ? ? ? PHENIX   ? ? ? .        4 
# 
_pdbx_entry_details.entry_id                 6US4 
_pdbx_entry_details.has_ligand_of_interest   Y 
_pdbx_entry_details.compound_details         ? 
_pdbx_entry_details.source_details           ? 
_pdbx_entry_details.nonpolymer_details       ? 
_pdbx_entry_details.sequence_details         ? 
# 
_pdbx_validate_symm_contact.id                1 
_pdbx_validate_symm_contact.PDB_model_num     1 
_pdbx_validate_symm_contact.auth_atom_id_1    OD2 
_pdbx_validate_symm_contact.auth_asym_id_1    A 
_pdbx_validate_symm_contact.auth_comp_id_1    ASP 
_pdbx_validate_symm_contact.auth_seq_id_1     99 
_pdbx_validate_symm_contact.PDB_ins_code_1    ? 
_pdbx_validate_symm_contact.label_alt_id_1    ? 
_pdbx_validate_symm_contact.site_symmetry_1   1_555 
_pdbx_validate_symm_contact.auth_atom_id_2    OH 
_pdbx_validate_symm_contact.auth_asym_id_2    A 
_pdbx_validate_symm_contact.auth_comp_id_2    TYR 
_pdbx_validate_symm_contact.auth_seq_id_2     122 
_pdbx_validate_symm_contact.PDB_ins_code_2    ? 
_pdbx_validate_symm_contact.label_alt_id_2    ? 
_pdbx_validate_symm_contact.site_symmetry_2   3_6411 
_pdbx_validate_symm_contact.dist              2.19 
# 
_pdbx_validate_torsion.id              1 
_pdbx_validate_torsion.PDB_model_num   1 
_pdbx_validate_torsion.auth_comp_id    ASP 
_pdbx_validate_torsion.auth_asym_id    A 
_pdbx_validate_torsion.auth_seq_id     62 
_pdbx_validate_torsion.PDB_ins_code    ? 
_pdbx_validate_torsion.label_alt_id    ? 
_pdbx_validate_torsion.phi             -92.24 
_pdbx_validate_torsion.psi             -76.86 
# 
loop_
_pdbx_unobs_or_zero_occ_residues.id 
_pdbx_unobs_or_zero_occ_residues.PDB_model_num 
_pdbx_unobs_or_zero_occ_residues.polymer_flag 
_pdbx_unobs_or_zero_occ_residues.occupancy_flag 
_pdbx_unobs_or_zero_occ_residues.auth_asym_id 
_pdbx_unobs_or_zero_occ_residues.auth_comp_id 
_pdbx_unobs_or_zero_occ_residues.auth_seq_id 
_pdbx_unobs_or_zero_occ_residues.PDB_ins_code 
_pdbx_unobs_or_zero_occ_residues.label_asym_id 
_pdbx_unobs_or_zero_occ_residues.label_comp_id 
_pdbx_unobs_or_zero_occ_residues.label_seq_id 
1 1 Y 1 A GLY -2 ? A GLY 1 
2 1 Y 1 A SER -1 ? A SER 2 
3 1 Y 1 A HIS 0  ? A HIS 3 
4 1 Y 1 A MET 1  ? A MET 4 
5 1 Y 1 A GLY 2  ? A GLY 5 
# 
loop_
_chem_comp_atom.comp_id 
_chem_comp_atom.atom_id 
_chem_comp_atom.type_symbol 
_chem_comp_atom.pdbx_aromatic_flag 
_chem_comp_atom.pdbx_stereo_config 
_chem_comp_atom.pdbx_ordinal 
ALA N    N  N N 1   
ALA CA   C  N S 2   
ALA C    C  N N 3   
ALA O    O  N N 4   
ALA CB   C  N N 5   
ALA OXT  O  N N 6   
ALA H    H  N N 7   
ALA H2   H  N N 8   
ALA HA   H  N N 9   
ALA HB1  H  N N 10  
ALA HB2  H  N N 11  
ALA HB3  H  N N 12  
ALA HXT  H  N N 13  
ARG N    N  N N 14  
ARG CA   C  N S 15  
ARG C    C  N N 16  
ARG O    O  N N 17  
ARG CB   C  N N 18  
ARG CG   C  N N 19  
ARG CD   C  N N 20  
ARG NE   N  N N 21  
ARG CZ   C  N N 22  
ARG NH1  N  N N 23  
ARG NH2  N  N N 24  
ARG OXT  O  N N 25  
ARG H    H  N N 26  
ARG H2   H  N N 27  
ARG HA   H  N N 28  
ARG HB2  H  N N 29  
ARG HB3  H  N N 30  
ARG HG2  H  N N 31  
ARG HG3  H  N N 32  
ARG HD2  H  N N 33  
ARG HD3  H  N N 34  
ARG HE   H  N N 35  
ARG HH11 H  N N 36  
ARG HH12 H  N N 37  
ARG HH21 H  N N 38  
ARG HH22 H  N N 39  
ARG HXT  H  N N 40  
ASN N    N  N N 41  
ASN CA   C  N S 42  
ASN C    C  N N 43  
ASN O    O  N N 44  
ASN CB   C  N N 45  
ASN CG   C  N N 46  
ASN OD1  O  N N 47  
ASN ND2  N  N N 48  
ASN OXT  O  N N 49  
ASN H    H  N N 50  
ASN H2   H  N N 51  
ASN HA   H  N N 52  
ASN HB2  H  N N 53  
ASN HB3  H  N N 54  
ASN HD21 H  N N 55  
ASN HD22 H  N N 56  
ASN HXT  H  N N 57  
ASP N    N  N N 58  
ASP CA   C  N S 59  
ASP C    C  N N 60  
ASP O    O  N N 61  
ASP CB   C  N N 62  
ASP CG   C  N N 63  
ASP OD1  O  N N 64  
ASP OD2  O  N N 65  
ASP OXT  O  N N 66  
ASP H    H  N N 67  
ASP H2   H  N N 68  
ASP HA   H  N N 69  
ASP HB2  H  N N 70  
ASP HB3  H  N N 71  
ASP HD2  H  N N 72  
ASP HXT  H  N N 73  
CYS N    N  N N 74  
CYS CA   C  N R 75  
CYS C    C  N N 76  
CYS O    O  N N 77  
CYS CB   C  N N 78  
CYS SG   S  N N 79  
CYS OXT  O  N N 80  
CYS H    H  N N 81  
CYS H2   H  N N 82  
CYS HA   H  N N 83  
CYS HB2  H  N N 84  
CYS HB3  H  N N 85  
CYS HG   H  N N 86  
CYS HXT  H  N N 87  
GLN N    N  N N 88  
GLN CA   C  N S 89  
GLN C    C  N N 90  
GLN O    O  N N 91  
GLN CB   C  N N 92  
GLN CG   C  N N 93  
GLN CD   C  N N 94  
GLN OE1  O  N N 95  
GLN NE2  N  N N 96  
GLN OXT  O  N N 97  
GLN H    H  N N 98  
GLN H2   H  N N 99  
GLN HA   H  N N 100 
GLN HB2  H  N N 101 
GLN HB3  H  N N 102 
GLN HG2  H  N N 103 
GLN HG3  H  N N 104 
GLN HE21 H  N N 105 
GLN HE22 H  N N 106 
GLN HXT  H  N N 107 
GLU N    N  N N 108 
GLU CA   C  N S 109 
GLU C    C  N N 110 
GLU O    O  N N 111 
GLU CB   C  N N 112 
GLU CG   C  N N 113 
GLU CD   C  N N 114 
GLU OE1  O  N N 115 
GLU OE2  O  N N 116 
GLU OXT  O  N N 117 
GLU H    H  N N 118 
GLU H2   H  N N 119 
GLU HA   H  N N 120 
GLU HB2  H  N N 121 
GLU HB3  H  N N 122 
GLU HG2  H  N N 123 
GLU HG3  H  N N 124 
GLU HE2  H  N N 125 
GLU HXT  H  N N 126 
GLY N    N  N N 127 
GLY CA   C  N N 128 
GLY C    C  N N 129 
GLY O    O  N N 130 
GLY OXT  O  N N 131 
GLY H    H  N N 132 
GLY H2   H  N N 133 
GLY HA2  H  N N 134 
GLY HA3  H  N N 135 
GLY HXT  H  N N 136 
GN6 N01  N  Y N 137 
GN6 C02  C  Y N 138 
GN6 N03  N  Y N 139 
GN6 C04  C  Y N 140 
GN6 N05  N  Y N 141 
GN6 C06  C  Y N 142 
GN6 C07  C  Y N 143 
GN6 C08  C  Y N 144 
GN6 C09  C  Y N 145 
GN6 N10  N  N N 146 
GN6 C11  C  Y N 147 
GN6 C12  C  Y N 148 
GN6 C13  C  Y N 149 
GN6 C14  C  Y N 150 
GN6 C15  C  Y N 151 
GN6 C16  C  Y N 152 
GN6 CL17 CL N N 153 
GN6 CL18 CL N N 154 
GN6 H1   H  N N 155 
GN6 H2   H  N N 156 
GN6 H3   H  N N 157 
GN6 H4   H  N N 158 
GN6 H5   H  N N 159 
GN6 H6   H  N N 160 
GN6 H7   H  N N 161 
GN6 H8   H  N N 162 
HIS N    N  N N 163 
HIS CA   C  N S 164 
HIS C    C  N N 165 
HIS O    O  N N 166 
HIS CB   C  N N 167 
HIS CG   C  Y N 168 
HIS ND1  N  Y N 169 
HIS CD2  C  Y N 170 
HIS CE1  C  Y N 171 
HIS NE2  N  Y N 172 
HIS OXT  O  N N 173 
HIS H    H  N N 174 
HIS H2   H  N N 175 
HIS HA   H  N N 176 
HIS HB2  H  N N 177 
HIS HB3  H  N N 178 
HIS HD1  H  N N 179 
HIS HD2  H  N N 180 
HIS HE1  H  N N 181 
HIS HE2  H  N N 182 
HIS HXT  H  N N 183 
HOH O    O  N N 184 
HOH H1   H  N N 185 
HOH H2   H  N N 186 
ILE N    N  N N 187 
ILE CA   C  N S 188 
ILE C    C  N N 189 
ILE O    O  N N 190 
ILE CB   C  N S 191 
ILE CG1  C  N N 192 
ILE CG2  C  N N 193 
ILE CD1  C  N N 194 
ILE OXT  O  N N 195 
ILE H    H  N N 196 
ILE H2   H  N N 197 
ILE HA   H  N N 198 
ILE HB   H  N N 199 
ILE HG12 H  N N 200 
ILE HG13 H  N N 201 
ILE HG21 H  N N 202 
ILE HG22 H  N N 203 
ILE HG23 H  N N 204 
ILE HD11 H  N N 205 
ILE HD12 H  N N 206 
ILE HD13 H  N N 207 
ILE HXT  H  N N 208 
LEU N    N  N N 209 
LEU CA   C  N S 210 
LEU C    C  N N 211 
LEU O    O  N N 212 
LEU CB   C  N N 213 
LEU CG   C  N N 214 
LEU CD1  C  N N 215 
LEU CD2  C  N N 216 
LEU OXT  O  N N 217 
LEU H    H  N N 218 
LEU H2   H  N N 219 
LEU HA   H  N N 220 
LEU HB2  H  N N 221 
LEU HB3  H  N N 222 
LEU HG   H  N N 223 
LEU HD11 H  N N 224 
LEU HD12 H  N N 225 
LEU HD13 H  N N 226 
LEU HD21 H  N N 227 
LEU HD22 H  N N 228 
LEU HD23 H  N N 229 
LEU HXT  H  N N 230 
LYS N    N  N N 231 
LYS CA   C  N S 232 
LYS C    C  N N 233 
LYS O    O  N N 234 
LYS CB   C  N N 235 
LYS CG   C  N N 236 
LYS CD   C  N N 237 
LYS CE   C  N N 238 
LYS NZ   N  N N 239 
LYS OXT  O  N N 240 
LYS H    H  N N 241 
LYS H2   H  N N 242 
LYS HA   H  N N 243 
LYS HB2  H  N N 244 
LYS HB3  H  N N 245 
LYS HG2  H  N N 246 
LYS HG3  H  N N 247 
LYS HD2  H  N N 248 
LYS HD3  H  N N 249 
LYS HE2  H  N N 250 
LYS HE3  H  N N 251 
LYS HZ1  H  N N 252 
LYS HZ2  H  N N 253 
LYS HZ3  H  N N 254 
LYS HXT  H  N N 255 
MET N    N  N N 256 
MET CA   C  N S 257 
MET C    C  N N 258 
MET O    O  N N 259 
MET CB   C  N N 260 
MET CG   C  N N 261 
MET SD   S  N N 262 
MET CE   C  N N 263 
MET OXT  O  N N 264 
MET H    H  N N 265 
MET H2   H  N N 266 
MET HA   H  N N 267 
MET HB2  H  N N 268 
MET HB3  H  N N 269 
MET HG2  H  N N 270 
MET HG3  H  N N 271 
MET HE1  H  N N 272 
MET HE2  H  N N 273 
MET HE3  H  N N 274 
MET HXT  H  N N 275 
PHE N    N  N N 276 
PHE CA   C  N S 277 
PHE C    C  N N 278 
PHE O    O  N N 279 
PHE CB   C  N N 280 
PHE CG   C  Y N 281 
PHE CD1  C  Y N 282 
PHE CD2  C  Y N 283 
PHE CE1  C  Y N 284 
PHE CE2  C  Y N 285 
PHE CZ   C  Y N 286 
PHE OXT  O  N N 287 
PHE H    H  N N 288 
PHE H2   H  N N 289 
PHE HA   H  N N 290 
PHE HB2  H  N N 291 
PHE HB3  H  N N 292 
PHE HD1  H  N N 293 
PHE HD2  H  N N 294 
PHE HE1  H  N N 295 
PHE HE2  H  N N 296 
PHE HZ   H  N N 297 
PHE HXT  H  N N 298 
PRO N    N  N N 299 
PRO CA   C  N S 300 
PRO C    C  N N 301 
PRO O    O  N N 302 
PRO CB   C  N N 303 
PRO CG   C  N N 304 
PRO CD   C  N N 305 
PRO OXT  O  N N 306 
PRO H    H  N N 307 
PRO HA   H  N N 308 
PRO HB2  H  N N 309 
PRO HB3  H  N N 310 
PRO HG2  H  N N 311 
PRO HG3  H  N N 312 
PRO HD2  H  N N 313 
PRO HD3  H  N N 314 
PRO HXT  H  N N 315 
SER N    N  N N 316 
SER CA   C  N S 317 
SER C    C  N N 318 
SER O    O  N N 319 
SER CB   C  N N 320 
SER OG   O  N N 321 
SER OXT  O  N N 322 
SER H    H  N N 323 
SER H2   H  N N 324 
SER HA   H  N N 325 
SER HB2  H  N N 326 
SER HB3  H  N N 327 
SER HG   H  N N 328 
SER HXT  H  N N 329 
THR N    N  N N 330 
THR CA   C  N S 331 
THR C    C  N N 332 
THR O    O  N N 333 
THR CB   C  N R 334 
THR OG1  O  N N 335 
THR CG2  C  N N 336 
THR OXT  O  N N 337 
THR H    H  N N 338 
THR H2   H  N N 339 
THR HA   H  N N 340 
THR HB   H  N N 341 
THR HG1  H  N N 342 
THR HG21 H  N N 343 
THR HG22 H  N N 344 
THR HG23 H  N N 345 
THR HXT  H  N N 346 
TRP N    N  N N 347 
TRP CA   C  N S 348 
TRP C    C  N N 349 
TRP O    O  N N 350 
TRP CB   C  N N 351 
TRP CG   C  Y N 352 
TRP CD1  C  Y N 353 
TRP CD2  C  Y N 354 
TRP NE1  N  Y N 355 
TRP CE2  C  Y N 356 
TRP CE3  C  Y N 357 
TRP CZ2  C  Y N 358 
TRP CZ3  C  Y N 359 
TRP CH2  C  Y N 360 
TRP OXT  O  N N 361 
TRP H    H  N N 362 
TRP H2   H  N N 363 
TRP HA   H  N N 364 
TRP HB2  H  N N 365 
TRP HB3  H  N N 366 
TRP HD1  H  N N 367 
TRP HE1  H  N N 368 
TRP HE3  H  N N 369 
TRP HZ2  H  N N 370 
TRP HZ3  H  N N 371 
TRP HH2  H  N N 372 
TRP HXT  H  N N 373 
TYR N    N  N N 374 
TYR CA   C  N S 375 
TYR C    C  N N 376 
TYR O    O  N N 377 
TYR CB   C  N N 378 
TYR CG   C  Y N 379 
TYR CD1  C  Y N 380 
TYR CD2  C  Y N 381 
TYR CE1  C  Y N 382 
TYR CE2  C  Y N 383 
TYR CZ   C  Y N 384 
TYR OH   O  N N 385 
TYR OXT  O  N N 386 
TYR H    H  N N 387 
TYR H2   H  N N 388 
TYR HA   H  N N 389 
TYR HB2  H  N N 390 
TYR HB3  H  N N 391 
TYR HD1  H  N N 392 
TYR HD2  H  N N 393 
TYR HE1  H  N N 394 
TYR HE2  H  N N 395 
TYR HH   H  N N 396 
TYR HXT  H  N N 397 
VAL N    N  N N 398 
VAL CA   C  N S 399 
VAL C    C  N N 400 
VAL O    O  N N 401 
VAL CB   C  N N 402 
VAL CG1  C  N N 403 
VAL CG2  C  N N 404 
VAL OXT  O  N N 405 
VAL H    H  N N 406 
VAL H2   H  N N 407 
VAL HA   H  N N 408 
VAL HB   H  N N 409 
VAL HG11 H  N N 410 
VAL HG12 H  N N 411 
VAL HG13 H  N N 412 
VAL HG21 H  N N 413 
VAL HG22 H  N N 414 
VAL HG23 H  N N 415 
VAL HXT  H  N N 416 
# 
loop_
_chem_comp_bond.comp_id 
_chem_comp_bond.atom_id_1 
_chem_comp_bond.atom_id_2 
_chem_comp_bond.value_order 
_chem_comp_bond.pdbx_aromatic_flag 
_chem_comp_bond.pdbx_stereo_config 
_chem_comp_bond.pdbx_ordinal 
ALA N    CA   sing N N 1   
ALA N    H    sing N N 2   
ALA N    H2   sing N N 3   
ALA CA   C    sing N N 4   
ALA CA   CB   sing N N 5   
ALA CA   HA   sing N N 6   
ALA C    O    doub N N 7   
ALA C    OXT  sing N N 8   
ALA CB   HB1  sing N N 9   
ALA CB   HB2  sing N N 10  
ALA CB   HB3  sing N N 11  
ALA OXT  HXT  sing N N 12  
ARG N    CA   sing N N 13  
ARG N    H    sing N N 14  
ARG N    H2   sing N N 15  
ARG CA   C    sing N N 16  
ARG CA   CB   sing N N 17  
ARG CA   HA   sing N N 18  
ARG C    O    doub N N 19  
ARG C    OXT  sing N N 20  
ARG CB   CG   sing N N 21  
ARG CB   HB2  sing N N 22  
ARG CB   HB3  sing N N 23  
ARG CG   CD   sing N N 24  
ARG CG   HG2  sing N N 25  
ARG CG   HG3  sing N N 26  
ARG CD   NE   sing N N 27  
ARG CD   HD2  sing N N 28  
ARG CD   HD3  sing N N 29  
ARG NE   CZ   sing N N 30  
ARG NE   HE   sing N N 31  
ARG CZ   NH1  sing N N 32  
ARG CZ   NH2  doub N N 33  
ARG NH1  HH11 sing N N 34  
ARG NH1  HH12 sing N N 35  
ARG NH2  HH21 sing N N 36  
ARG NH2  HH22 sing N N 37  
ARG OXT  HXT  sing N N 38  
ASN N    CA   sing N N 39  
ASN N    H    sing N N 40  
ASN N    H2   sing N N 41  
ASN CA   C    sing N N 42  
ASN CA   CB   sing N N 43  
ASN CA   HA   sing N N 44  
ASN C    O    doub N N 45  
ASN C    OXT  sing N N 46  
ASN CB   CG   sing N N 47  
ASN CB   HB2  sing N N 48  
ASN CB   HB3  sing N N 49  
ASN CG   OD1  doub N N 50  
ASN CG   ND2  sing N N 51  
ASN ND2  HD21 sing N N 52  
ASN ND2  HD22 sing N N 53  
ASN OXT  HXT  sing N N 54  
ASP N    CA   sing N N 55  
ASP N    H    sing N N 56  
ASP N    H2   sing N N 57  
ASP CA   C    sing N N 58  
ASP CA   CB   sing N N 59  
ASP CA   HA   sing N N 60  
ASP C    O    doub N N 61  
ASP C    OXT  sing N N 62  
ASP CB   CG   sing N N 63  
ASP CB   HB2  sing N N 64  
ASP CB   HB3  sing N N 65  
ASP CG   OD1  doub N N 66  
ASP CG   OD2  sing N N 67  
ASP OD2  HD2  sing N N 68  
ASP OXT  HXT  sing N N 69  
CYS N    CA   sing N N 70  
CYS N    H    sing N N 71  
CYS N    H2   sing N N 72  
CYS CA   C    sing N N 73  
CYS CA   CB   sing N N 74  
CYS CA   HA   sing N N 75  
CYS C    O    doub N N 76  
CYS C    OXT  sing N N 77  
CYS CB   SG   sing N N 78  
CYS CB   HB2  sing N N 79  
CYS CB   HB3  sing N N 80  
CYS SG   HG   sing N N 81  
CYS OXT  HXT  sing N N 82  
GLN N    CA   sing N N 83  
GLN N    H    sing N N 84  
GLN N    H2   sing N N 85  
GLN CA   C    sing N N 86  
GLN CA   CB   sing N N 87  
GLN CA   HA   sing N N 88  
GLN C    O    doub N N 89  
GLN C    OXT  sing N N 90  
GLN CB   CG   sing N N 91  
GLN CB   HB2  sing N N 92  
GLN CB   HB3  sing N N 93  
GLN CG   CD   sing N N 94  
GLN CG   HG2  sing N N 95  
GLN CG   HG3  sing N N 96  
GLN CD   OE1  doub N N 97  
GLN CD   NE2  sing N N 98  
GLN NE2  HE21 sing N N 99  
GLN NE2  HE22 sing N N 100 
GLN OXT  HXT  sing N N 101 
GLU N    CA   sing N N 102 
GLU N    H    sing N N 103 
GLU N    H2   sing N N 104 
GLU CA   C    sing N N 105 
GLU CA   CB   sing N N 106 
GLU CA   HA   sing N N 107 
GLU C    O    doub N N 108 
GLU C    OXT  sing N N 109 
GLU CB   CG   sing N N 110 
GLU CB   HB2  sing N N 111 
GLU CB   HB3  sing N N 112 
GLU CG   CD   sing N N 113 
GLU CG   HG2  sing N N 114 
GLU CG   HG3  sing N N 115 
GLU CD   OE1  doub N N 116 
GLU CD   OE2  sing N N 117 
GLU OE2  HE2  sing N N 118 
GLU OXT  HXT  sing N N 119 
GLY N    CA   sing N N 120 
GLY N    H    sing N N 121 
GLY N    H2   sing N N 122 
GLY CA   C    sing N N 123 
GLY CA   HA2  sing N N 124 
GLY CA   HA3  sing N N 125 
GLY C    O    doub N N 126 
GLY C    OXT  sing N N 127 
GLY OXT  HXT  sing N N 128 
GN6 C08  C07  sing Y N 129 
GN6 C08  C09  doub Y N 130 
GN6 C07  C06  doub Y N 131 
GN6 CL17 C12  sing N N 132 
GN6 C09  C02  sing Y N 133 
GN6 CL18 C13  sing N N 134 
GN6 C06  C11  sing N N 135 
GN6 C06  N01  sing Y N 136 
GN6 C12  C11  doub Y N 137 
GN6 C12  C13  sing Y N 138 
GN6 C11  C16  sing Y N 139 
GN6 C13  C14  doub Y N 140 
GN6 C02  N01  sing Y N 141 
GN6 C02  N03  doub Y N 142 
GN6 N01  N05  sing Y N 143 
GN6 C16  C15  doub Y N 144 
GN6 C14  C15  sing Y N 145 
GN6 N03  C04  sing Y N 146 
GN6 N05  C04  doub Y N 147 
GN6 C04  N10  sing N N 148 
GN6 C07  H1   sing N N 149 
GN6 C08  H2   sing N N 150 
GN6 C09  H3   sing N N 151 
GN6 N10  H4   sing N N 152 
GN6 N10  H5   sing N N 153 
GN6 C14  H6   sing N N 154 
GN6 C15  H7   sing N N 155 
GN6 C16  H8   sing N N 156 
HIS N    CA   sing N N 157 
HIS N    H    sing N N 158 
HIS N    H2   sing N N 159 
HIS CA   C    sing N N 160 
HIS CA   CB   sing N N 161 
HIS CA   HA   sing N N 162 
HIS C    O    doub N N 163 
HIS C    OXT  sing N N 164 
HIS CB   CG   sing N N 165 
HIS CB   HB2  sing N N 166 
HIS CB   HB3  sing N N 167 
HIS CG   ND1  sing Y N 168 
HIS CG   CD2  doub Y N 169 
HIS ND1  CE1  doub Y N 170 
HIS ND1  HD1  sing N N 171 
HIS CD2  NE2  sing Y N 172 
HIS CD2  HD2  sing N N 173 
HIS CE1  NE2  sing Y N 174 
HIS CE1  HE1  sing N N 175 
HIS NE2  HE2  sing N N 176 
HIS OXT  HXT  sing N N 177 
HOH O    H1   sing N N 178 
HOH O    H2   sing N N 179 
ILE N    CA   sing N N 180 
ILE N    H    sing N N 181 
ILE N    H2   sing N N 182 
ILE CA   C    sing N N 183 
ILE CA   CB   sing N N 184 
ILE CA   HA   sing N N 185 
ILE C    O    doub N N 186 
ILE C    OXT  sing N N 187 
ILE CB   CG1  sing N N 188 
ILE CB   CG2  sing N N 189 
ILE CB   HB   sing N N 190 
ILE CG1  CD1  sing N N 191 
ILE CG1  HG12 sing N N 192 
ILE CG1  HG13 sing N N 193 
ILE CG2  HG21 sing N N 194 
ILE CG2  HG22 sing N N 195 
ILE CG2  HG23 sing N N 196 
ILE CD1  HD11 sing N N 197 
ILE CD1  HD12 sing N N 198 
ILE CD1  HD13 sing N N 199 
ILE OXT  HXT  sing N N 200 
LEU N    CA   sing N N 201 
LEU N    H    sing N N 202 
LEU N    H2   sing N N 203 
LEU CA   C    sing N N 204 
LEU CA   CB   sing N N 205 
LEU CA   HA   sing N N 206 
LEU C    O    doub N N 207 
LEU C    OXT  sing N N 208 
LEU CB   CG   sing N N 209 
LEU CB   HB2  sing N N 210 
LEU CB   HB3  sing N N 211 
LEU CG   CD1  sing N N 212 
LEU CG   CD2  sing N N 213 
LEU CG   HG   sing N N 214 
LEU CD1  HD11 sing N N 215 
LEU CD1  HD12 sing N N 216 
LEU CD1  HD13 sing N N 217 
LEU CD2  HD21 sing N N 218 
LEU CD2  HD22 sing N N 219 
LEU CD2  HD23 sing N N 220 
LEU OXT  HXT  sing N N 221 
LYS N    CA   sing N N 222 
LYS N    H    sing N N 223 
LYS N    H2   sing N N 224 
LYS CA   C    sing N N 225 
LYS CA   CB   sing N N 226 
LYS CA   HA   sing N N 227 
LYS C    O    doub N N 228 
LYS C    OXT  sing N N 229 
LYS CB   CG   sing N N 230 
LYS CB   HB2  sing N N 231 
LYS CB   HB3  sing N N 232 
LYS CG   CD   sing N N 233 
LYS CG   HG2  sing N N 234 
LYS CG   HG3  sing N N 235 
LYS CD   CE   sing N N 236 
LYS CD   HD2  sing N N 237 
LYS CD   HD3  sing N N 238 
LYS CE   NZ   sing N N 239 
LYS CE   HE2  sing N N 240 
LYS CE   HE3  sing N N 241 
LYS NZ   HZ1  sing N N 242 
LYS NZ   HZ2  sing N N 243 
LYS NZ   HZ3  sing N N 244 
LYS OXT  HXT  sing N N 245 
MET N    CA   sing N N 246 
MET N    H    sing N N 247 
MET N    H2   sing N N 248 
MET CA   C    sing N N 249 
MET CA   CB   sing N N 250 
MET CA   HA   sing N N 251 
MET C    O    doub N N 252 
MET C    OXT  sing N N 253 
MET CB   CG   sing N N 254 
MET CB   HB2  sing N N 255 
MET CB   HB3  sing N N 256 
MET CG   SD   sing N N 257 
MET CG   HG2  sing N N 258 
MET CG   HG3  sing N N 259 
MET SD   CE   sing N N 260 
MET CE   HE1  sing N N 261 
MET CE   HE2  sing N N 262 
MET CE   HE3  sing N N 263 
MET OXT  HXT  sing N N 264 
PHE N    CA   sing N N 265 
PHE N    H    sing N N 266 
PHE N    H2   sing N N 267 
PHE CA   C    sing N N 268 
PHE CA   CB   sing N N 269 
PHE CA   HA   sing N N 270 
PHE C    O    doub N N 271 
PHE C    OXT  sing N N 272 
PHE CB   CG   sing N N 273 
PHE CB   HB2  sing N N 274 
PHE CB   HB3  sing N N 275 
PHE CG   CD1  doub Y N 276 
PHE CG   CD2  sing Y N 277 
PHE CD1  CE1  sing Y N 278 
PHE CD1  HD1  sing N N 279 
PHE CD2  CE2  doub Y N 280 
PHE CD2  HD2  sing N N 281 
PHE CE1  CZ   doub Y N 282 
PHE CE1  HE1  sing N N 283 
PHE CE2  CZ   sing Y N 284 
PHE CE2  HE2  sing N N 285 
PHE CZ   HZ   sing N N 286 
PHE OXT  HXT  sing N N 287 
PRO N    CA   sing N N 288 
PRO N    CD   sing N N 289 
PRO N    H    sing N N 290 
PRO CA   C    sing N N 291 
PRO CA   CB   sing N N 292 
PRO CA   HA   sing N N 293 
PRO C    O    doub N N 294 
PRO C    OXT  sing N N 295 
PRO CB   CG   sing N N 296 
PRO CB   HB2  sing N N 297 
PRO CB   HB3  sing N N 298 
PRO CG   CD   sing N N 299 
PRO CG   HG2  sing N N 300 
PRO CG   HG3  sing N N 301 
PRO CD   HD2  sing N N 302 
PRO CD   HD3  sing N N 303 
PRO OXT  HXT  sing N N 304 
SER N    CA   sing N N 305 
SER N    H    sing N N 306 
SER N    H2   sing N N 307 
SER CA   C    sing N N 308 
SER CA   CB   sing N N 309 
SER CA   HA   sing N N 310 
SER C    O    doub N N 311 
SER C    OXT  sing N N 312 
SER CB   OG   sing N N 313 
SER CB   HB2  sing N N 314 
SER CB   HB3  sing N N 315 
SER OG   HG   sing N N 316 
SER OXT  HXT  sing N N 317 
THR N    CA   sing N N 318 
THR N    H    sing N N 319 
THR N    H2   sing N N 320 
THR CA   C    sing N N 321 
THR CA   CB   sing N N 322 
THR CA   HA   sing N N 323 
THR C    O    doub N N 324 
THR C    OXT  sing N N 325 
THR CB   OG1  sing N N 326 
THR CB   CG2  sing N N 327 
THR CB   HB   sing N N 328 
THR OG1  HG1  sing N N 329 
THR CG2  HG21 sing N N 330 
THR CG2  HG22 sing N N 331 
THR CG2  HG23 sing N N 332 
THR OXT  HXT  sing N N 333 
TRP N    CA   sing N N 334 
TRP N    H    sing N N 335 
TRP N    H2   sing N N 336 
TRP CA   C    sing N N 337 
TRP CA   CB   sing N N 338 
TRP CA   HA   sing N N 339 
TRP C    O    doub N N 340 
TRP C    OXT  sing N N 341 
TRP CB   CG   sing N N 342 
TRP CB   HB2  sing N N 343 
TRP CB   HB3  sing N N 344 
TRP CG   CD1  doub Y N 345 
TRP CG   CD2  sing Y N 346 
TRP CD1  NE1  sing Y N 347 
TRP CD1  HD1  sing N N 348 
TRP CD2  CE2  doub Y N 349 
TRP CD2  CE3  sing Y N 350 
TRP NE1  CE2  sing Y N 351 
TRP NE1  HE1  sing N N 352 
TRP CE2  CZ2  sing Y N 353 
TRP CE3  CZ3  doub Y N 354 
TRP CE3  HE3  sing N N 355 
TRP CZ2  CH2  doub Y N 356 
TRP CZ2  HZ2  sing N N 357 
TRP CZ3  CH2  sing Y N 358 
TRP CZ3  HZ3  sing N N 359 
TRP CH2  HH2  sing N N 360 
TRP OXT  HXT  sing N N 361 
TYR N    CA   sing N N 362 
TYR N    H    sing N N 363 
TYR N    H2   sing N N 364 
TYR CA   C    sing N N 365 
TYR CA   CB   sing N N 366 
TYR CA   HA   sing N N 367 
TYR C    O    doub N N 368 
TYR C    OXT  sing N N 369 
TYR CB   CG   sing N N 370 
TYR CB   HB2  sing N N 371 
TYR CB   HB3  sing N N 372 
TYR CG   CD1  doub Y N 373 
TYR CG   CD2  sing Y N 374 
TYR CD1  CE1  sing Y N 375 
TYR CD1  HD1  sing N N 376 
TYR CD2  CE2  doub Y N 377 
TYR CD2  HD2  sing N N 378 
TYR CE1  CZ   doub Y N 379 
TYR CE1  HE1  sing N N 380 
TYR CE2  CZ   sing Y N 381 
TYR CE2  HE2  sing N N 382 
TYR CZ   OH   sing N N 383 
TYR OH   HH   sing N N 384 
TYR OXT  HXT  sing N N 385 
VAL N    CA   sing N N 386 
VAL N    H    sing N N 387 
VAL N    H2   sing N N 388 
VAL CA   C    sing N N 389 
VAL CA   CB   sing N N 390 
VAL CA   HA   sing N N 391 
VAL C    O    doub N N 392 
VAL C    OXT  sing N N 393 
VAL CB   CG1  sing N N 394 
VAL CB   CG2  sing N N 395 
VAL CB   HB   sing N N 396 
VAL CG1  HG11 sing N N 397 
VAL CG1  HG12 sing N N 398 
VAL CG1  HG13 sing N N 399 
VAL CG2  HG21 sing N N 400 
VAL CG2  HG22 sing N N 401 
VAL CG2  HG23 sing N N 402 
VAL OXT  HXT  sing N N 403 
# 
_pdbx_entity_instance_feature.ordinal        1 
_pdbx_entity_instance_feature.comp_id        GN6 
_pdbx_entity_instance_feature.asym_id        ? 
_pdbx_entity_instance_feature.seq_num        ? 
_pdbx_entity_instance_feature.auth_comp_id   GN6 
_pdbx_entity_instance_feature.auth_asym_id   ? 
_pdbx_entity_instance_feature.auth_seq_num   ? 
_pdbx_entity_instance_feature.feature_type   'SUBJECT OF INVESTIGATION' 
_pdbx_entity_instance_feature.details        ? 
# 
loop_
_pdbx_entity_nonpoly.entity_id 
_pdbx_entity_nonpoly.name 
_pdbx_entity_nonpoly.comp_id 
2 '5-(2,3-dichlorophenyl)[1,2,4]triazolo[1,5-a]pyridin-2-amine' GN6 
3 water                                                         HOH 
# 
_pdbx_initial_refinement_model.id               1 
_pdbx_initial_refinement_model.entity_id_list   ? 
_pdbx_initial_refinement_model.type             'experimental model' 
_pdbx_initial_refinement_model.source_name      PDB 
_pdbx_initial_refinement_model.accession_code   3ZR0 
_pdbx_initial_refinement_model.details          ? 
# 
_pdbx_struct_assembly_auth_evidence.id                     1 
_pdbx_struct_assembly_auth_evidence.assembly_id            1 
_pdbx_struct_assembly_auth_evidence.experimental_support   none 
_pdbx_struct_assembly_auth_evidence.details                ? 
# 
_space_group.name_H-M_alt     'P 2 21 21' 
_space_group.name_Hall        'P 2 2ab (z,x,y)' 
_space_group.IT_number        18 
_space_group.crystal_system   orthorhombic 
_space_group.id               1 
# 
